data_2NAS
#
_entry.id   2NAS
#
_cell.length_a   1.000
_cell.length_b   1.000
_cell.length_c   1.000
_cell.angle_alpha   90.00
_cell.angle_beta   90.00
_cell.angle_gamma   90.00
#
_symmetry.space_group_name_H-M   'P 1'
#
_entity_poly.entity_id   1
_entity_poly.type   'polypeptide(L)'
_entity_poly.pdbx_seq_one_letter_code
;MIPSFAPGTLVWLKQDRFPWWPGFVMDPDEVRDITLPEGSDVWVCCLPRDSLTLSAANSEDEGQIRYFLPDRDEGMMEEG
KLDASCAVAIEEAIQLYEEQLKAQAGGTNE
;
_entity_poly.pdbx_strand_id   A
#
# COMPACT_ATOMS: atom_id res chain seq x y z
N MET A 1 -11.68 9.75 -10.51
CA MET A 1 -10.29 9.34 -10.53
C MET A 1 -9.89 8.67 -9.22
N ILE A 2 -10.40 7.46 -9.01
CA ILE A 2 -10.10 6.71 -7.79
C ILE A 2 -9.72 5.27 -8.12
N PRO A 3 -8.56 5.09 -8.73
CA PRO A 3 -8.05 3.76 -9.11
C PRO A 3 -7.67 2.92 -7.89
N SER A 4 -7.89 1.61 -7.98
CA SER A 4 -7.57 0.71 -6.89
C SER A 4 -8.24 1.15 -5.59
N PHE A 5 -9.41 1.75 -5.73
CA PHE A 5 -10.16 2.23 -4.57
C PHE A 5 -9.27 3.05 -3.64
N ALA A 6 -9.17 4.35 -3.91
CA ALA A 6 -8.35 5.23 -3.10
C ALA A 6 -6.87 4.84 -3.17
N PRO A 7 -6.19 5.28 -4.25
CA PRO A 7 -4.78 4.99 -4.46
C PRO A 7 -3.88 5.72 -3.47
N GLY A 8 -2.96 4.98 -2.86
CA GLY A 8 -2.04 5.57 -1.89
C GLY A 8 -2.33 5.12 -0.48
N THR A 9 -2.97 3.96 -0.34
CA THR A 9 -3.30 3.41 0.96
C THR A 9 -2.34 2.30 1.36
N LEU A 10 -1.82 2.37 2.58
CA LEU A 10 -0.89 1.36 3.07
C LEU A 10 -1.62 0.28 3.85
N VAL A 11 -1.57 -0.95 3.35
CA VAL A 11 -2.23 -2.07 4.00
C VAL A 11 -1.23 -3.17 4.35
N TRP A 12 -1.72 -4.25 4.93
CA TRP A 12 -0.87 -5.38 5.32
C TRP A 12 -1.23 -6.63 4.53
N LEU A 13 -0.22 -7.31 4.00
CA LEU A 13 -0.43 -8.52 3.22
C LEU A 13 0.13 -9.73 3.94
N LYS A 14 -0.74 -10.67 4.32
CA LYS A 14 -0.33 -11.87 5.01
C LYS A 14 -0.39 -13.09 4.09
N GLN A 15 0.78 -13.54 3.63
CA GLN A 15 0.85 -14.69 2.74
C GLN A 15 0.49 -15.98 3.48
N ASP A 16 0.16 -17.02 2.72
CA ASP A 16 -0.20 -18.30 3.30
C ASP A 16 0.98 -18.91 4.05
N ARG A 17 2.11 -19.04 3.37
CA ARG A 17 3.30 -19.61 3.98
C ARG A 17 4.20 -18.51 4.53
N PHE A 18 4.09 -17.32 3.98
CA PHE A 18 4.89 -16.19 4.42
C PHE A 18 4.14 -15.35 5.45
N PRO A 19 4.89 -14.59 6.27
CA PRO A 19 4.31 -13.74 7.31
C PRO A 19 3.55 -12.55 6.72
N TRP A 20 3.21 -11.60 7.59
CA TRP A 20 2.49 -10.39 7.16
C TRP A 20 3.43 -9.20 7.07
N TRP A 21 3.53 -8.62 5.88
CA TRP A 21 4.39 -7.46 5.66
C TRP A 21 3.60 -6.29 5.09
N PRO A 22 4.09 -5.07 5.34
CA PRO A 22 3.45 -3.85 4.86
C PRO A 22 3.55 -3.69 3.35
N GLY A 23 2.58 -3.01 2.75
CA GLY A 23 2.58 -2.80 1.33
C GLY A 23 1.67 -1.66 0.90
N PHE A 24 2.20 -0.77 0.06
CA PHE A 24 1.43 0.37 -0.42
C PHE A 24 0.58 -0.01 -1.62
N VAL A 25 -0.72 0.30 -1.55
CA VAL A 25 -1.63 -0.02 -2.63
C VAL A 25 -1.47 0.97 -3.79
N MET A 26 -1.08 0.44 -4.95
CA MET A 26 -0.89 1.27 -6.13
C MET A 26 -1.48 0.59 -7.37
N ASP A 27 -2.09 1.40 -8.24
CA ASP A 27 -2.70 0.88 -9.46
C ASP A 27 -1.71 0.92 -10.61
N PRO A 28 -1.80 -0.09 -11.50
CA PRO A 28 -0.92 -0.20 -12.67
C PRO A 28 -1.20 0.88 -13.71
N ASP A 29 -2.47 1.20 -13.89
CA ASP A 29 -2.88 2.21 -14.87
C ASP A 29 -4.39 2.40 -14.85
N GLU A 30 -4.96 2.51 -13.65
CA GLU A 30 -6.40 2.69 -13.50
C GLU A 30 -7.16 1.48 -14.04
N VAL A 31 -7.29 0.46 -13.19
CA VAL A 31 -8.00 -0.76 -13.58
C VAL A 31 -9.43 -0.76 -13.04
N ARG A 32 -9.89 0.42 -12.63
CA ARG A 32 -11.24 0.56 -12.10
C ARG A 32 -12.24 0.90 -13.21
N ASP A 33 -11.75 1.61 -14.23
CA ASP A 33 -12.59 2.00 -15.36
C ASP A 33 -12.29 1.14 -16.58
N ILE A 34 -11.03 0.76 -16.74
CA ILE A 34 -10.62 -0.08 -17.87
C ILE A 34 -10.13 -1.44 -17.40
N THR A 35 -10.91 -2.47 -17.71
CA THR A 35 -10.57 -3.83 -17.31
C THR A 35 -10.07 -4.62 -18.51
N LEU A 36 -8.75 -4.84 -18.57
CA LEU A 36 -8.14 -5.59 -19.67
C LEU A 36 -7.50 -6.86 -19.14
N PRO A 37 -7.40 -7.87 -20.02
CA PRO A 37 -6.79 -9.16 -19.68
C PRO A 37 -5.28 -9.07 -19.48
N GLU A 38 -4.80 -9.63 -18.38
CA GLU A 38 -3.38 -9.61 -18.07
C GLU A 38 -3.06 -10.59 -16.93
N GLY A 39 -3.59 -10.31 -15.75
CA GLY A 39 -3.35 -11.17 -14.61
C GLY A 39 -2.97 -10.39 -13.36
N SER A 40 -2.69 -9.10 -13.54
CA SER A 40 -2.31 -8.25 -12.42
C SER A 40 -3.04 -6.90 -12.49
N ASP A 41 -3.98 -6.71 -11.58
CA ASP A 41 -4.76 -5.47 -11.54
C ASP A 41 -4.31 -4.60 -10.37
N VAL A 42 -3.83 -5.24 -9.30
CA VAL A 42 -3.37 -4.51 -8.12
C VAL A 42 -1.85 -4.63 -7.98
N TRP A 43 -1.22 -3.52 -7.62
CA TRP A 43 0.23 -3.49 -7.43
C TRP A 43 0.59 -3.10 -6.00
N VAL A 44 1.05 -4.08 -5.22
CA VAL A 44 1.43 -3.84 -3.84
C VAL A 44 2.94 -3.63 -3.71
N CYS A 45 3.34 -2.44 -3.30
CA CYS A 45 4.74 -2.11 -3.13
C CYS A 45 5.17 -2.24 -1.68
N CYS A 46 5.77 -3.38 -1.34
CA CYS A 46 6.21 -3.64 0.02
C CYS A 46 7.50 -2.86 0.33
N LEU A 47 7.94 -2.92 1.57
CA LEU A 47 9.14 -2.22 2.00
C LEU A 47 10.38 -2.83 1.34
N PRO A 48 11.46 -2.04 1.28
CA PRO A 48 12.73 -2.49 0.68
C PRO A 48 13.43 -3.54 1.53
N ARG A 49 13.44 -4.77 1.03
CA ARG A 49 14.07 -5.88 1.74
C ARG A 49 14.41 -7.02 0.78
N ASP A 50 13.56 -7.21 -0.23
CA ASP A 50 13.77 -8.26 -1.21
C ASP A 50 14.13 -7.67 -2.57
N SER A 51 14.46 -6.39 -2.58
CA SER A 51 14.82 -5.71 -3.82
C SER A 51 13.60 -5.51 -4.71
N LEU A 52 12.64 -4.72 -4.23
CA LEU A 52 11.42 -4.46 -4.98
C LEU A 52 10.60 -5.73 -5.14
N THR A 53 9.88 -6.11 -4.08
CA THR A 53 9.06 -7.30 -4.10
C THR A 53 7.62 -6.96 -4.48
N LEU A 54 7.46 -6.07 -5.44
CA LEU A 54 6.13 -5.65 -5.89
C LEU A 54 5.28 -6.86 -6.27
N SER A 55 4.13 -7.00 -5.62
CA SER A 55 3.24 -8.12 -5.89
C SER A 55 2.10 -7.70 -6.81
N ALA A 56 1.97 -8.38 -7.95
CA ALA A 56 0.94 -8.07 -8.91
C ALA A 56 -0.06 -9.22 -9.04
N ALA A 57 -1.34 -8.92 -8.89
CA ALA A 57 -2.39 -9.93 -8.98
C ALA A 57 -3.72 -9.31 -9.37
N ASN A 58 -4.49 -10.01 -10.20
CA ASN A 58 -5.77 -9.52 -10.65
C ASN A 58 -6.90 -10.42 -10.15
N SER A 59 -7.64 -9.94 -9.16
CA SER A 59 -8.74 -10.71 -8.58
C SER A 59 -8.27 -12.09 -8.14
N GLU A 60 -7.02 -12.18 -7.72
CA GLU A 60 -6.44 -13.44 -7.27
C GLU A 60 -6.03 -13.37 -5.80
N ASP A 61 -5.69 -12.17 -5.36
CA ASP A 61 -5.27 -11.96 -3.98
C ASP A 61 -6.48 -11.65 -3.09
N GLU A 62 -6.85 -12.61 -2.24
CA GLU A 62 -7.98 -12.44 -1.35
C GLU A 62 -7.79 -13.24 -0.06
N GLY A 63 -6.54 -13.62 0.20
CA GLY A 63 -6.24 -14.40 1.39
C GLY A 63 -6.45 -13.60 2.67
N GLN A 64 -5.36 -13.07 3.21
CA GLN A 64 -5.42 -12.28 4.44
C GLN A 64 -4.85 -10.89 4.23
N ILE A 65 -5.64 -9.87 4.54
CA ILE A 65 -5.21 -8.49 4.39
C ILE A 65 -5.76 -7.62 5.50
N ARG A 66 -4.95 -6.65 5.94
CA ARG A 66 -5.35 -5.74 7.01
C ARG A 66 -5.19 -4.30 6.58
N TYR A 67 -6.11 -3.44 7.03
CA TYR A 67 -6.08 -2.03 6.68
C TYR A 67 -5.22 -1.24 7.67
N PHE A 68 -4.19 -0.59 7.15
CA PHE A 68 -3.28 0.20 7.99
C PHE A 68 -3.40 1.69 7.66
N LEU A 69 -3.30 2.52 8.69
CA LEU A 69 -3.40 3.97 8.51
C LEU A 69 -3.20 4.70 9.84
N PRO A 70 -4.09 4.42 10.79
CA PRO A 70 -4.03 5.04 12.13
C PRO A 70 -2.86 4.54 12.95
N ASP A 71 -2.24 3.46 12.48
CA ASP A 71 -1.09 2.88 13.18
C ASP A 71 -1.40 2.65 14.65
N ARG A 72 -2.66 2.32 14.94
CA ARG A 72 -3.09 2.07 16.31
C ARG A 72 -3.92 0.79 16.41
N ASP A 73 -3.73 -0.10 15.44
CA ASP A 73 -4.46 -1.35 15.41
C ASP A 73 -3.64 -2.47 16.06
N GLU A 74 -2.88 -2.12 17.08
CA GLU A 74 -2.05 -3.09 17.78
C GLU A 74 -1.06 -3.75 16.83
N GLY A 75 -0.43 -2.94 15.97
CA GLY A 75 0.53 -3.46 15.02
C GLY A 75 1.70 -2.51 14.81
N MET A 76 1.42 -1.22 14.81
CA MET A 76 2.45 -0.21 14.62
C MET A 76 3.64 -0.45 15.55
N MET A 77 3.36 -1.02 16.73
CA MET A 77 4.40 -1.31 17.71
C MET A 77 5.43 -2.28 17.13
N GLU A 78 4.96 -3.27 16.38
CA GLU A 78 5.84 -4.25 15.77
C GLU A 78 6.29 -3.81 14.38
N GLU A 79 5.54 -2.87 13.80
CA GLU A 79 5.87 -2.36 12.47
C GLU A 79 6.55 -0.99 12.56
N GLY A 80 7.10 -0.69 13.73
CA GLY A 80 7.78 0.58 13.93
C GLY A 80 8.70 0.56 15.14
N LYS A 81 8.26 -0.09 16.21
CA LYS A 81 9.06 -0.18 17.42
C LYS A 81 9.82 -1.51 17.49
N LEU A 82 9.94 -2.17 16.35
CA LEU A 82 10.64 -3.45 16.27
C LEU A 82 11.76 -3.40 15.23
N ASP A 83 11.39 -3.13 13.98
CA ASP A 83 12.36 -3.05 12.90
C ASP A 83 12.39 -1.64 12.30
N ALA A 84 13.58 -1.05 12.26
CA ALA A 84 13.75 0.29 11.71
C ALA A 84 13.21 0.37 10.28
N SER A 85 13.28 -0.75 9.56
CA SER A 85 12.81 -0.81 8.19
C SER A 85 11.30 -0.59 8.12
N CYS A 86 10.59 -1.15 9.09
CA CYS A 86 9.13 -1.02 9.15
C CYS A 86 8.73 0.42 9.48
N ALA A 87 9.39 1.00 10.46
CA ALA A 87 9.11 2.37 10.88
C ALA A 87 9.39 3.35 9.75
N VAL A 88 10.48 3.11 9.03
CA VAL A 88 10.85 3.98 7.91
C VAL A 88 9.89 3.84 6.75
N ALA A 89 9.50 2.61 6.45
CA ALA A 89 8.58 2.34 5.36
C ALA A 89 7.23 3.01 5.60
N ILE A 90 6.72 2.90 6.82
CA ILE A 90 5.44 3.49 7.18
C ILE A 90 5.54 5.01 7.18
N GLU A 91 6.57 5.54 7.83
CA GLU A 91 6.77 6.98 7.91
C GLU A 91 6.85 7.59 6.51
N GLU A 92 7.46 6.87 5.58
CA GLU A 92 7.60 7.35 4.22
C GLU A 92 6.26 7.29 3.48
N ALA A 93 5.55 6.18 3.63
CA ALA A 93 4.25 6.01 2.99
C ALA A 93 3.30 7.12 3.38
N ILE A 94 3.29 7.48 4.66
CA ILE A 94 2.42 8.54 5.16
C ILE A 94 2.95 9.91 4.77
N GLN A 95 4.28 10.05 4.74
CA GLN A 95 4.91 11.30 4.39
C GLN A 95 4.60 11.69 2.94
N LEU A 96 4.43 10.68 2.09
CA LEU A 96 4.13 10.90 0.69
C LEU A 96 2.64 11.02 0.46
N TYR A 97 1.87 10.17 1.12
CA TYR A 97 0.41 10.18 0.99
C TYR A 97 -0.15 11.52 1.41
N GLU A 98 0.40 12.08 2.49
CA GLU A 98 -0.06 13.37 3.00
C GLU A 98 0.64 14.52 2.29
N GLU A 99 1.45 14.18 1.28
CA GLU A 99 2.18 15.19 0.52
C GLU A 99 1.63 15.30 -0.90
N GLN A 100 1.01 14.22 -1.37
CA GLN A 100 0.44 14.20 -2.72
C GLN A 100 -1.08 14.32 -2.67
N LEU A 101 -1.68 13.82 -1.59
CA LEU A 101 -3.13 13.88 -1.43
C LEU A 101 -3.56 15.24 -0.92
N LYS A 102 -2.65 15.94 -0.24
CA LYS A 102 -2.94 17.26 0.30
C LYS A 102 -2.56 18.35 -0.69
N ALA A 103 -1.61 18.03 -1.57
CA ALA A 103 -1.16 18.99 -2.58
C ALA A 103 -2.20 19.17 -3.68
N GLN A 104 -3.01 18.13 -3.89
CA GLN A 104 -4.05 18.17 -4.91
C GLN A 104 -5.43 18.32 -4.28
N ALA A 105 -5.45 18.64 -3.00
CA ALA A 105 -6.70 18.82 -2.27
C ALA A 105 -6.81 20.23 -1.69
N GLY A 106 -6.10 21.17 -2.31
CA GLY A 106 -6.13 22.54 -1.83
C GLY A 106 -4.74 23.12 -1.66
N GLY A 107 -3.87 22.88 -2.64
CA GLY A 107 -2.51 23.38 -2.57
C GLY A 107 -2.45 24.89 -2.74
N THR A 108 -1.99 25.58 -1.70
CA THR A 108 -1.89 27.03 -1.74
C THR A 108 -3.27 27.68 -1.81
N ASN A 109 -4.08 27.47 -0.77
CA ASN A 109 -5.41 28.03 -0.71
C ASN A 109 -6.22 27.63 -1.95
N GLU A 110 -6.02 26.40 -2.40
CA GLU A 110 -6.73 25.89 -3.58
C GLU A 110 -6.37 26.69 -4.82
N MET A 1 -10.76 10.11 -10.99
CA MET A 1 -9.32 10.08 -10.78
C MET A 1 -8.98 9.39 -9.47
N ILE A 2 -9.61 8.25 -9.22
CA ILE A 2 -9.36 7.49 -8.00
C ILE A 2 -9.17 6.00 -8.30
N PRO A 3 -8.02 5.67 -8.89
CA PRO A 3 -7.67 4.29 -9.25
C PRO A 3 -7.41 3.43 -8.01
N SER A 4 -7.88 2.18 -8.06
CA SER A 4 -7.70 1.25 -6.95
C SER A 4 -8.36 1.79 -5.69
N PHE A 5 -9.45 2.53 -5.86
CA PHE A 5 -10.18 3.10 -4.74
C PHE A 5 -9.22 3.81 -3.78
N ALA A 6 -8.94 5.07 -4.08
CA ALA A 6 -8.04 5.88 -3.25
C ALA A 6 -6.64 5.30 -3.25
N PRO A 7 -5.86 5.63 -4.30
CA PRO A 7 -4.49 5.14 -4.44
C PRO A 7 -3.54 5.78 -3.42
N GLY A 8 -2.75 4.94 -2.76
CA GLY A 8 -1.81 5.44 -1.76
C GLY A 8 -2.16 4.97 -0.36
N THR A 9 -2.94 3.91 -0.27
CA THR A 9 -3.33 3.36 1.03
C THR A 9 -2.38 2.26 1.48
N LEU A 10 -1.96 2.34 2.73
CA LEU A 10 -1.03 1.36 3.29
C LEU A 10 -1.79 0.24 4.00
N VAL A 11 -1.63 -0.98 3.51
CA VAL A 11 -2.30 -2.13 4.09
C VAL A 11 -1.30 -3.22 4.47
N TRP A 12 -1.80 -4.35 4.97
CA TRP A 12 -0.95 -5.47 5.36
C TRP A 12 -1.25 -6.69 4.51
N LEU A 13 -0.19 -7.33 4.01
CA LEU A 13 -0.35 -8.53 3.19
C LEU A 13 0.20 -9.76 3.91
N LYS A 14 -0.72 -10.62 4.36
CA LYS A 14 -0.33 -11.83 5.06
C LYS A 14 -0.52 -13.06 4.17
N GLN A 15 0.59 -13.67 3.76
CA GLN A 15 0.54 -14.84 2.90
C GLN A 15 0.03 -16.06 3.68
N ASP A 16 -0.17 -17.16 2.97
CA ASP A 16 -0.65 -18.39 3.59
C ASP A 16 0.36 -18.92 4.61
N ARG A 17 1.57 -19.19 4.12
CA ARG A 17 2.64 -19.70 4.98
C ARG A 17 3.57 -18.58 5.43
N PHE A 18 3.68 -17.54 4.60
CA PHE A 18 4.54 -16.42 4.90
C PHE A 18 3.84 -15.45 5.87
N PRO A 19 4.66 -14.65 6.58
CA PRO A 19 4.15 -13.67 7.54
C PRO A 19 3.43 -12.51 6.87
N TRP A 20 3.11 -11.48 7.65
CA TRP A 20 2.43 -10.30 7.12
C TRP A 20 3.38 -9.12 7.01
N TRP A 21 3.47 -8.56 5.82
CA TRP A 21 4.35 -7.41 5.58
C TRP A 21 3.56 -6.22 5.04
N PRO A 22 4.04 -5.00 5.36
CA PRO A 22 3.39 -3.76 4.93
C PRO A 22 3.54 -3.53 3.42
N GLY A 23 2.51 -2.96 2.82
CA GLY A 23 2.54 -2.69 1.39
C GLY A 23 1.56 -1.62 0.97
N PHE A 24 2.02 -0.68 0.15
CA PHE A 24 1.17 0.40 -0.32
C PHE A 24 0.36 -0.02 -1.55
N VAL A 25 -0.96 0.09 -1.46
CA VAL A 25 -1.83 -0.28 -2.56
C VAL A 25 -1.78 0.75 -3.68
N MET A 26 -1.32 0.33 -4.85
CA MET A 26 -1.21 1.23 -6.00
C MET A 26 -1.71 0.54 -7.27
N ASP A 27 -2.40 1.30 -8.11
CA ASP A 27 -2.94 0.76 -9.35
C ASP A 27 -1.93 0.88 -10.48
N PRO A 28 -1.96 -0.07 -11.41
CA PRO A 28 -1.05 -0.10 -12.56
C PRO A 28 -1.34 1.01 -13.56
N ASP A 29 -2.62 1.27 -13.79
CA ASP A 29 -3.04 2.31 -14.72
C ASP A 29 -4.56 2.43 -14.75
N GLU A 30 -5.18 2.45 -13.57
CA GLU A 30 -6.63 2.57 -13.47
C GLU A 30 -7.31 1.34 -14.08
N VAL A 31 -7.43 0.28 -13.30
CA VAL A 31 -8.06 -0.95 -13.76
C VAL A 31 -9.51 -1.02 -13.33
N ARG A 32 -10.05 0.11 -12.86
CA ARG A 32 -11.43 0.17 -12.40
C ARG A 32 -12.36 0.46 -13.58
N ASP A 33 -11.87 1.20 -14.55
CA ASP A 33 -12.66 1.54 -15.73
C ASP A 33 -12.22 0.74 -16.94
N ILE A 34 -10.92 0.44 -17.01
CA ILE A 34 -10.37 -0.33 -18.12
C ILE A 34 -9.93 -1.71 -17.65
N THR A 35 -10.60 -2.74 -18.16
CA THR A 35 -10.27 -4.12 -17.80
C THR A 35 -9.65 -4.86 -18.98
N LEU A 36 -8.33 -5.05 -18.93
CA LEU A 36 -7.63 -5.75 -20.00
C LEU A 36 -7.01 -7.04 -19.48
N PRO A 37 -6.81 -8.01 -20.39
CA PRO A 37 -6.23 -9.31 -20.05
C PRO A 37 -4.75 -9.22 -19.71
N GLU A 38 -4.36 -9.83 -18.59
CA GLU A 38 -2.98 -9.80 -18.15
C GLU A 38 -2.77 -10.72 -16.95
N GLY A 39 -3.38 -10.36 -15.82
CA GLY A 39 -3.26 -11.15 -14.62
C GLY A 39 -2.83 -10.33 -13.42
N SER A 40 -2.69 -9.03 -13.62
CA SER A 40 -2.28 -8.12 -12.55
C SER A 40 -3.12 -6.85 -12.57
N ASP A 41 -4.03 -6.74 -11.60
CA ASP A 41 -4.90 -5.57 -11.51
C ASP A 41 -4.47 -4.67 -10.35
N VAL A 42 -3.89 -5.28 -9.32
CA VAL A 42 -3.44 -4.55 -8.15
C VAL A 42 -1.92 -4.65 -7.98
N TRP A 43 -1.29 -3.54 -7.63
CA TRP A 43 0.16 -3.51 -7.44
C TRP A 43 0.51 -3.10 -6.02
N VAL A 44 0.96 -4.07 -5.23
CA VAL A 44 1.34 -3.80 -3.84
C VAL A 44 2.83 -3.52 -3.72
N CYS A 45 3.17 -2.31 -3.29
CA CYS A 45 4.56 -1.91 -3.13
C CYS A 45 5.01 -2.05 -1.68
N CYS A 46 5.67 -3.16 -1.37
CA CYS A 46 6.15 -3.42 -0.01
C CYS A 46 7.39 -2.58 0.30
N LEU A 47 7.84 -2.64 1.55
CA LEU A 47 9.01 -1.89 1.97
C LEU A 47 10.27 -2.43 1.30
N PRO A 48 11.32 -1.60 1.26
CA PRO A 48 12.61 -1.98 0.66
C PRO A 48 13.34 -3.03 1.48
N ARG A 49 13.40 -4.25 0.95
CA ARG A 49 14.07 -5.35 1.64
C ARG A 49 14.46 -6.45 0.65
N ASP A 50 13.62 -6.65 -0.36
CA ASP A 50 13.87 -7.67 -1.38
C ASP A 50 14.18 -7.04 -2.72
N SER A 51 14.47 -5.73 -2.70
CA SER A 51 14.78 -5.00 -3.92
C SER A 51 13.54 -4.85 -4.81
N LEU A 52 12.56 -4.12 -4.30
CA LEU A 52 11.33 -3.89 -5.04
C LEU A 52 10.56 -5.19 -5.24
N THR A 53 9.88 -5.64 -4.19
CA THR A 53 9.10 -6.87 -4.24
C THR A 53 7.65 -6.59 -4.61
N LEU A 54 7.45 -5.69 -5.56
CA LEU A 54 6.10 -5.33 -6.00
C LEU A 54 5.30 -6.57 -6.39
N SER A 55 4.17 -6.77 -5.74
CA SER A 55 3.32 -7.93 -6.01
C SER A 55 2.16 -7.54 -6.93
N ALA A 56 2.08 -8.19 -8.09
CA ALA A 56 1.02 -7.91 -9.04
C ALA A 56 0.09 -9.10 -9.18
N ALA A 57 -1.21 -8.86 -9.00
CA ALA A 57 -2.21 -9.90 -9.10
C ALA A 57 -3.58 -9.33 -9.48
N ASN A 58 -4.32 -10.04 -10.33
CA ASN A 58 -5.63 -9.61 -10.76
C ASN A 58 -6.71 -10.56 -10.28
N SER A 59 -7.45 -10.14 -9.26
CA SER A 59 -8.53 -10.97 -8.70
C SER A 59 -8.00 -12.34 -8.31
N GLU A 60 -6.74 -12.39 -7.89
CA GLU A 60 -6.11 -13.64 -7.49
C GLU A 60 -5.69 -13.59 -6.02
N ASP A 61 -5.41 -12.39 -5.54
CA ASP A 61 -5.00 -12.20 -4.15
C ASP A 61 -6.19 -11.89 -3.27
N GLU A 62 -6.57 -12.86 -2.42
CA GLU A 62 -7.71 -12.69 -1.53
C GLU A 62 -7.53 -13.50 -0.26
N GLY A 63 -6.27 -13.82 0.06
CA GLY A 63 -5.98 -14.60 1.24
C GLY A 63 -6.22 -13.83 2.52
N GLN A 64 -5.16 -13.24 3.06
CA GLN A 64 -5.27 -12.46 4.30
C GLN A 64 -4.74 -11.05 4.10
N ILE A 65 -5.57 -10.06 4.41
CA ILE A 65 -5.17 -8.66 4.26
C ILE A 65 -5.75 -7.80 5.39
N ARG A 66 -4.98 -6.82 5.84
CA ARG A 66 -5.40 -5.95 6.91
C ARG A 66 -5.29 -4.47 6.49
N TYR A 67 -6.19 -3.65 7.01
CA TYR A 67 -6.19 -2.22 6.69
C TYR A 67 -5.37 -1.43 7.70
N PHE A 68 -4.28 -0.84 7.23
CA PHE A 68 -3.40 -0.06 8.09
C PHE A 68 -3.61 1.44 7.84
N LEU A 69 -3.52 2.22 8.92
CA LEU A 69 -3.70 3.66 8.83
C LEU A 69 -3.53 4.32 10.19
N PRO A 70 -4.40 3.93 11.14
CA PRO A 70 -4.37 4.48 12.50
C PRO A 70 -3.14 4.00 13.28
N ASP A 71 -2.44 3.02 12.74
CA ASP A 71 -1.26 2.47 13.38
C ASP A 71 -1.55 2.09 14.83
N ARG A 72 -2.77 1.63 15.07
CA ARG A 72 -3.18 1.23 16.42
C ARG A 72 -3.92 -0.10 16.40
N ASP A 73 -3.66 -0.89 15.35
CA ASP A 73 -4.29 -2.20 15.21
C ASP A 73 -3.40 -3.30 15.76
N GLU A 74 -2.66 -2.99 16.82
CA GLU A 74 -1.76 -3.95 17.46
C GLU A 74 -0.71 -4.44 16.46
N GLY A 75 -0.15 -3.51 15.69
CA GLY A 75 0.86 -3.87 14.71
C GLY A 75 1.95 -2.82 14.59
N MET A 76 1.56 -1.55 14.70
CA MET A 76 2.52 -0.46 14.60
C MET A 76 3.71 -0.69 15.53
N MET A 77 3.47 -1.38 16.64
CA MET A 77 4.52 -1.66 17.61
C MET A 77 5.63 -2.50 16.97
N GLU A 78 5.24 -3.46 16.15
CA GLU A 78 6.20 -4.33 15.48
C GLU A 78 6.60 -3.75 14.11
N GLU A 79 5.83 -2.77 13.65
CA GLU A 79 6.10 -2.13 12.37
C GLU A 79 6.70 -0.74 12.57
N GLY A 80 7.26 -0.51 13.75
CA GLY A 80 7.85 0.78 14.05
C GLY A 80 8.74 0.74 15.28
N LYS A 81 8.32 -0.04 16.27
CA LYS A 81 9.09 -0.16 17.52
C LYS A 81 9.94 -1.43 17.50
N LEU A 82 10.12 -2.01 16.32
CA LEU A 82 10.91 -3.21 16.17
C LEU A 82 11.96 -3.05 15.07
N ASP A 83 11.50 -2.76 13.86
CA ASP A 83 12.40 -2.59 12.73
C ASP A 83 12.30 -1.16 12.18
N ALA A 84 13.44 -0.47 12.13
CA ALA A 84 13.49 0.89 11.63
C ALA A 84 12.95 0.98 10.21
N SER A 85 13.11 -0.10 9.45
CA SER A 85 12.64 -0.15 8.07
C SER A 85 11.12 0.01 8.01
N CYS A 86 10.43 -0.61 8.96
CA CYS A 86 8.98 -0.55 9.02
C CYS A 86 8.50 0.86 9.36
N ALA A 87 9.12 1.46 10.37
CA ALA A 87 8.76 2.81 10.79
C ALA A 87 9.03 3.82 9.68
N VAL A 88 10.09 3.58 8.92
CA VAL A 88 10.45 4.47 7.81
C VAL A 88 9.47 4.35 6.67
N ALA A 89 9.10 3.11 6.33
CA ALA A 89 8.17 2.85 5.25
C ALA A 89 6.80 3.48 5.54
N ILE A 90 6.32 3.29 6.77
CA ILE A 90 5.03 3.83 7.18
C ILE A 90 5.06 5.35 7.23
N GLU A 91 6.10 5.89 7.87
CA GLU A 91 6.25 7.33 8.00
C GLU A 91 6.30 8.00 6.63
N GLU A 92 6.93 7.32 5.68
CA GLU A 92 7.06 7.85 4.32
C GLU A 92 5.72 7.81 3.60
N ALA A 93 5.02 6.67 3.72
CA ALA A 93 3.72 6.51 3.07
C ALA A 93 2.74 7.59 3.53
N ILE A 94 2.72 7.85 4.83
CA ILE A 94 1.83 8.86 5.38
C ILE A 94 2.31 10.27 5.05
N GLN A 95 3.63 10.44 5.00
CA GLN A 95 4.23 11.73 4.69
C GLN A 95 3.90 12.15 3.26
N LEU A 96 3.76 11.17 2.38
CA LEU A 96 3.44 11.43 0.98
C LEU A 96 1.93 11.58 0.77
N TYR A 97 1.17 10.70 1.39
CA TYR A 97 -0.29 10.73 1.28
C TYR A 97 -0.83 12.06 1.78
N GLU A 98 -0.31 12.51 2.92
CA GLU A 98 -0.75 13.78 3.52
C GLU A 98 -0.18 14.97 2.75
N GLU A 99 0.88 14.71 1.98
CA GLU A 99 1.52 15.77 1.21
C GLU A 99 0.80 15.98 -0.12
N GLN A 100 0.18 14.92 -0.63
CA GLN A 100 -0.54 14.99 -1.90
C GLN A 100 -2.04 15.18 -1.66
N LEU A 101 -2.52 14.65 -0.55
CA LEU A 101 -3.94 14.76 -0.20
C LEU A 101 -4.40 16.21 -0.25
N LYS A 102 -3.61 17.09 0.36
CA LYS A 102 -3.95 18.51 0.40
C LYS A 102 -3.70 19.15 -0.97
N ALA A 103 -2.80 18.55 -1.75
CA ALA A 103 -2.48 19.07 -3.08
C ALA A 103 -3.69 18.96 -4.00
N GLN A 104 -4.47 17.91 -3.85
CA GLN A 104 -5.65 17.70 -4.68
C GLN A 104 -6.92 17.93 -3.87
N ALA A 105 -6.80 18.66 -2.77
CA ALA A 105 -7.93 18.96 -1.91
C ALA A 105 -8.12 20.47 -1.75
N GLY A 106 -7.62 21.22 -2.71
CA GLY A 106 -7.73 22.68 -2.66
C GLY A 106 -6.74 23.30 -1.69
N GLY A 107 -5.46 22.97 -1.87
CA GLY A 107 -4.43 23.51 -1.00
C GLY A 107 -3.06 23.49 -1.66
N THR A 108 -2.11 24.21 -1.06
CA THR A 108 -0.76 24.28 -1.59
C THR A 108 -0.73 24.99 -2.94
N ASN A 109 -1.11 26.27 -2.94
CA ASN A 109 -1.12 27.06 -4.17
C ASN A 109 -2.04 26.43 -5.21
N GLU A 110 -3.09 25.76 -4.74
CA GLU A 110 -4.05 25.11 -5.63
C GLU A 110 -5.43 25.05 -4.99
N MET A 1 -10.62 10.75 -10.53
CA MET A 1 -9.26 10.22 -10.57
C MET A 1 -8.90 9.50 -9.27
N ILE A 2 -9.62 8.42 -8.99
CA ILE A 2 -9.37 7.65 -7.77
C ILE A 2 -9.18 6.17 -8.09
N PRO A 3 -8.03 5.83 -8.69
CA PRO A 3 -7.70 4.46 -9.05
C PRO A 3 -7.44 3.58 -7.84
N SER A 4 -7.83 2.32 -7.93
CA SER A 4 -7.65 1.37 -6.83
C SER A 4 -8.28 1.89 -5.54
N PHE A 5 -9.37 2.65 -5.70
CA PHE A 5 -10.07 3.22 -4.56
C PHE A 5 -9.09 3.90 -3.61
N ALA A 6 -8.81 5.18 -3.88
CA ALA A 6 -7.89 5.95 -3.05
C ALA A 6 -6.48 5.38 -3.10
N PRO A 7 -5.73 5.73 -4.16
CA PRO A 7 -4.36 5.26 -4.35
C PRO A 7 -3.40 5.86 -3.34
N GLY A 8 -2.57 5.00 -2.74
CA GLY A 8 -1.61 5.48 -1.77
C GLY A 8 -1.92 4.99 -0.36
N THR A 9 -2.72 3.92 -0.27
CA THR A 9 -3.09 3.36 1.02
C THR A 9 -2.14 2.23 1.42
N LEU A 10 -1.68 2.28 2.67
CA LEU A 10 -0.77 1.27 3.19
C LEU A 10 -1.53 0.16 3.90
N VAL A 11 -1.44 -1.06 3.37
CA VAL A 11 -2.12 -2.21 3.96
C VAL A 11 -1.13 -3.30 4.31
N TRP A 12 -1.64 -4.42 4.82
CA TRP A 12 -0.80 -5.54 5.21
C TRP A 12 -1.11 -6.77 4.36
N LEU A 13 -0.06 -7.42 3.86
CA LEU A 13 -0.21 -8.61 3.02
C LEU A 13 0.40 -9.83 3.70
N LYS A 14 -0.44 -10.80 4.04
CA LYS A 14 0.02 -12.02 4.69
C LYS A 14 -0.01 -13.20 3.71
N GLN A 15 1.18 -13.65 3.31
CA GLN A 15 1.29 -14.77 2.39
C GLN A 15 0.86 -16.08 3.05
N ASP A 16 0.70 -17.12 2.24
CA ASP A 16 0.30 -18.42 2.75
C ASP A 16 1.36 -19.00 3.68
N ARG A 17 2.57 -19.16 3.16
CA ARG A 17 3.68 -19.71 3.95
C ARG A 17 4.53 -18.58 4.53
N PHE A 18 4.50 -17.42 3.87
CA PHE A 18 5.27 -16.27 4.31
C PHE A 18 4.48 -15.44 5.32
N PRO A 19 5.20 -14.66 6.13
CA PRO A 19 4.58 -13.80 7.15
C PRO A 19 3.84 -12.62 6.54
N TRP A 20 3.45 -11.67 7.39
CA TRP A 20 2.72 -10.50 6.92
C TRP A 20 3.64 -9.27 6.85
N TRP A 21 3.73 -8.68 5.66
CA TRP A 21 4.57 -7.50 5.47
C TRP A 21 3.77 -6.33 4.92
N PRO A 22 4.24 -5.12 5.19
CA PRO A 22 3.58 -3.88 4.74
C PRO A 22 3.68 -3.70 3.23
N GLY A 23 2.65 -3.11 2.64
CA GLY A 23 2.64 -2.88 1.20
C GLY A 23 1.67 -1.78 0.80
N PHE A 24 2.14 -0.85 -0.02
CA PHE A 24 1.31 0.25 -0.48
C PHE A 24 0.46 -0.18 -1.67
N VAL A 25 -0.84 0.11 -1.60
CA VAL A 25 -1.76 -0.24 -2.67
C VAL A 25 -1.73 0.80 -3.79
N MET A 26 -1.31 0.37 -4.97
CA MET A 26 -1.24 1.25 -6.12
C MET A 26 -1.79 0.57 -7.37
N ASP A 27 -2.51 1.35 -8.19
CA ASP A 27 -3.09 0.82 -9.42
C ASP A 27 -2.08 0.88 -10.57
N PRO A 28 -2.14 -0.12 -11.46
CA PRO A 28 -1.25 -0.20 -12.62
C PRO A 28 -1.54 0.88 -13.66
N ASP A 29 -2.82 1.17 -13.85
CA ASP A 29 -3.24 2.18 -14.81
C ASP A 29 -4.76 2.32 -14.83
N GLU A 30 -5.34 2.47 -13.65
CA GLU A 30 -6.79 2.61 -13.53
C GLU A 30 -7.50 1.37 -14.06
N VAL A 31 -7.48 0.30 -13.28
CA VAL A 31 -8.12 -0.95 -13.67
C VAL A 31 -9.49 -1.09 -13.01
N ARG A 32 -10.01 0.01 -12.48
CA ARG A 32 -11.31 0.01 -11.83
C ARG A 32 -12.42 0.31 -12.83
N ASP A 33 -12.07 1.03 -13.89
CA ASP A 33 -13.05 1.38 -14.92
C ASP A 33 -12.85 0.53 -16.17
N ILE A 34 -11.59 0.19 -16.46
CA ILE A 34 -11.27 -0.62 -17.62
C ILE A 34 -10.69 -1.96 -17.21
N THR A 35 -11.45 -3.02 -17.43
CA THR A 35 -11.01 -4.37 -17.09
C THR A 35 -10.46 -5.10 -18.31
N LEU A 36 -9.13 -5.21 -18.38
CA LEU A 36 -8.48 -5.89 -19.49
C LEU A 36 -7.74 -7.13 -19.03
N PRO A 37 -7.58 -8.11 -19.92
CA PRO A 37 -6.88 -9.36 -19.62
C PRO A 37 -5.39 -9.16 -19.43
N GLU A 38 -4.86 -9.73 -18.35
CA GLU A 38 -3.43 -9.61 -18.05
C GLU A 38 -3.03 -10.57 -16.93
N GLY A 39 -3.57 -10.34 -15.74
CA GLY A 39 -3.27 -11.18 -14.60
C GLY A 39 -2.90 -10.40 -13.36
N SER A 40 -2.72 -9.09 -13.53
CA SER A 40 -2.36 -8.22 -12.42
C SER A 40 -3.18 -6.94 -12.45
N ASP A 41 -4.10 -6.80 -11.49
CA ASP A 41 -4.95 -5.62 -11.41
C ASP A 41 -4.51 -4.71 -10.27
N VAL A 42 -3.93 -5.31 -9.23
CA VAL A 42 -3.46 -4.55 -8.09
C VAL A 42 -1.94 -4.62 -7.96
N TRP A 43 -1.32 -3.50 -7.63
CA TRP A 43 0.13 -3.44 -7.47
C TRP A 43 0.51 -3.13 -6.04
N VAL A 44 1.05 -4.13 -5.35
CA VAL A 44 1.46 -3.96 -3.95
C VAL A 44 2.95 -3.67 -3.85
N CYS A 45 3.29 -2.45 -3.44
CA CYS A 45 4.69 -2.04 -3.30
C CYS A 45 5.14 -2.16 -1.85
N CYS A 46 5.80 -3.26 -1.53
CA CYS A 46 6.30 -3.50 -0.18
C CYS A 46 7.53 -2.64 0.11
N LEU A 47 7.98 -2.66 1.35
CA LEU A 47 9.15 -1.89 1.76
C LEU A 47 10.42 -2.45 1.12
N PRO A 48 11.46 -1.62 1.03
CA PRO A 48 12.74 -2.00 0.44
C PRO A 48 13.50 -3.01 1.31
N ARG A 49 13.56 -4.26 0.84
CA ARG A 49 14.25 -5.31 1.56
C ARG A 49 14.65 -6.45 0.63
N ASP A 50 13.81 -6.71 -0.37
CA ASP A 50 14.08 -7.77 -1.33
C ASP A 50 14.41 -7.18 -2.70
N SER A 51 14.69 -5.88 -2.74
CA SER A 51 15.02 -5.21 -3.98
C SER A 51 13.80 -5.10 -4.88
N LEU A 52 12.82 -4.33 -4.43
CA LEU A 52 11.58 -4.13 -5.19
C LEU A 52 10.81 -5.45 -5.33
N THR A 53 10.10 -5.83 -4.27
CA THR A 53 9.33 -7.07 -4.27
C THR A 53 7.87 -6.78 -4.63
N LEU A 54 7.66 -5.88 -5.57
CA LEU A 54 6.32 -5.52 -6.00
C LEU A 54 5.52 -6.76 -6.41
N SER A 55 4.38 -6.97 -5.77
CA SER A 55 3.53 -8.12 -6.07
C SER A 55 2.28 -7.69 -6.83
N ALA A 56 2.12 -8.24 -8.04
CA ALA A 56 0.97 -7.93 -8.87
C ALA A 56 0.03 -9.13 -8.98
N ALA A 57 -1.27 -8.86 -8.84
CA ALA A 57 -2.27 -9.92 -8.93
C ALA A 57 -3.63 -9.36 -9.33
N ASN A 58 -4.34 -10.09 -10.18
CA ASN A 58 -5.66 -9.65 -10.64
C ASN A 58 -6.74 -10.62 -10.16
N SER A 59 -7.50 -10.19 -9.16
CA SER A 59 -8.58 -11.01 -8.60
C SER A 59 -8.06 -12.39 -8.20
N GLU A 60 -6.79 -12.43 -7.76
CA GLU A 60 -6.17 -13.68 -7.35
C GLU A 60 -5.77 -13.63 -5.88
N ASP A 61 -5.50 -12.43 -5.39
CA ASP A 61 -5.12 -12.24 -3.99
C ASP A 61 -6.34 -12.14 -3.10
N GLU A 62 -6.60 -13.17 -2.32
CA GLU A 62 -7.74 -13.20 -1.42
C GLU A 62 -7.40 -13.90 -0.12
N GLY A 63 -6.11 -14.16 0.09
CA GLY A 63 -5.67 -14.83 1.30
C GLY A 63 -5.96 -14.03 2.55
N GLN A 64 -4.93 -13.37 3.07
CA GLN A 64 -5.08 -12.56 4.29
C GLN A 64 -4.55 -11.14 4.05
N ILE A 65 -5.40 -10.15 4.29
CA ILE A 65 -5.03 -8.76 4.12
C ILE A 65 -5.59 -7.88 5.23
N ARG A 66 -4.81 -6.90 5.66
CA ARG A 66 -5.24 -5.99 6.73
C ARG A 66 -5.17 -4.53 6.26
N TYR A 67 -6.09 -3.71 6.75
CA TYR A 67 -6.13 -2.31 6.38
C TYR A 67 -5.37 -1.46 7.40
N PHE A 68 -4.27 -0.86 6.95
CA PHE A 68 -3.45 -0.02 7.82
C PHE A 68 -3.64 1.45 7.49
N LEU A 69 -3.61 2.29 8.53
CA LEU A 69 -3.79 3.72 8.35
C LEU A 69 -3.66 4.45 9.69
N PRO A 70 -4.55 4.13 10.63
CA PRO A 70 -4.56 4.74 11.96
C PRO A 70 -3.37 4.30 12.80
N ASP A 71 -2.67 3.26 12.35
CA ASP A 71 -1.51 2.75 13.05
C ASP A 71 -1.84 2.50 14.53
N ARG A 72 -3.07 2.10 14.80
CA ARG A 72 -3.51 1.83 16.16
C ARG A 72 -4.26 0.50 16.24
N ASP A 73 -4.02 -0.36 15.27
CA ASP A 73 -4.67 -1.67 15.22
C ASP A 73 -3.78 -2.74 15.86
N GLU A 74 -3.03 -2.35 16.89
CA GLU A 74 -2.14 -3.27 17.58
C GLU A 74 -1.10 -3.85 16.62
N GLY A 75 -0.53 -2.98 15.78
CA GLY A 75 0.46 -3.42 14.83
C GLY A 75 1.58 -2.41 14.67
N MET A 76 1.24 -1.13 14.71
CA MET A 76 2.22 -0.06 14.55
C MET A 76 3.41 -0.28 15.50
N MET A 77 3.14 -0.90 16.64
CA MET A 77 4.18 -1.17 17.63
C MET A 77 5.26 -2.07 17.04
N GLU A 78 4.83 -3.08 16.28
CA GLU A 78 5.76 -4.02 15.67
C GLU A 78 6.17 -3.54 14.27
N GLU A 79 5.37 -2.66 13.69
CA GLU A 79 5.65 -2.13 12.36
C GLU A 79 6.22 -0.71 12.46
N GLY A 80 6.74 -0.37 13.63
CA GLY A 80 7.31 0.95 13.83
C GLY A 80 8.11 1.05 15.11
N LYS A 81 7.61 0.42 16.17
CA LYS A 81 8.29 0.44 17.46
C LYS A 81 9.11 -0.83 17.66
N LEU A 82 9.43 -1.51 16.56
CA LEU A 82 10.22 -2.73 16.62
C LEU A 82 11.27 -2.74 15.53
N ASP A 83 10.86 -2.42 14.31
CA ASP A 83 11.77 -2.41 13.17
C ASP A 83 11.88 -1.00 12.59
N ALA A 84 13.04 -0.68 12.03
CA ALA A 84 13.27 0.64 11.43
C ALA A 84 12.70 0.71 10.02
N SER A 85 12.77 -0.41 9.31
CA SER A 85 12.26 -0.47 7.94
C SER A 85 10.75 -0.24 7.91
N CYS A 86 10.06 -0.82 8.89
CA CYS A 86 8.61 -0.68 8.97
C CYS A 86 8.21 0.76 9.30
N ALA A 87 8.86 1.32 10.31
CA ALA A 87 8.57 2.69 10.72
C ALA A 87 8.84 3.68 9.58
N VAL A 88 9.91 3.44 8.84
CA VAL A 88 10.28 4.30 7.72
C VAL A 88 9.26 4.18 6.59
N ALA A 89 8.89 2.96 6.26
CA ALA A 89 7.92 2.70 5.19
C ALA A 89 6.60 3.39 5.48
N ILE A 90 6.13 3.28 6.72
CA ILE A 90 4.87 3.90 7.12
C ILE A 90 4.97 5.41 7.09
N GLU A 91 6.04 5.95 7.68
CA GLU A 91 6.26 7.39 7.72
C GLU A 91 6.27 7.98 6.31
N GLU A 92 6.83 7.23 5.36
CA GLU A 92 6.91 7.67 3.99
C GLU A 92 5.53 7.63 3.32
N ALA A 93 4.82 6.54 3.53
CA ALA A 93 3.49 6.37 2.95
C ALA A 93 2.56 7.50 3.37
N ILE A 94 2.62 7.88 4.65
CA ILE A 94 1.80 8.94 5.17
C ILE A 94 2.31 10.31 4.75
N GLN A 95 3.64 10.42 4.63
CA GLN A 95 4.27 11.68 4.23
C GLN A 95 3.89 12.03 2.79
N LEU A 96 3.68 11.00 1.98
CA LEU A 96 3.30 11.21 0.58
C LEU A 96 1.80 11.37 0.43
N TYR A 97 1.05 10.52 1.13
CA TYR A 97 -0.41 10.57 1.06
C TYR A 97 -0.92 11.94 1.51
N GLU A 98 -0.32 12.48 2.56
CA GLU A 98 -0.72 13.77 3.10
C GLU A 98 -0.01 14.91 2.36
N GLU A 99 0.75 14.55 1.32
CA GLU A 99 1.49 15.53 0.55
C GLU A 99 0.89 15.67 -0.86
N GLN A 100 0.20 14.63 -1.30
CA GLN A 100 -0.42 14.64 -2.63
C GLN A 100 -1.93 14.79 -2.52
N LEU A 101 -2.50 14.30 -1.43
CA LEU A 101 -3.94 14.38 -1.21
C LEU A 101 -4.32 15.74 -0.63
N LYS A 102 -3.37 16.38 0.03
CA LYS A 102 -3.60 17.70 0.62
C LYS A 102 -3.21 18.81 -0.35
N ALA A 103 -2.29 18.50 -1.26
CA ALA A 103 -1.84 19.47 -2.24
C ALA A 103 -2.90 19.70 -3.33
N GLN A 104 -3.68 18.66 -3.61
CA GLN A 104 -4.72 18.74 -4.62
C GLN A 104 -6.09 18.93 -3.98
N ALA A 105 -6.09 19.40 -2.73
CA ALA A 105 -7.33 19.62 -2.00
C ALA A 105 -7.45 21.07 -1.54
N GLY A 106 -6.75 21.97 -2.24
CA GLY A 106 -6.78 23.37 -1.88
C GLY A 106 -5.86 23.70 -0.72
N GLY A 107 -4.64 23.19 -0.77
CA GLY A 107 -3.68 23.43 0.30
C GLY A 107 -2.76 24.59 -0.02
N THR A 108 -3.15 25.43 -0.97
CA THR A 108 -2.35 26.58 -1.35
C THR A 108 -1.05 26.13 -2.03
N ASN A 109 -1.18 25.47 -3.17
CA ASN A 109 -0.02 24.99 -3.90
C ASN A 109 0.91 24.18 -2.99
N GLU A 110 0.33 23.52 -2.00
CA GLU A 110 1.11 22.72 -1.06
C GLU A 110 0.36 21.44 -0.68
N MET A 1 -11.76 8.88 -11.06
CA MET A 1 -10.33 9.17 -10.87
C MET A 1 -9.82 8.52 -9.58
N ILE A 2 -10.37 7.35 -9.26
CA ILE A 2 -9.97 6.63 -8.05
C ILE A 2 -9.55 5.20 -8.38
N PRO A 3 -8.37 5.07 -9.02
CA PRO A 3 -7.83 3.77 -9.40
C PRO A 3 -7.38 2.95 -8.19
N SER A 4 -7.63 1.64 -8.24
CA SER A 4 -7.26 0.75 -7.16
C SER A 4 -7.85 1.23 -5.83
N PHE A 5 -9.01 1.86 -5.91
CA PHE A 5 -9.69 2.38 -4.71
C PHE A 5 -8.73 3.21 -3.87
N ALA A 6 -8.65 4.50 -4.18
CA ALA A 6 -7.78 5.41 -3.46
C ALA A 6 -6.31 5.03 -3.64
N PRO A 7 -5.72 5.50 -4.75
CA PRO A 7 -4.32 5.22 -5.07
C PRO A 7 -3.35 5.95 -4.14
N GLY A 8 -2.52 5.17 -3.45
CA GLY A 8 -1.56 5.75 -2.53
C GLY A 8 -1.86 5.40 -1.08
N THR A 9 -2.55 4.29 -0.88
CA THR A 9 -2.91 3.85 0.46
C THR A 9 -2.01 2.71 0.92
N LEU A 10 -1.49 2.82 2.13
CA LEU A 10 -0.62 1.79 2.68
C LEU A 10 -1.40 0.81 3.55
N VAL A 11 -1.43 -0.45 3.13
CA VAL A 11 -2.15 -1.49 3.87
C VAL A 11 -1.21 -2.61 4.29
N TRP A 12 -1.77 -3.62 4.95
CA TRP A 12 -0.98 -4.77 5.40
C TRP A 12 -1.44 -6.05 4.73
N LEU A 13 -0.48 -6.83 4.23
CA LEU A 13 -0.79 -8.08 3.56
C LEU A 13 -0.28 -9.28 4.37
N LYS A 14 -1.20 -10.12 4.80
CA LYS A 14 -0.86 -11.31 5.58
C LYS A 14 -0.98 -12.57 4.75
N GLN A 15 0.16 -13.08 4.29
CA GLN A 15 0.17 -14.29 3.46
C GLN A 15 -0.31 -15.49 4.27
N ASP A 16 -0.65 -16.57 3.56
CA ASP A 16 -1.14 -17.78 4.19
C ASP A 16 -0.06 -18.40 5.09
N ARG A 17 1.12 -18.61 4.51
CA ARG A 17 2.23 -19.20 5.25
C ARG A 17 3.17 -18.11 5.75
N PHE A 18 3.23 -16.99 5.04
CA PHE A 18 4.09 -15.88 5.42
C PHE A 18 3.37 -14.93 6.36
N PRO A 19 4.15 -14.16 7.14
CA PRO A 19 3.61 -13.19 8.10
C PRO A 19 2.95 -12.00 7.41
N TRP A 20 2.62 -10.97 8.19
CA TRP A 20 2.00 -9.77 7.65
C TRP A 20 3.03 -8.67 7.45
N TRP A 21 3.15 -8.20 6.22
CA TRP A 21 4.10 -7.14 5.89
C TRP A 21 3.39 -5.96 5.24
N PRO A 22 3.98 -4.76 5.39
CA PRO A 22 3.43 -3.52 4.82
C PRO A 22 3.50 -3.50 3.29
N GLY A 23 2.57 -2.79 2.66
CA GLY A 23 2.56 -2.70 1.22
C GLY A 23 1.73 -1.53 0.73
N PHE A 24 2.31 -0.74 -0.17
CA PHE A 24 1.61 0.42 -0.72
C PHE A 24 0.76 0.02 -1.91
N VAL A 25 -0.52 0.42 -1.88
CA VAL A 25 -1.45 0.10 -2.96
C VAL A 25 -1.26 1.05 -4.13
N MET A 26 -0.89 0.49 -5.28
CA MET A 26 -0.68 1.28 -6.49
C MET A 26 -1.31 0.61 -7.71
N ASP A 27 -1.90 1.41 -8.58
CA ASP A 27 -2.54 0.90 -9.78
C ASP A 27 -1.57 0.88 -10.96
N PRO A 28 -1.68 -0.16 -11.79
CA PRO A 28 -0.81 -0.32 -12.97
C PRO A 28 -1.12 0.70 -14.05
N ASP A 29 -2.40 1.01 -14.21
CA ASP A 29 -2.83 1.98 -15.23
C ASP A 29 -4.34 2.19 -15.17
N GLU A 30 -4.86 2.39 -13.96
CA GLU A 30 -6.29 2.61 -13.77
C GLU A 30 -7.08 1.37 -14.17
N VAL A 31 -7.05 0.35 -13.31
CA VAL A 31 -7.77 -0.89 -13.58
C VAL A 31 -9.15 -0.88 -12.92
N ARG A 32 -9.60 0.29 -12.51
CA ARG A 32 -10.89 0.45 -11.87
C ARG A 32 -12.00 0.66 -12.90
N ASP A 33 -11.66 1.35 -13.98
CA ASP A 33 -12.61 1.63 -15.05
C ASP A 33 -12.38 0.72 -16.24
N ILE A 34 -11.11 0.36 -16.48
CA ILE A 34 -10.75 -0.50 -17.59
C ILE A 34 -10.18 -1.82 -17.09
N THR A 35 -10.94 -2.90 -17.27
CA THR A 35 -10.52 -4.22 -16.85
C THR A 35 -10.15 -5.10 -18.04
N LEU A 36 -8.85 -5.28 -18.27
CA LEU A 36 -8.37 -6.10 -19.37
C LEU A 36 -7.62 -7.32 -18.87
N PRO A 37 -7.61 -8.39 -19.68
CA PRO A 37 -6.92 -9.64 -19.33
C PRO A 37 -5.41 -9.48 -19.35
N GLU A 38 -4.76 -9.96 -18.28
CA GLU A 38 -3.31 -9.88 -18.17
C GLU A 38 -2.80 -10.81 -17.08
N GLY A 39 -3.18 -10.53 -15.83
CA GLY A 39 -2.76 -11.36 -14.72
C GLY A 39 -2.41 -10.53 -13.50
N SER A 40 -2.20 -9.23 -13.69
CA SER A 40 -1.85 -8.34 -12.60
C SER A 40 -2.65 -7.04 -12.69
N ASP A 41 -3.60 -6.87 -11.79
CA ASP A 41 -4.44 -5.67 -11.77
C ASP A 41 -4.04 -4.76 -10.62
N VAL A 42 -3.52 -5.35 -9.55
CA VAL A 42 -3.10 -4.58 -8.38
C VAL A 42 -1.59 -4.64 -8.21
N TRP A 43 -0.98 -3.50 -7.87
CA TRP A 43 0.46 -3.43 -7.67
C TRP A 43 0.79 -3.11 -6.22
N VAL A 44 1.30 -4.10 -5.50
CA VAL A 44 1.67 -3.92 -4.11
C VAL A 44 3.16 -3.67 -3.95
N CYS A 45 3.51 -2.47 -3.46
CA CYS A 45 4.91 -2.10 -3.27
C CYS A 45 5.33 -2.31 -1.82
N CYS A 46 5.98 -3.45 -1.57
CA CYS A 46 6.44 -3.78 -0.22
C CYS A 46 7.63 -2.91 0.17
N LEU A 47 7.99 -2.95 1.45
CA LEU A 47 9.11 -2.17 1.96
C LEU A 47 10.43 -2.67 1.37
N PRO A 48 11.45 -1.81 1.41
CA PRO A 48 12.79 -2.13 0.89
C PRO A 48 13.50 -3.18 1.75
N ARG A 49 13.62 -4.39 1.22
CA ARG A 49 14.28 -5.48 1.94
C ARG A 49 14.75 -6.56 0.99
N ASP A 50 13.97 -6.77 -0.08
CA ASP A 50 14.30 -7.79 -1.08
C ASP A 50 14.68 -7.14 -2.40
N SER A 51 14.93 -5.84 -2.37
CA SER A 51 15.29 -5.10 -3.58
C SER A 51 14.10 -4.97 -4.52
N LEU A 52 13.07 -4.25 -4.07
CA LEU A 52 11.87 -4.04 -4.88
C LEU A 52 11.14 -5.37 -5.10
N THR A 53 10.40 -5.80 -4.08
CA THR A 53 9.65 -7.05 -4.16
C THR A 53 8.20 -6.78 -4.55
N LEU A 54 8.00 -5.86 -5.48
CA LEU A 54 6.66 -5.51 -5.94
C LEU A 54 5.90 -6.76 -6.39
N SER A 55 4.73 -6.98 -5.80
CA SER A 55 3.91 -8.14 -6.14
C SER A 55 2.67 -7.71 -6.91
N ALA A 56 2.46 -8.31 -8.07
CA ALA A 56 1.31 -8.00 -8.90
C ALA A 56 0.38 -9.19 -9.03
N ALA A 57 -0.93 -8.94 -8.96
CA ALA A 57 -1.91 -10.01 -9.07
C ALA A 57 -3.25 -9.47 -9.56
N ASN A 58 -3.97 -10.28 -10.33
CA ASN A 58 -5.27 -9.88 -10.87
C ASN A 58 -6.38 -10.76 -10.31
N SER A 59 -7.16 -10.20 -9.38
CA SER A 59 -8.26 -10.93 -8.77
C SER A 59 -7.77 -12.26 -8.19
N GLU A 60 -6.52 -12.27 -7.72
CA GLU A 60 -5.93 -13.47 -7.15
C GLU A 60 -5.58 -13.25 -5.68
N ASP A 61 -5.29 -12.00 -5.33
CA ASP A 61 -4.94 -11.65 -3.95
C ASP A 61 -6.15 -11.14 -3.20
N GLU A 62 -6.66 -11.95 -2.27
CA GLU A 62 -7.82 -11.56 -1.47
C GLU A 62 -7.86 -12.36 -0.16
N GLY A 63 -6.70 -12.84 0.27
CA GLY A 63 -6.62 -13.60 1.50
C GLY A 63 -6.87 -12.75 2.73
N GLN A 64 -5.79 -12.29 3.35
CA GLN A 64 -5.90 -11.46 4.55
C GLN A 64 -5.25 -10.10 4.33
N ILE A 65 -6.01 -9.04 4.56
CA ILE A 65 -5.51 -7.68 4.38
C ILE A 65 -6.09 -6.73 5.43
N ARG A 66 -5.29 -5.77 5.86
CA ARG A 66 -5.73 -4.80 6.85
C ARG A 66 -5.35 -3.38 6.44
N TYR A 67 -6.29 -2.46 6.59
CA TYR A 67 -6.05 -1.06 6.23
C TYR A 67 -5.15 -0.38 7.24
N PHE A 68 -4.10 0.27 6.76
CA PHE A 68 -3.16 0.96 7.62
C PHE A 68 -3.21 2.47 7.40
N LEU A 69 -3.06 3.23 8.48
CA LEU A 69 -3.10 4.69 8.40
C LEU A 69 -2.87 5.31 9.77
N PRO A 70 -3.78 5.00 10.71
CA PRO A 70 -3.69 5.52 12.08
C PRO A 70 -2.53 4.92 12.87
N ASP A 71 -1.93 3.87 12.32
CA ASP A 71 -0.81 3.21 12.96
C ASP A 71 -1.14 2.86 14.41
N ARG A 72 -2.40 2.53 14.66
CA ARG A 72 -2.84 2.18 16.01
C ARG A 72 -3.64 0.87 15.99
N ASP A 73 -3.40 0.05 14.98
CA ASP A 73 -4.10 -1.22 14.85
C ASP A 73 -3.27 -2.36 15.45
N GLU A 74 -2.54 -2.05 16.52
CA GLU A 74 -1.71 -3.05 17.19
C GLU A 74 -0.67 -3.61 16.22
N GLY A 75 -0.04 -2.74 15.45
CA GLY A 75 0.96 -3.17 14.49
C GLY A 75 2.16 -2.25 14.46
N MET A 76 1.93 -0.96 14.66
CA MET A 76 3.00 0.02 14.65
C MET A 76 4.14 -0.40 15.58
N MET A 77 3.79 -1.14 16.63
CA MET A 77 4.77 -1.61 17.59
C MET A 77 5.77 -2.57 16.93
N GLU A 78 5.26 -3.42 16.06
CA GLU A 78 6.09 -4.39 15.36
C GLU A 78 6.62 -3.81 14.05
N GLU A 79 5.93 -2.79 13.55
CA GLU A 79 6.33 -2.15 12.29
C GLU A 79 6.99 -0.80 12.56
N GLY A 80 7.48 -0.62 13.78
CA GLY A 80 8.13 0.63 14.14
C GLY A 80 8.98 0.50 15.38
N LYS A 81 8.51 -0.28 16.35
CA LYS A 81 9.24 -0.49 17.59
C LYS A 81 10.01 -1.81 17.56
N LEU A 82 10.22 -2.33 16.35
CA LEU A 82 10.94 -3.58 16.18
C LEU A 82 12.04 -3.44 15.14
N ASP A 83 11.64 -3.11 13.91
CA ASP A 83 12.59 -2.94 12.82
C ASP A 83 12.57 -1.51 12.30
N ALA A 84 13.75 -0.88 12.28
CA ALA A 84 13.87 0.50 11.82
C ALA A 84 13.38 0.63 10.38
N SER A 85 13.46 -0.46 9.62
CA SER A 85 13.04 -0.47 8.23
C SER A 85 11.53 -0.28 8.12
N CYS A 86 10.79 -0.84 9.08
CA CYS A 86 9.34 -0.72 9.09
C CYS A 86 8.91 0.70 9.42
N ALA A 87 9.49 1.27 10.47
CA ALA A 87 9.17 2.63 10.88
C ALA A 87 9.51 3.63 9.79
N VAL A 88 10.68 3.46 9.18
CA VAL A 88 11.13 4.35 8.12
C VAL A 88 10.24 4.24 6.90
N ALA A 89 9.93 3.01 6.50
CA ALA A 89 9.07 2.76 5.35
C ALA A 89 7.71 3.43 5.52
N ILE A 90 7.13 3.28 6.70
CA ILE A 90 5.83 3.86 6.99
C ILE A 90 5.89 5.39 6.96
N GLU A 91 6.88 5.94 7.63
CA GLU A 91 7.06 7.39 7.68
C GLU A 91 7.20 7.98 6.27
N GLU A 92 7.86 7.23 5.40
CA GLU A 92 8.06 7.67 4.02
C GLU A 92 6.76 7.59 3.24
N ALA A 93 6.02 6.52 3.43
CA ALA A 93 4.75 6.32 2.74
C ALA A 93 3.76 7.42 3.08
N ILE A 94 3.75 7.82 4.35
CA ILE A 94 2.85 8.88 4.82
C ILE A 94 3.37 10.26 4.43
N GLN A 95 4.70 10.39 4.38
CA GLN A 95 5.31 11.66 4.03
C GLN A 95 5.09 11.98 2.55
N LEU A 96 5.01 10.94 1.73
CA LEU A 96 4.80 11.11 0.29
C LEU A 96 3.30 11.12 -0.03
N TYR A 97 2.53 10.34 0.71
CA TYR A 97 1.09 10.26 0.49
C TYR A 97 0.41 11.57 0.87
N GLU A 98 0.82 12.13 2.01
CA GLU A 98 0.25 13.39 2.48
C GLU A 98 0.86 14.58 1.75
N GLU A 99 1.87 14.30 0.92
CA GLU A 99 2.54 15.35 0.15
C GLU A 99 1.99 15.42 -1.26
N GLN A 100 1.45 14.31 -1.75
CA GLN A 100 0.91 14.24 -3.11
C GLN A 100 -0.61 14.34 -3.07
N LEU A 101 -1.21 13.84 -1.99
CA LEU A 101 -2.66 13.87 -1.84
C LEU A 101 -3.16 15.29 -1.64
N LYS A 102 -2.40 16.09 -0.90
CA LYS A 102 -2.77 17.48 -0.65
C LYS A 102 -2.53 18.35 -1.89
N ALA A 103 -1.45 18.04 -2.61
CA ALA A 103 -1.12 18.79 -3.81
C ALA A 103 -2.26 18.77 -4.81
N GLN A 104 -3.03 17.69 -4.80
CA GLN A 104 -4.17 17.56 -5.71
C GLN A 104 -5.48 17.66 -4.95
N ALA A 105 -5.44 18.26 -3.77
CA ALA A 105 -6.63 18.43 -2.95
C ALA A 105 -6.86 19.90 -2.62
N GLY A 106 -6.34 20.78 -3.47
CA GLY A 106 -6.50 22.21 -3.24
C GLY A 106 -5.21 22.88 -2.79
N GLY A 107 -4.41 22.15 -2.01
CA GLY A 107 -3.17 22.70 -1.52
C GLY A 107 -3.18 22.92 -0.01
N THR A 108 -3.48 21.86 0.74
CA THR A 108 -3.53 21.94 2.19
C THR A 108 -4.67 22.84 2.64
N ASN A 109 -5.90 22.44 2.33
CA ASN A 109 -7.07 23.21 2.72
C ASN A 109 -6.94 24.67 2.28
N GLU A 110 -6.34 24.87 1.12
CA GLU A 110 -6.15 26.22 0.58
C GLU A 110 -5.33 27.07 1.54
N MET A 1 -9.64 11.67 -10.42
CA MET A 1 -9.00 10.42 -10.78
C MET A 1 -8.53 9.68 -9.54
N ILE A 2 -9.33 8.73 -9.07
CA ILE A 2 -8.99 7.94 -7.89
C ILE A 2 -8.89 6.46 -8.23
N PRO A 3 -7.80 6.07 -8.90
CA PRO A 3 -7.55 4.68 -9.29
C PRO A 3 -7.26 3.78 -8.10
N SER A 4 -7.73 2.54 -8.17
CA SER A 4 -7.52 1.59 -7.08
C SER A 4 -8.05 2.13 -5.76
N PHE A 5 -9.11 2.92 -5.84
CA PHE A 5 -9.72 3.50 -4.65
C PHE A 5 -8.67 4.17 -3.77
N ALA A 6 -8.36 5.42 -4.08
CA ALA A 6 -7.37 6.17 -3.33
C ALA A 6 -5.99 5.54 -3.44
N PRO A 7 -5.28 5.85 -4.52
CA PRO A 7 -3.94 5.32 -4.78
C PRO A 7 -2.90 5.89 -3.82
N GLY A 8 -2.20 5.00 -3.12
CA GLY A 8 -1.18 5.43 -2.17
C GLY A 8 -1.52 5.03 -0.75
N THR A 9 -2.39 4.04 -0.60
CA THR A 9 -2.79 3.57 0.72
C THR A 9 -1.91 2.42 1.18
N LEU A 10 -1.45 2.50 2.43
CA LEU A 10 -0.59 1.46 2.99
C LEU A 10 -1.41 0.44 3.76
N VAL A 11 -1.38 -0.80 3.29
CA VAL A 11 -2.13 -1.88 3.93
C VAL A 11 -1.20 -3.02 4.35
N TRP A 12 -1.78 -4.07 4.93
CA TRP A 12 -0.99 -5.22 5.37
C TRP A 12 -1.41 -6.47 4.61
N LEU A 13 -0.43 -7.23 4.15
CA LEU A 13 -0.68 -8.46 3.41
C LEU A 13 -0.16 -9.67 4.17
N LYS A 14 -1.07 -10.56 4.58
CA LYS A 14 -0.70 -11.76 5.31
C LYS A 14 -0.82 -13.00 4.42
N GLN A 15 0.32 -13.49 3.95
CA GLN A 15 0.33 -14.67 3.09
C GLN A 15 -0.20 -15.90 3.83
N ASP A 16 -0.46 -16.96 3.09
CA ASP A 16 -0.97 -18.20 3.67
C ASP A 16 0.06 -18.81 4.63
N ARG A 17 1.28 -19.00 4.13
CA ARG A 17 2.35 -19.58 4.93
C ARG A 17 3.26 -18.49 5.47
N PHE A 18 3.37 -17.38 4.73
CA PHE A 18 4.22 -16.28 5.13
C PHE A 18 3.49 -15.35 6.09
N PRO A 19 4.24 -14.59 6.89
CA PRO A 19 3.68 -13.64 7.86
C PRO A 19 3.03 -12.44 7.18
N TRP A 20 2.67 -11.45 7.99
CA TRP A 20 2.05 -10.23 7.47
C TRP A 20 3.07 -9.11 7.32
N TRP A 21 3.20 -8.60 6.09
CA TRP A 21 4.14 -7.52 5.82
C TRP A 21 3.43 -6.33 5.21
N PRO A 22 4.01 -5.13 5.40
CA PRO A 22 3.44 -3.88 4.87
C PRO A 22 3.55 -3.80 3.35
N GLY A 23 2.59 -3.11 2.73
CA GLY A 23 2.60 -2.97 1.29
C GLY A 23 1.74 -1.81 0.82
N PHE A 24 2.31 -0.96 -0.04
CA PHE A 24 1.59 0.19 -0.56
C PHE A 24 0.73 -0.21 -1.76
N VAL A 25 -0.55 0.16 -1.72
CA VAL A 25 -1.48 -0.15 -2.80
C VAL A 25 -1.35 0.85 -3.94
N MET A 26 -0.94 0.35 -5.11
CA MET A 26 -0.78 1.21 -6.28
C MET A 26 -1.36 0.54 -7.52
N ASP A 27 -2.00 1.33 -8.37
CA ASP A 27 -2.59 0.82 -9.61
C ASP A 27 -1.58 0.83 -10.74
N PRO A 28 -1.66 -0.20 -11.61
CA PRO A 28 -0.77 -0.33 -12.75
C PRO A 28 -1.02 0.72 -13.83
N ASP A 29 -2.28 1.04 -14.04
CA ASP A 29 -2.66 2.05 -15.04
C ASP A 29 -4.17 2.25 -15.06
N GLU A 30 -4.76 2.37 -13.87
CA GLU A 30 -6.20 2.57 -13.77
C GLU A 30 -6.96 1.36 -14.28
N VAL A 31 -6.97 0.29 -13.49
CA VAL A 31 -7.65 -0.93 -13.86
C VAL A 31 -9.07 -0.97 -13.29
N ARG A 32 -9.55 0.19 -12.85
CA ARG A 32 -10.89 0.29 -12.28
C ARG A 32 -11.94 0.39 -13.38
N ASP A 33 -11.62 1.13 -14.44
CA ASP A 33 -12.53 1.31 -15.56
C ASP A 33 -12.11 0.44 -16.75
N ILE A 34 -10.82 0.22 -16.87
CA ILE A 34 -10.28 -0.59 -17.96
C ILE A 34 -9.83 -1.97 -17.46
N THR A 35 -10.58 -3.00 -17.84
CA THR A 35 -10.26 -4.36 -17.44
C THR A 35 -9.73 -5.18 -18.62
N LEU A 36 -8.41 -5.40 -18.65
CA LEU A 36 -7.79 -6.16 -19.72
C LEU A 36 -7.16 -7.44 -19.17
N PRO A 37 -7.05 -8.46 -20.04
CA PRO A 37 -6.47 -9.75 -19.67
C PRO A 37 -4.96 -9.66 -19.42
N GLU A 38 -4.51 -10.22 -18.30
CA GLU A 38 -3.09 -10.20 -17.96
C GLU A 38 -2.82 -11.08 -16.74
N GLY A 39 -3.38 -10.69 -15.61
CA GLY A 39 -3.19 -11.46 -14.38
C GLY A 39 -2.76 -10.59 -13.22
N SER A 40 -2.60 -9.29 -13.47
CA SER A 40 -2.19 -8.36 -12.43
C SER A 40 -3.02 -7.07 -12.51
N ASP A 41 -3.93 -6.91 -11.55
CA ASP A 41 -4.79 -5.74 -11.50
C ASP A 41 -4.33 -4.79 -10.40
N VAL A 42 -3.76 -5.34 -9.34
CA VAL A 42 -3.28 -4.54 -8.22
C VAL A 42 -1.77 -4.68 -8.04
N TRP A 43 -1.11 -3.56 -7.77
CA TRP A 43 0.34 -3.55 -7.58
C TRP A 43 0.69 -3.26 -6.13
N VAL A 44 1.22 -4.27 -5.44
CA VAL A 44 1.61 -4.12 -4.04
C VAL A 44 3.11 -3.86 -3.91
N CYS A 45 3.45 -2.68 -3.43
CA CYS A 45 4.85 -2.30 -3.24
C CYS A 45 5.30 -2.53 -1.81
N CYS A 46 5.96 -3.65 -1.56
CA CYS A 46 6.44 -4.00 -0.23
C CYS A 46 7.64 -3.15 0.14
N LEU A 47 8.00 -3.16 1.42
CA LEU A 47 9.14 -2.39 1.91
C LEU A 47 10.45 -2.93 1.33
N PRO A 48 11.49 -2.08 1.35
CA PRO A 48 12.81 -2.45 0.83
C PRO A 48 13.51 -3.48 1.69
N ARG A 49 13.60 -4.71 1.19
CA ARG A 49 14.24 -5.79 1.92
C ARG A 49 14.68 -6.91 0.97
N ASP A 50 13.89 -7.13 -0.08
CA ASP A 50 14.18 -8.16 -1.06
C ASP A 50 14.56 -7.55 -2.40
N SER A 51 14.84 -6.24 -2.39
CA SER A 51 15.22 -5.54 -3.60
C SER A 51 14.02 -5.40 -4.54
N LEU A 52 13.01 -4.65 -4.10
CA LEU A 52 11.82 -4.43 -4.91
C LEU A 52 11.05 -5.74 -5.09
N THR A 53 10.31 -6.14 -4.08
CA THR A 53 9.53 -7.37 -4.13
C THR A 53 8.08 -7.08 -4.51
N LEU A 54 7.89 -6.14 -5.43
CA LEU A 54 6.56 -5.77 -5.88
C LEU A 54 5.78 -7.00 -6.35
N SER A 55 4.61 -7.20 -5.77
CA SER A 55 3.77 -8.34 -6.11
C SER A 55 2.48 -7.88 -6.79
N ALA A 56 2.24 -8.41 -7.99
CA ALA A 56 1.03 -8.05 -8.74
C ALA A 56 0.07 -9.23 -8.84
N ALA A 57 -1.22 -8.94 -8.75
CA ALA A 57 -2.24 -9.98 -8.82
C ALA A 57 -3.58 -9.40 -9.29
N ASN A 58 -4.27 -10.16 -10.13
CA ASN A 58 -5.56 -9.73 -10.65
C ASN A 58 -6.69 -10.64 -10.16
N SER A 59 -7.48 -10.15 -9.21
CA SER A 59 -8.58 -10.93 -8.66
C SER A 59 -8.10 -12.29 -8.17
N GLU A 60 -6.86 -12.33 -7.69
CA GLU A 60 -6.27 -13.58 -7.20
C GLU A 60 -5.95 -13.47 -5.72
N ASP A 61 -5.66 -12.24 -5.26
CA ASP A 61 -5.33 -12.00 -3.87
C ASP A 61 -6.59 -11.73 -3.04
N GLU A 62 -6.95 -12.71 -2.22
CA GLU A 62 -8.14 -12.58 -1.37
C GLU A 62 -7.93 -13.26 -0.04
N GLY A 63 -6.68 -13.60 0.27
CA GLY A 63 -6.36 -14.26 1.52
C GLY A 63 -6.70 -13.39 2.72
N GLN A 64 -5.67 -12.78 3.31
CA GLN A 64 -5.86 -11.93 4.48
C GLN A 64 -5.20 -10.56 4.27
N ILE A 65 -5.98 -9.51 4.41
CA ILE A 65 -5.47 -8.15 4.24
C ILE A 65 -6.04 -7.21 5.30
N ARG A 66 -5.21 -6.28 5.76
CA ARG A 66 -5.64 -5.32 6.77
C ARG A 66 -5.36 -3.89 6.31
N TYR A 67 -6.23 -2.96 6.72
CA TYR A 67 -6.08 -1.57 6.35
C TYR A 67 -5.22 -0.82 7.35
N PHE A 68 -4.08 -0.31 6.88
CA PHE A 68 -3.15 0.42 7.73
C PHE A 68 -3.23 1.92 7.46
N LEU A 69 -3.10 2.71 8.52
CA LEU A 69 -3.16 4.17 8.39
C LEU A 69 -2.98 4.83 9.75
N PRO A 70 -3.90 4.54 10.68
CA PRO A 70 -3.86 5.11 12.04
C PRO A 70 -2.70 4.55 12.86
N ASP A 71 -2.07 3.50 12.35
CA ASP A 71 -0.95 2.89 13.04
C ASP A 71 -1.31 2.55 14.48
N ARG A 72 -2.57 2.19 14.71
CA ARG A 72 -3.05 1.84 16.04
C ARG A 72 -3.83 0.54 16.01
N ASP A 73 -3.59 -0.27 14.99
CA ASP A 73 -4.28 -1.54 14.85
C ASP A 73 -3.44 -2.69 15.44
N GLU A 74 -2.71 -2.38 16.50
CA GLU A 74 -1.87 -3.37 17.16
C GLU A 74 -0.82 -3.92 16.19
N GLY A 75 -0.21 -3.01 15.42
CA GLY A 75 0.81 -3.42 14.47
C GLY A 75 1.95 -2.44 14.38
N MET A 76 1.64 -1.15 14.50
CA MET A 76 2.66 -0.10 14.44
C MET A 76 3.81 -0.41 15.40
N MET A 77 3.49 -1.08 16.50
CA MET A 77 4.49 -1.43 17.50
C MET A 77 5.57 -2.33 16.88
N GLU A 78 5.14 -3.29 16.07
CA GLU A 78 6.07 -4.21 15.42
C GLU A 78 6.52 -3.67 14.07
N GLU A 79 5.76 -2.71 13.54
CA GLU A 79 6.09 -2.11 12.25
C GLU A 79 6.76 -0.76 12.43
N GLY A 80 7.31 -0.54 13.62
CA GLY A 80 7.98 0.72 13.91
C GLY A 80 8.90 0.63 15.11
N LYS A 81 8.47 -0.11 16.12
CA LYS A 81 9.26 -0.28 17.34
C LYS A 81 10.01 -1.61 17.32
N LEU A 82 10.12 -2.19 16.14
CA LEU A 82 10.82 -3.47 15.99
C LEU A 82 11.91 -3.37 14.93
N ASP A 83 11.51 -3.07 13.69
CA ASP A 83 12.46 -2.94 12.60
C ASP A 83 12.44 -1.53 12.04
N ALA A 84 13.62 -0.90 12.00
CA ALA A 84 13.75 0.46 11.49
C ALA A 84 13.21 0.56 10.07
N SER A 85 13.30 -0.54 9.33
CA SER A 85 12.82 -0.56 7.95
C SER A 85 11.31 -0.35 7.89
N CYS A 86 10.61 -0.89 8.87
CA CYS A 86 9.15 -0.76 8.93
C CYS A 86 8.75 0.68 9.24
N ALA A 87 9.39 1.26 10.26
CA ALA A 87 9.11 2.63 10.67
C ALA A 87 9.42 3.61 9.54
N VAL A 88 10.50 3.35 8.81
CA VAL A 88 10.91 4.21 7.70
C VAL A 88 9.93 4.10 6.54
N ALA A 89 9.55 2.88 6.21
CA ALA A 89 8.61 2.64 5.11
C ALA A 89 7.28 3.33 5.37
N ILE A 90 6.77 3.18 6.59
CA ILE A 90 5.50 3.80 6.96
C ILE A 90 5.60 5.32 6.96
N GLU A 91 6.65 5.84 7.59
CA GLU A 91 6.85 7.28 7.66
C GLU A 91 6.92 7.89 6.26
N GLU A 92 7.52 7.15 5.32
CA GLU A 92 7.64 7.63 3.95
C GLU A 92 6.30 7.60 3.24
N ALA A 93 5.56 6.50 3.42
CA ALA A 93 4.26 6.35 2.80
C ALA A 93 3.32 7.48 3.21
N ILE A 94 3.33 7.82 4.49
CA ILE A 94 2.49 8.89 5.01
C ILE A 94 3.02 10.26 4.61
N GLN A 95 4.34 10.37 4.54
CA GLN A 95 4.98 11.64 4.17
C GLN A 95 4.66 11.99 2.73
N LEU A 96 4.47 10.98 1.89
CA LEU A 96 4.16 11.19 0.49
C LEU A 96 2.67 11.36 0.27
N TYR A 97 1.87 10.52 0.94
CA TYR A 97 0.42 10.59 0.82
C TYR A 97 -0.10 11.95 1.27
N GLU A 98 0.44 12.46 2.38
CA GLU A 98 0.03 13.75 2.90
C GLU A 98 0.63 14.89 2.08
N GLU A 99 1.68 14.57 1.32
CA GLU A 99 2.35 15.57 0.50
C GLU A 99 1.63 15.74 -0.84
N GLN A 100 0.98 14.67 -1.29
CA GLN A 100 0.25 14.69 -2.56
C GLN A 100 -1.23 14.92 -2.32
N LEU A 101 -1.73 14.46 -1.18
CA LEU A 101 -3.14 14.62 -0.85
C LEU A 101 -3.57 16.07 -0.98
N LYS A 102 -2.78 16.97 -0.41
CA LYS A 102 -3.07 18.40 -0.46
C LYS A 102 -3.25 18.86 -1.91
N ALA A 103 -2.31 18.48 -2.76
CA ALA A 103 -2.36 18.84 -4.17
C ALA A 103 -3.69 18.45 -4.80
N GLN A 104 -4.21 17.29 -4.40
CA GLN A 104 -5.48 16.81 -4.92
C GLN A 104 -6.61 17.08 -3.94
N ALA A 105 -6.40 18.03 -3.04
CA ALA A 105 -7.41 18.39 -2.05
C ALA A 105 -7.77 19.87 -2.15
N GLY A 106 -7.56 20.44 -3.32
CA GLY A 106 -7.87 21.85 -3.53
C GLY A 106 -6.63 22.72 -3.52
N GLY A 107 -5.59 22.26 -2.86
CA GLY A 107 -4.35 23.02 -2.79
C GLY A 107 -4.06 23.55 -1.40
N THR A 108 -3.83 22.64 -0.46
CA THR A 108 -3.55 23.02 0.92
C THR A 108 -4.76 23.67 1.57
N ASN A 109 -5.85 22.90 1.70
CA ASN A 109 -7.07 23.41 2.30
C ASN A 109 -7.51 24.72 1.64
N GLU A 110 -7.21 24.85 0.36
CA GLU A 110 -7.57 26.06 -0.39
C GLU A 110 -6.93 27.30 0.23
N MET A 1 -10.50 11.03 -10.05
CA MET A 1 -9.11 10.58 -10.01
C MET A 1 -8.83 9.82 -8.72
N ILE A 2 -9.49 8.68 -8.56
CA ILE A 2 -9.30 7.85 -7.37
C ILE A 2 -9.10 6.39 -7.74
N PRO A 3 -7.95 6.08 -8.36
CA PRO A 3 -7.62 4.72 -8.78
C PRO A 3 -7.34 3.80 -7.59
N SER A 4 -7.72 2.53 -7.73
CA SER A 4 -7.52 1.56 -6.66
C SER A 4 -8.14 2.03 -5.36
N PHE A 5 -9.23 2.78 -5.47
CA PHE A 5 -9.93 3.29 -4.30
C PHE A 5 -8.94 3.97 -3.35
N ALA A 6 -8.68 5.26 -3.58
CA ALA A 6 -7.77 6.02 -2.74
C ALA A 6 -6.35 5.45 -2.83
N PRO A 7 -5.61 5.85 -3.87
CA PRO A 7 -4.24 5.40 -4.09
C PRO A 7 -3.26 5.97 -3.06
N GLY A 8 -2.48 5.10 -2.45
CA GLY A 8 -1.52 5.54 -1.45
C GLY A 8 -1.84 5.03 -0.07
N THR A 9 -2.63 3.96 0.00
CA THR A 9 -3.02 3.37 1.28
C THR A 9 -2.11 2.22 1.66
N LEU A 10 -1.64 2.22 2.90
CA LEU A 10 -0.75 1.17 3.38
C LEU A 10 -1.54 0.06 4.06
N VAL A 11 -1.49 -1.14 3.50
CA VAL A 11 -2.20 -2.29 4.05
C VAL A 11 -1.23 -3.41 4.40
N TRP A 12 -1.78 -4.53 4.87
CA TRP A 12 -0.97 -5.68 5.24
C TRP A 12 -1.28 -6.88 4.35
N LEU A 13 -0.24 -7.53 3.86
CA LEU A 13 -0.40 -8.69 2.99
C LEU A 13 0.15 -9.95 3.65
N LYS A 14 -0.73 -10.89 3.96
CA LYS A 14 -0.33 -12.14 4.60
C LYS A 14 -0.40 -13.30 3.61
N GLN A 15 0.76 -13.75 3.15
CA GLN A 15 0.83 -14.85 2.20
C GLN A 15 0.40 -16.16 2.85
N ASP A 16 0.16 -17.18 2.03
CA ASP A 16 -0.26 -18.49 2.52
C ASP A 16 0.83 -19.12 3.39
N ARG A 17 2.02 -19.26 2.80
CA ARG A 17 3.14 -19.85 3.51
C ARG A 17 4.03 -18.77 4.13
N PHE A 18 4.03 -17.59 3.51
CA PHE A 18 4.82 -16.47 4.00
C PHE A 18 4.06 -15.67 5.05
N PRO A 19 4.80 -14.94 5.90
CA PRO A 19 4.21 -14.12 6.96
C PRO A 19 3.48 -12.90 6.40
N TRP A 20 3.12 -11.97 7.29
CA TRP A 20 2.43 -10.77 6.87
C TRP A 20 3.37 -9.57 6.84
N TRP A 21 3.48 -8.94 5.67
CA TRP A 21 4.36 -7.79 5.52
C TRP A 21 3.58 -6.58 4.98
N PRO A 22 4.03 -5.38 5.36
CA PRO A 22 3.39 -4.13 4.93
C PRO A 22 3.59 -3.86 3.44
N GLY A 23 2.58 -3.23 2.83
CA GLY A 23 2.66 -2.92 1.41
C GLY A 23 1.77 -1.76 1.02
N PHE A 24 2.30 -0.86 0.20
CA PHE A 24 1.55 0.30 -0.25
C PHE A 24 0.69 -0.03 -1.46
N VAL A 25 -0.59 0.30 -1.38
CA VAL A 25 -1.51 0.03 -2.48
C VAL A 25 -1.38 1.06 -3.59
N MET A 26 -0.99 0.61 -4.77
CA MET A 26 -0.81 1.49 -5.91
C MET A 26 -1.43 0.88 -7.17
N ASP A 27 -2.05 1.72 -7.99
CA ASP A 27 -2.68 1.26 -9.23
C ASP A 27 -1.66 1.21 -10.36
N PRO A 28 -1.80 0.20 -11.23
CA PRO A 28 -0.90 0.02 -12.38
C PRO A 28 -1.10 1.10 -13.44
N ASP A 29 -2.35 1.50 -13.65
CA ASP A 29 -2.65 2.53 -14.64
C ASP A 29 -4.15 2.83 -14.65
N GLU A 30 -4.72 3.00 -13.46
CA GLU A 30 -6.15 3.30 -13.34
C GLU A 30 -6.99 2.14 -13.84
N VAL A 31 -7.02 1.06 -13.07
CA VAL A 31 -7.80 -0.12 -13.44
C VAL A 31 -9.17 -0.11 -12.77
N ARG A 32 -9.56 1.04 -12.26
CA ARG A 32 -10.85 1.18 -11.59
C ARG A 32 -11.97 1.39 -12.62
N ASP A 33 -11.68 2.17 -13.65
CA ASP A 33 -12.66 2.44 -14.70
C ASP A 33 -12.34 1.66 -15.96
N ILE A 34 -11.05 1.42 -16.19
CA ILE A 34 -10.61 0.68 -17.37
C ILE A 34 -10.16 -0.73 -17.01
N THR A 35 -10.94 -1.73 -17.39
CA THR A 35 -10.61 -3.11 -17.11
C THR A 35 -10.09 -3.83 -18.35
N LEU A 36 -8.78 -4.04 -18.40
CA LEU A 36 -8.16 -4.72 -19.53
C LEU A 36 -7.52 -6.04 -19.10
N PRO A 37 -7.41 -6.98 -20.05
CA PRO A 37 -6.82 -8.29 -19.78
C PRO A 37 -5.32 -8.22 -19.54
N GLU A 38 -4.87 -8.88 -18.48
CA GLU A 38 -3.45 -8.89 -18.14
C GLU A 38 -3.16 -9.90 -17.03
N GLY A 39 -3.67 -9.62 -15.84
CA GLY A 39 -3.44 -10.51 -14.71
C GLY A 39 -3.04 -9.78 -13.45
N SER A 40 -2.82 -8.47 -13.58
CA SER A 40 -2.42 -7.65 -12.45
C SER A 40 -3.19 -6.34 -12.42
N ASP A 41 -4.10 -6.21 -11.46
CA ASP A 41 -4.91 -5.01 -11.32
C ASP A 41 -4.43 -4.16 -10.15
N VAL A 42 -3.87 -4.83 -9.13
CA VAL A 42 -3.38 -4.14 -7.95
C VAL A 42 -1.86 -4.30 -7.81
N TRP A 43 -1.18 -3.23 -7.44
CA TRP A 43 0.26 -3.24 -7.28
C TRP A 43 0.65 -2.95 -5.84
N VAL A 44 1.08 -3.98 -5.11
CA VAL A 44 1.48 -3.81 -3.72
C VAL A 44 3.00 -3.64 -3.60
N CYS A 45 3.41 -2.45 -3.19
CA CYS A 45 4.83 -2.14 -3.04
C CYS A 45 5.26 -2.28 -1.58
N CYS A 46 5.84 -3.42 -1.24
CA CYS A 46 6.29 -3.69 0.12
C CYS A 46 7.55 -2.89 0.43
N LEU A 47 7.98 -2.94 1.68
CA LEU A 47 9.18 -2.22 2.12
C LEU A 47 10.43 -2.80 1.48
N PRO A 48 11.51 -2.01 1.45
CA PRO A 48 12.78 -2.43 0.86
C PRO A 48 13.48 -3.50 1.71
N ARG A 49 13.50 -4.73 1.20
CA ARG A 49 14.13 -5.83 1.91
C ARG A 49 14.48 -6.96 0.94
N ASP A 50 13.64 -7.15 -0.07
CA ASP A 50 13.87 -8.20 -1.06
C ASP A 50 14.25 -7.59 -2.42
N SER A 51 14.58 -6.30 -2.41
CA SER A 51 14.96 -5.61 -3.63
C SER A 51 13.75 -5.42 -4.54
N LEU A 52 12.78 -4.64 -4.07
CA LEU A 52 11.58 -4.38 -4.85
C LEU A 52 10.76 -5.65 -5.05
N THR A 53 10.02 -6.05 -4.01
CA THR A 53 9.20 -7.26 -4.06
C THR A 53 7.77 -6.92 -4.42
N LEU A 54 7.59 -5.93 -5.30
CA LEU A 54 6.26 -5.50 -5.72
C LEU A 54 5.46 -6.70 -6.24
N SER A 55 4.28 -6.92 -5.64
CA SER A 55 3.43 -8.03 -6.04
C SER A 55 2.22 -7.52 -6.83
N ALA A 56 2.02 -8.07 -8.02
CA ALA A 56 0.91 -7.68 -8.87
C ALA A 56 -0.08 -8.82 -9.05
N ALA A 57 -1.37 -8.52 -8.89
CA ALA A 57 -2.41 -9.53 -9.03
C ALA A 57 -3.74 -8.88 -9.40
N ASN A 58 -4.48 -9.55 -10.29
CA ASN A 58 -5.78 -9.04 -10.74
C ASN A 58 -6.90 -9.97 -10.29
N SER A 59 -7.65 -9.55 -9.28
CA SER A 59 -8.76 -10.35 -8.77
C SER A 59 -8.29 -11.76 -8.43
N GLU A 60 -7.05 -11.88 -8.00
CA GLU A 60 -6.48 -13.18 -7.64
C GLU A 60 -6.10 -13.21 -6.16
N ASP A 61 -5.77 -12.04 -5.61
CA ASP A 61 -5.38 -11.93 -4.21
C ASP A 61 -6.61 -11.82 -3.31
N GLU A 62 -6.91 -12.89 -2.59
CA GLU A 62 -8.06 -12.90 -1.70
C GLU A 62 -7.75 -13.66 -0.41
N GLY A 63 -6.47 -13.98 -0.22
CA GLY A 63 -6.05 -14.70 0.98
C GLY A 63 -6.32 -13.92 2.25
N GLN A 64 -5.28 -13.33 2.81
CA GLN A 64 -5.41 -12.56 4.04
C GLN A 64 -4.84 -11.15 3.87
N ILE A 65 -5.66 -10.14 4.14
CA ILE A 65 -5.24 -8.75 4.02
C ILE A 65 -5.81 -7.90 5.14
N ARG A 66 -5.01 -6.95 5.62
CA ARG A 66 -5.43 -6.07 6.70
C ARG A 66 -5.31 -4.61 6.28
N TYR A 67 -6.22 -3.78 6.78
CA TYR A 67 -6.22 -2.36 6.46
C TYR A 67 -5.44 -1.56 7.50
N PHE A 68 -4.32 -0.99 7.08
CA PHE A 68 -3.48 -0.19 7.98
C PHE A 68 -3.63 1.31 7.68
N LEU A 69 -3.58 2.11 8.74
CA LEU A 69 -3.71 3.56 8.60
C LEU A 69 -3.50 4.26 9.93
N PRO A 70 -4.36 3.94 10.91
CA PRO A 70 -4.30 4.54 12.25
C PRO A 70 -3.09 4.03 13.04
N ASP A 71 -2.44 2.99 12.52
CA ASP A 71 -1.28 2.41 13.17
C ASP A 71 -1.56 2.12 14.64
N ARG A 72 -2.81 1.74 14.93
CA ARG A 72 -3.21 1.43 16.30
C ARG A 72 -3.88 0.06 16.37
N ASP A 73 -3.59 -0.78 15.38
CA ASP A 73 -4.16 -2.12 15.32
C ASP A 73 -3.22 -3.14 15.94
N GLU A 74 -2.47 -2.72 16.96
CA GLU A 74 -1.53 -3.60 17.63
C GLU A 74 -0.47 -4.10 16.65
N GLY A 75 0.03 -3.20 15.82
CA GLY A 75 1.05 -3.56 14.85
C GLY A 75 2.14 -2.52 14.73
N MET A 76 1.76 -1.25 14.81
CA MET A 76 2.71 -0.15 14.71
C MET A 76 3.89 -0.37 15.66
N MET A 77 3.62 -1.03 16.78
CA MET A 77 4.65 -1.29 17.78
C MET A 77 5.76 -2.16 17.20
N GLU A 78 5.37 -3.16 16.40
CA GLU A 78 6.31 -4.07 15.79
C GLU A 78 6.76 -3.55 14.42
N GLU A 79 5.96 -2.67 13.84
CA GLU A 79 6.26 -2.10 12.53
C GLU A 79 6.82 -0.68 12.68
N GLY A 80 7.32 -0.37 13.86
CA GLY A 80 7.87 0.95 14.12
C GLY A 80 8.77 0.98 15.34
N LYS A 81 8.39 0.24 16.37
CA LYS A 81 9.17 0.19 17.60
C LYS A 81 10.01 -1.09 17.65
N LEU A 82 10.22 -1.70 16.50
CA LEU A 82 11.01 -2.92 16.42
C LEU A 82 12.06 -2.82 15.32
N ASP A 83 11.60 -2.72 14.07
CA ASP A 83 12.50 -2.60 12.93
C ASP A 83 12.44 -1.22 12.32
N ALA A 84 13.59 -0.58 12.20
CA ALA A 84 13.68 0.76 11.63
C ALA A 84 13.10 0.80 10.22
N SER A 85 13.22 -0.32 9.51
CA SER A 85 12.71 -0.41 8.14
C SER A 85 11.21 -0.22 8.12
N CYS A 86 10.51 -0.83 9.07
CA CYS A 86 9.06 -0.73 9.16
C CYS A 86 8.64 0.70 9.46
N ALA A 87 9.29 1.32 10.44
CA ALA A 87 8.98 2.68 10.83
C ALA A 87 9.20 3.65 9.67
N VAL A 88 10.24 3.40 8.89
CA VAL A 88 10.56 4.24 7.74
C VAL A 88 9.52 4.09 6.64
N ALA A 89 9.16 2.85 6.34
CA ALA A 89 8.16 2.59 5.31
C ALA A 89 6.83 3.24 5.64
N ILE A 90 6.40 3.11 6.90
CA ILE A 90 5.14 3.70 7.34
C ILE A 90 5.20 5.21 7.30
N GLU A 91 6.27 5.77 7.86
CA GLU A 91 6.45 7.22 7.89
C GLU A 91 6.41 7.80 6.48
N GLU A 92 6.97 7.07 5.52
CA GLU A 92 7.00 7.52 4.14
C GLU A 92 5.61 7.45 3.52
N ALA A 93 4.91 6.35 3.76
CA ALA A 93 3.57 6.16 3.22
C ALA A 93 2.64 7.27 3.67
N ILE A 94 2.73 7.63 4.94
CA ILE A 94 1.89 8.69 5.50
C ILE A 94 2.37 10.07 5.05
N GLN A 95 3.68 10.21 4.90
CA GLN A 95 4.27 11.48 4.47
C GLN A 95 3.85 11.81 3.04
N LEU A 96 3.63 10.78 2.23
CA LEU A 96 3.23 10.96 0.85
C LEU A 96 1.72 11.10 0.73
N TYR A 97 0.99 10.25 1.46
CA TYR A 97 -0.47 10.27 1.44
C TYR A 97 -0.99 11.63 1.89
N GLU A 98 -0.40 12.17 2.95
CA GLU A 98 -0.81 13.46 3.49
C GLU A 98 -0.30 14.60 2.60
N GLU A 99 0.70 14.30 1.78
CA GLU A 99 1.27 15.30 0.88
C GLU A 99 0.46 15.41 -0.40
N GLN A 100 -0.17 14.31 -0.79
CA GLN A 100 -0.99 14.28 -2.01
C GLN A 100 -2.46 14.48 -1.67
N LEU A 101 -2.87 14.04 -0.49
CA LEU A 101 -4.26 14.16 -0.05
C LEU A 101 -4.74 15.59 -0.18
N LYS A 102 -3.93 16.53 0.32
CA LYS A 102 -4.27 17.95 0.26
C LYS A 102 -4.32 18.44 -1.18
N ALA A 103 -3.35 18.02 -1.98
CA ALA A 103 -3.29 18.42 -3.38
C ALA A 103 -4.61 18.11 -4.10
N GLN A 104 -5.19 16.95 -3.78
CA GLN A 104 -6.44 16.55 -4.40
C GLN A 104 -7.62 16.86 -3.48
N ALA A 105 -7.41 17.78 -2.55
CA ALA A 105 -8.45 18.17 -1.60
C ALA A 105 -8.73 19.67 -1.68
N GLY A 106 -8.42 20.27 -2.83
CA GLY A 106 -8.64 21.69 -3.01
C GLY A 106 -7.54 22.53 -2.38
N GLY A 107 -6.30 22.07 -2.51
CA GLY A 107 -5.18 22.80 -1.94
C GLY A 107 -4.55 23.76 -2.93
N THR A 108 -5.30 24.10 -3.96
CA THR A 108 -4.81 25.02 -4.99
C THR A 108 -3.65 24.41 -5.77
N ASN A 109 -3.94 23.31 -6.48
CA ASN A 109 -2.91 22.62 -7.26
C ASN A 109 -1.68 22.33 -6.42
N GLU A 110 -1.90 21.95 -5.16
CA GLU A 110 -0.80 21.63 -4.25
C GLU A 110 0.06 22.88 -4.00
N MET A 1 -10.93 9.83 -11.34
CA MET A 1 -9.50 9.89 -11.11
C MET A 1 -9.11 9.20 -9.81
N ILE A 2 -9.74 8.06 -9.55
CA ILE A 2 -9.47 7.30 -8.33
C ILE A 2 -9.21 5.83 -8.65
N PRO A 3 -8.07 5.54 -9.27
CA PRO A 3 -7.68 4.18 -9.64
C PRO A 3 -7.36 3.31 -8.42
N SER A 4 -7.69 2.03 -8.50
CA SER A 4 -7.45 1.10 -7.41
C SER A 4 -8.08 1.61 -6.12
N PHE A 5 -9.19 2.31 -6.24
CA PHE A 5 -9.90 2.85 -5.08
C PHE A 5 -8.94 3.60 -4.17
N ALA A 6 -8.73 4.88 -4.47
CA ALA A 6 -7.83 5.70 -3.67
C ALA A 6 -6.40 5.19 -3.73
N PRO A 7 -5.68 5.58 -4.80
CA PRO A 7 -4.29 5.16 -5.01
C PRO A 7 -3.34 5.82 -4.02
N GLY A 8 -2.59 4.99 -3.28
CA GLY A 8 -1.65 5.51 -2.31
C GLY A 8 -2.00 5.10 -0.90
N THR A 9 -2.81 4.06 -0.76
CA THR A 9 -3.23 3.57 0.54
C THR A 9 -2.32 2.45 1.04
N LEU A 10 -1.89 2.55 2.28
CA LEU A 10 -1.02 1.54 2.87
C LEU A 10 -1.82 0.49 3.62
N VAL A 11 -1.62 -0.77 3.26
CA VAL A 11 -2.32 -1.88 3.91
C VAL A 11 -1.36 -2.99 4.31
N TRP A 12 -1.90 -4.07 4.85
CA TRP A 12 -1.09 -5.20 5.29
C TRP A 12 -1.44 -6.46 4.50
N LEU A 13 -0.42 -7.16 4.01
CA LEU A 13 -0.62 -8.37 3.24
C LEU A 13 -0.07 -9.59 3.98
N LYS A 14 -0.96 -10.52 4.35
CA LYS A 14 -0.55 -11.72 5.06
C LYS A 14 -0.60 -12.94 4.14
N GLN A 15 0.55 -13.59 3.96
CA GLN A 15 0.64 -14.76 3.10
C GLN A 15 0.00 -15.98 3.78
N ASP A 16 0.04 -17.11 3.10
CA ASP A 16 -0.53 -18.34 3.63
C ASP A 16 0.20 -18.79 4.89
N ARG A 17 1.50 -19.01 4.76
CA ARG A 17 2.33 -19.44 5.90
C ARG A 17 3.26 -18.31 6.34
N PHE A 18 3.54 -17.38 5.44
CA PHE A 18 4.42 -16.26 5.74
C PHE A 18 3.68 -15.20 6.56
N PRO A 19 4.45 -14.38 7.29
CA PRO A 19 3.90 -13.31 8.12
C PRO A 19 3.30 -12.18 7.29
N TRP A 20 2.65 -11.24 7.98
CA TRP A 20 2.04 -10.10 7.29
C TRP A 20 3.00 -8.92 7.22
N TRP A 21 3.19 -8.39 6.02
CA TRP A 21 4.08 -7.26 5.81
C TRP A 21 3.34 -6.08 5.19
N PRO A 22 3.85 -4.86 5.43
CA PRO A 22 3.26 -3.63 4.90
C PRO A 22 3.43 -3.50 3.39
N GLY A 23 2.45 -2.87 2.75
CA GLY A 23 2.52 -2.70 1.31
C GLY A 23 1.64 -1.56 0.82
N PHE A 24 2.20 -0.70 -0.02
CA PHE A 24 1.45 0.44 -0.56
C PHE A 24 0.65 0.03 -1.78
N VAL A 25 -0.67 0.18 -1.69
CA VAL A 25 -1.56 -0.17 -2.79
C VAL A 25 -1.44 0.83 -3.94
N MET A 26 -1.00 0.34 -5.09
CA MET A 26 -0.84 1.20 -6.27
C MET A 26 -1.38 0.51 -7.51
N ASP A 27 -2.02 1.28 -8.39
CA ASP A 27 -2.59 0.75 -9.62
C ASP A 27 -1.53 0.71 -10.72
N PRO A 28 -1.65 -0.29 -11.62
CA PRO A 28 -0.72 -0.47 -12.74
C PRO A 28 -0.87 0.63 -13.78
N ASP A 29 -2.10 1.00 -14.07
CA ASP A 29 -2.37 2.04 -15.06
C ASP A 29 -3.88 2.32 -15.15
N GLU A 30 -4.50 2.56 -13.99
CA GLU A 30 -5.92 2.84 -13.94
C GLU A 30 -6.74 1.64 -14.41
N VAL A 31 -6.90 0.67 -13.53
CA VAL A 31 -7.66 -0.54 -13.84
C VAL A 31 -9.11 -0.41 -13.40
N ARG A 32 -9.53 0.82 -13.12
CA ARG A 32 -10.90 1.09 -12.69
C ARG A 32 -11.78 1.46 -13.87
N ASP A 33 -11.18 2.14 -14.86
CA ASP A 33 -11.91 2.56 -16.05
C ASP A 33 -11.57 1.68 -17.24
N ILE A 34 -10.32 1.23 -17.29
CA ILE A 34 -9.85 0.38 -18.38
C ILE A 34 -9.48 -1.01 -17.87
N THR A 35 -10.29 -2.01 -18.25
CA THR A 35 -10.05 -3.37 -17.84
C THR A 35 -9.56 -4.23 -19.01
N LEU A 36 -8.27 -4.53 -19.01
CA LEU A 36 -7.67 -5.33 -20.08
C LEU A 36 -7.14 -6.65 -19.53
N PRO A 37 -7.09 -7.67 -20.38
CA PRO A 37 -6.59 -9.01 -20.01
C PRO A 37 -5.08 -9.02 -19.75
N GLU A 38 -4.69 -9.60 -18.62
CA GLU A 38 -3.28 -9.68 -18.26
C GLU A 38 -3.07 -10.63 -17.09
N GLY A 39 -3.62 -10.27 -15.93
CA GLY A 39 -3.48 -11.10 -14.75
C GLY A 39 -3.05 -10.32 -13.54
N SER A 40 -2.81 -9.02 -13.72
CA SER A 40 -2.37 -8.16 -12.63
C SER A 40 -3.11 -6.82 -12.66
N ASP A 41 -4.04 -6.66 -11.72
CA ASP A 41 -4.83 -5.43 -11.64
C ASP A 41 -4.36 -4.57 -10.48
N VAL A 42 -3.85 -5.22 -9.44
CA VAL A 42 -3.37 -4.50 -8.25
C VAL A 42 -1.86 -4.68 -8.09
N TRP A 43 -1.19 -3.60 -7.73
CA TRP A 43 0.26 -3.63 -7.54
C TRP A 43 0.63 -3.20 -6.12
N VAL A 44 0.99 -4.17 -5.28
CA VAL A 44 1.36 -3.88 -3.90
C VAL A 44 2.87 -3.70 -3.77
N CYS A 45 3.28 -2.50 -3.37
CA CYS A 45 4.70 -2.21 -3.21
C CYS A 45 5.11 -2.32 -1.75
N CYS A 46 5.69 -3.46 -1.38
CA CYS A 46 6.13 -3.70 -0.01
C CYS A 46 7.43 -2.97 0.27
N LEU A 47 7.86 -3.01 1.53
CA LEU A 47 9.10 -2.34 1.94
C LEU A 47 10.31 -3.03 1.32
N PRO A 48 11.43 -2.30 1.26
CA PRO A 48 12.68 -2.83 0.69
C PRO A 48 13.31 -3.90 1.57
N ARG A 49 13.26 -5.15 1.11
CA ARG A 49 13.82 -6.27 1.85
C ARG A 49 14.13 -7.44 0.93
N ASP A 50 13.28 -7.61 -0.10
CA ASP A 50 13.46 -8.70 -1.05
C ASP A 50 13.86 -8.15 -2.42
N SER A 51 14.26 -6.88 -2.46
CA SER A 51 14.66 -6.25 -3.70
C SER A 51 13.46 -6.02 -4.61
N LEU A 52 12.54 -5.18 -4.17
CA LEU A 52 11.34 -4.87 -4.94
C LEU A 52 10.45 -6.11 -5.09
N THR A 53 9.71 -6.43 -4.03
CA THR A 53 8.83 -7.59 -4.04
C THR A 53 7.41 -7.20 -4.44
N LEU A 54 7.31 -6.31 -5.43
CA LEU A 54 6.01 -5.85 -5.92
C LEU A 54 5.12 -7.04 -6.28
N SER A 55 3.95 -7.10 -5.65
CA SER A 55 3.00 -8.19 -5.91
C SER A 55 1.94 -7.76 -6.90
N ALA A 56 1.87 -8.45 -8.04
CA ALA A 56 0.90 -8.14 -9.06
C ALA A 56 -0.11 -9.27 -9.24
N ALA A 57 -1.39 -8.95 -9.07
CA ALA A 57 -2.45 -9.94 -9.22
C ALA A 57 -3.77 -9.28 -9.59
N ASN A 58 -4.56 -9.97 -10.43
CA ASN A 58 -5.84 -9.45 -10.86
C ASN A 58 -6.98 -10.34 -10.36
N SER A 59 -7.69 -9.85 -9.35
CA SER A 59 -8.81 -10.60 -8.78
C SER A 59 -8.37 -12.00 -8.37
N GLU A 60 -7.11 -12.12 -7.96
CA GLU A 60 -6.56 -13.40 -7.54
C GLU A 60 -6.14 -13.37 -6.07
N ASP A 61 -5.78 -12.17 -5.60
CA ASP A 61 -5.35 -11.99 -4.22
C ASP A 61 -6.53 -11.65 -3.33
N GLU A 62 -6.94 -12.61 -2.49
CA GLU A 62 -8.07 -12.40 -1.59
C GLU A 62 -7.86 -13.17 -0.29
N GLY A 63 -6.61 -13.52 0.00
CA GLY A 63 -6.31 -14.27 1.21
C GLY A 63 -6.57 -13.47 2.47
N GLN A 64 -5.50 -12.91 3.04
CA GLN A 64 -5.61 -12.12 4.25
C GLN A 64 -5.03 -10.72 4.04
N ILE A 65 -5.83 -9.70 4.31
CA ILE A 65 -5.40 -8.32 4.14
C ILE A 65 -6.02 -7.42 5.22
N ARG A 66 -5.25 -6.45 5.69
CA ARG A 66 -5.72 -5.52 6.71
C ARG A 66 -5.48 -4.08 6.28
N TYR A 67 -6.36 -3.18 6.70
CA TYR A 67 -6.25 -1.77 6.37
C TYR A 67 -5.37 -1.03 7.37
N PHE A 68 -4.29 -0.43 6.88
CA PHE A 68 -3.37 0.30 7.74
C PHE A 68 -3.49 1.80 7.52
N LEU A 69 -3.35 2.58 8.59
CA LEU A 69 -3.45 4.02 8.51
C LEU A 69 -3.18 4.67 9.87
N PRO A 70 -4.02 4.33 10.85
CA PRO A 70 -3.89 4.85 12.22
C PRO A 70 -2.67 4.30 12.94
N ASP A 71 -2.01 3.33 12.32
CA ASP A 71 -0.82 2.72 12.91
C ASP A 71 -1.04 2.39 14.37
N ARG A 72 -2.27 2.02 14.72
CA ARG A 72 -2.62 1.68 16.09
C ARG A 72 -3.40 0.37 16.15
N ASP A 73 -3.21 -0.47 15.14
CA ASP A 73 -3.89 -1.75 15.07
C ASP A 73 -3.03 -2.87 15.65
N GLU A 74 -2.24 -2.53 16.66
CA GLU A 74 -1.35 -3.49 17.30
C GLU A 74 -0.36 -4.08 16.29
N GLY A 75 0.21 -3.21 15.45
CA GLY A 75 1.16 -3.66 14.46
C GLY A 75 2.29 -2.67 14.25
N MET A 76 1.97 -1.38 14.33
CA MET A 76 2.97 -0.34 14.15
C MET A 76 4.19 -0.60 15.03
N MET A 77 3.96 -1.22 16.18
CA MET A 77 5.05 -1.54 17.11
C MET A 77 6.09 -2.44 16.45
N GLU A 78 5.60 -3.42 15.68
CA GLU A 78 6.49 -4.36 15.00
C GLU A 78 6.86 -3.84 13.61
N GLU A 79 6.05 -2.93 13.09
CA GLU A 79 6.29 -2.37 11.77
C GLU A 79 6.90 -0.97 11.88
N GLY A 80 7.48 -0.68 13.03
CA GLY A 80 8.09 0.62 13.25
C GLY A 80 9.04 0.62 14.44
N LYS A 81 8.64 -0.07 15.51
CA LYS A 81 9.46 -0.14 16.72
C LYS A 81 10.25 -1.44 16.75
N LEU A 82 10.43 -2.05 15.59
CA LEU A 82 11.18 -3.30 15.49
C LEU A 82 12.22 -3.24 14.37
N ASP A 83 11.75 -2.94 13.16
CA ASP A 83 12.63 -2.84 12.01
C ASP A 83 12.62 -1.43 11.43
N ALA A 84 13.80 -0.83 11.34
CA ALA A 84 13.92 0.53 10.80
C ALA A 84 13.35 0.62 9.39
N SER A 85 13.37 -0.51 8.68
CA SER A 85 12.86 -0.55 7.31
C SER A 85 11.35 -0.33 7.29
N CYS A 86 10.65 -0.93 8.25
CA CYS A 86 9.21 -0.79 8.34
C CYS A 86 8.81 0.62 8.76
N ALA A 87 9.53 1.17 9.74
CA ALA A 87 9.26 2.51 10.23
C ALA A 87 9.49 3.55 9.13
N VAL A 88 10.57 3.37 8.37
CA VAL A 88 10.90 4.29 7.29
C VAL A 88 9.90 4.17 6.14
N ALA A 89 9.51 2.94 5.83
CA ALA A 89 8.57 2.69 4.75
C ALA A 89 7.21 3.34 5.05
N ILE A 90 6.74 3.17 6.28
CA ILE A 90 5.46 3.74 6.68
C ILE A 90 5.52 5.27 6.75
N GLU A 91 6.57 5.77 7.39
CA GLU A 91 6.75 7.21 7.53
C GLU A 91 6.81 7.88 6.16
N GLU A 92 7.43 7.20 5.20
CA GLU A 92 7.56 7.73 3.85
C GLU A 92 6.21 7.70 3.12
N ALA A 93 5.51 6.58 3.24
CA ALA A 93 4.22 6.42 2.60
C ALA A 93 3.25 7.51 3.03
N ILE A 94 3.22 7.78 4.34
CA ILE A 94 2.35 8.81 4.89
C ILE A 94 2.87 10.21 4.57
N GLN A 95 4.19 10.35 4.52
CA GLN A 95 4.81 11.64 4.23
C GLN A 95 4.50 12.08 2.80
N LEU A 96 4.33 11.11 1.92
CA LEU A 96 4.03 11.39 0.51
C LEU A 96 2.53 11.54 0.30
N TYR A 97 1.76 10.64 0.92
CA TYR A 97 0.30 10.68 0.79
C TYR A 97 -0.26 12.01 1.30
N GLU A 98 0.26 12.46 2.44
CA GLU A 98 -0.18 13.71 3.03
C GLU A 98 0.39 14.91 2.28
N GLU A 99 1.45 14.67 1.51
CA GLU A 99 2.11 15.72 0.75
C GLU A 99 1.39 15.94 -0.59
N GLN A 100 0.78 14.88 -1.11
CA GLN A 100 0.06 14.96 -2.37
C GLN A 100 -1.43 15.14 -2.15
N LEU A 101 -1.93 14.60 -1.04
CA LEU A 101 -3.34 14.70 -0.70
C LEU A 101 -3.82 16.15 -0.76
N LYS A 102 -3.05 17.04 -0.13
CA LYS A 102 -3.38 18.46 -0.11
C LYS A 102 -3.21 19.07 -1.51
N ALA A 103 -2.28 18.54 -2.28
CA ALA A 103 -2.02 19.03 -3.62
C ALA A 103 -3.23 18.83 -4.52
N GLN A 104 -3.95 17.73 -4.29
CA GLN A 104 -5.13 17.42 -5.10
C GLN A 104 -6.41 17.73 -4.32
N ALA A 105 -6.28 18.59 -3.30
CA ALA A 105 -7.43 18.97 -2.49
C ALA A 105 -7.72 20.46 -2.62
N GLY A 106 -7.30 21.05 -3.74
CA GLY A 106 -7.53 22.47 -3.97
C GLY A 106 -6.24 23.27 -3.93
N GLY A 107 -5.24 22.76 -3.21
CA GLY A 107 -3.98 23.45 -3.10
C GLY A 107 -3.79 24.13 -1.77
N THR A 108 -3.71 23.33 -0.71
CA THR A 108 -3.53 23.86 0.64
C THR A 108 -4.76 24.66 1.08
N ASN A 109 -5.89 23.97 1.19
CA ASN A 109 -7.14 24.62 1.60
C ASN A 109 -7.49 25.76 0.67
N GLU A 110 -7.22 25.58 -0.63
CA GLU A 110 -7.51 26.61 -1.62
C GLU A 110 -6.88 27.94 -1.22
N MET A 1 -10.52 11.01 -10.38
CA MET A 1 -9.77 9.78 -10.60
C MET A 1 -9.36 9.15 -9.28
N ILE A 2 -9.92 7.98 -8.98
CA ILE A 2 -9.60 7.27 -7.75
C ILE A 2 -9.35 5.79 -8.01
N PRO A 3 -8.19 5.48 -8.60
CA PRO A 3 -7.79 4.11 -8.92
C PRO A 3 -7.48 3.29 -7.67
N SER A 4 -7.82 2.00 -7.71
CA SER A 4 -7.59 1.11 -6.59
C SER A 4 -8.23 1.66 -5.31
N PHE A 5 -9.35 2.35 -5.49
CA PHE A 5 -10.07 2.93 -4.36
C PHE A 5 -9.11 3.71 -3.45
N ALA A 6 -8.88 4.97 -3.79
CA ALA A 6 -8.00 5.82 -3.00
C ALA A 6 -6.56 5.30 -3.05
N PRO A 7 -5.83 5.66 -4.12
CA PRO A 7 -4.45 5.24 -4.31
C PRO A 7 -3.50 5.92 -3.32
N GLY A 8 -2.59 5.14 -2.74
CA GLY A 8 -1.64 5.68 -1.80
C GLY A 8 -1.93 5.23 -0.37
N THR A 9 -2.62 4.10 -0.24
CA THR A 9 -2.96 3.57 1.07
C THR A 9 -2.06 2.40 1.44
N LEU A 10 -1.53 2.42 2.65
CA LEU A 10 -0.65 1.35 3.12
C LEU A 10 -1.44 0.29 3.89
N VAL A 11 -1.46 -0.93 3.36
CA VAL A 11 -2.18 -2.03 4.00
C VAL A 11 -1.23 -3.16 4.38
N TRP A 12 -1.78 -4.23 4.92
CA TRP A 12 -0.98 -5.39 5.32
C TRP A 12 -1.34 -6.62 4.50
N LEU A 13 -0.32 -7.32 4.02
CA LEU A 13 -0.53 -8.52 3.22
C LEU A 13 -0.01 -9.76 3.95
N LYS A 14 -0.94 -10.64 4.32
CA LYS A 14 -0.58 -11.86 5.03
C LYS A 14 -0.70 -13.07 4.11
N GLN A 15 0.42 -13.73 3.85
CA GLN A 15 0.44 -14.91 2.98
C GLN A 15 0.03 -16.16 3.75
N ASP A 16 -0.33 -17.20 3.02
CA ASP A 16 -0.74 -18.46 3.64
C ASP A 16 0.39 -19.06 4.46
N ARG A 17 1.53 -19.32 3.80
CA ARG A 17 2.68 -19.89 4.48
C ARG A 17 3.63 -18.81 4.98
N PHE A 18 3.56 -17.64 4.33
CA PHE A 18 4.41 -16.51 4.71
C PHE A 18 3.69 -15.60 5.70
N PRO A 19 4.48 -14.84 6.47
CA PRO A 19 3.94 -13.91 7.47
C PRO A 19 3.24 -12.71 6.84
N TRP A 20 2.97 -11.70 7.64
CA TRP A 20 2.30 -10.50 7.16
C TRP A 20 3.27 -9.33 7.08
N TRP A 21 3.39 -8.74 5.89
CA TRP A 21 4.29 -7.61 5.67
C TRP A 21 3.52 -6.41 5.11
N PRO A 22 4.06 -5.21 5.35
CA PRO A 22 3.44 -3.97 4.87
C PRO A 22 3.55 -3.81 3.36
N GLY A 23 2.57 -3.15 2.76
CA GLY A 23 2.58 -2.94 1.33
C GLY A 23 1.72 -1.76 0.90
N PHE A 24 2.29 -0.88 0.09
CA PHE A 24 1.58 0.30 -0.37
C PHE A 24 0.70 -0.04 -1.57
N VAL A 25 -0.55 0.37 -1.52
CA VAL A 25 -1.49 0.11 -2.61
C VAL A 25 -1.31 1.10 -3.75
N MET A 26 -0.92 0.59 -4.92
CA MET A 26 -0.71 1.43 -6.09
C MET A 26 -1.31 0.79 -7.34
N ASP A 27 -1.89 1.61 -8.19
CA ASP A 27 -2.51 1.13 -9.43
C ASP A 27 -1.53 1.24 -10.60
N PRO A 28 -1.51 0.22 -11.46
CA PRO A 28 -0.63 0.18 -12.63
C PRO A 28 -1.05 1.19 -13.70
N ASP A 29 -2.36 1.37 -13.85
CA ASP A 29 -2.90 2.30 -14.83
C ASP A 29 -4.41 2.39 -14.73
N GLU A 30 -4.91 2.72 -13.54
CA GLU A 30 -6.35 2.84 -13.31
C GLU A 30 -7.08 1.59 -13.81
N VAL A 31 -7.19 0.59 -12.95
CA VAL A 31 -7.86 -0.66 -13.30
C VAL A 31 -9.29 -0.68 -12.76
N ARG A 32 -9.79 0.49 -12.37
CA ARG A 32 -11.14 0.60 -11.84
C ARG A 32 -12.14 0.90 -12.95
N ASP A 33 -11.69 1.64 -13.96
CA ASP A 33 -12.55 2.01 -15.08
C ASP A 33 -12.23 1.14 -16.30
N ILE A 34 -10.96 0.79 -16.45
CA ILE A 34 -10.53 -0.03 -17.58
C ILE A 34 -9.99 -1.37 -17.11
N THR A 35 -10.74 -2.44 -17.38
CA THR A 35 -10.34 -3.78 -16.98
C THR A 35 -9.92 -4.61 -18.19
N LEU A 36 -8.62 -4.79 -18.37
CA LEU A 36 -8.10 -5.57 -19.48
C LEU A 36 -7.36 -6.81 -18.98
N PRO A 37 -7.32 -7.86 -19.83
CA PRO A 37 -6.66 -9.11 -19.50
C PRO A 37 -5.14 -8.97 -19.44
N GLU A 38 -4.54 -9.48 -18.37
CA GLU A 38 -3.10 -9.41 -18.19
C GLU A 38 -2.63 -10.38 -17.10
N GLY A 39 -2.98 -10.08 -15.86
CA GLY A 39 -2.60 -10.93 -14.76
C GLY A 39 -2.26 -10.13 -13.50
N SER A 40 -2.08 -8.82 -13.67
CA SER A 40 -1.74 -7.95 -12.56
C SER A 40 -2.55 -6.66 -12.60
N ASP A 41 -3.52 -6.54 -11.70
CA ASP A 41 -4.36 -5.36 -11.64
C ASP A 41 -3.97 -4.47 -10.47
N VAL A 42 -3.46 -5.09 -9.41
CA VAL A 42 -3.05 -4.35 -8.21
C VAL A 42 -1.54 -4.44 -8.01
N TRP A 43 -0.93 -3.32 -7.63
CA TRP A 43 0.51 -3.27 -7.40
C TRP A 43 0.82 -2.95 -5.95
N VAL A 44 1.36 -3.93 -5.23
CA VAL A 44 1.69 -3.76 -3.82
C VAL A 44 3.19 -3.53 -3.65
N CYS A 45 3.57 -2.34 -3.21
CA CYS A 45 4.97 -2.00 -3.00
C CYS A 45 5.35 -2.16 -1.53
N CYS A 46 5.95 -3.30 -1.20
CA CYS A 46 6.36 -3.57 0.18
C CYS A 46 7.63 -2.81 0.53
N LEU A 47 8.05 -2.88 1.79
CA LEU A 47 9.25 -2.19 2.25
C LEU A 47 10.49 -2.81 1.63
N PRO A 48 11.58 -2.02 1.59
CA PRO A 48 12.86 -2.46 1.03
C PRO A 48 13.53 -3.54 1.88
N ARG A 49 13.54 -4.77 1.38
CA ARG A 49 14.16 -5.87 2.11
C ARG A 49 14.52 -7.02 1.15
N ASP A 50 13.69 -7.19 0.13
CA ASP A 50 13.93 -8.25 -0.86
C ASP A 50 14.33 -7.66 -2.20
N SER A 51 14.67 -6.37 -2.20
CA SER A 51 15.07 -5.69 -3.42
C SER A 51 13.87 -5.48 -4.35
N LEU A 52 12.91 -4.68 -3.89
CA LEU A 52 11.72 -4.41 -4.67
C LEU A 52 10.88 -5.67 -4.87
N THR A 53 10.14 -6.04 -3.83
CA THR A 53 9.29 -7.24 -3.89
C THR A 53 7.88 -6.88 -4.30
N LEU A 54 7.75 -5.98 -5.27
CA LEU A 54 6.44 -5.55 -5.77
C LEU A 54 5.60 -6.75 -6.17
N SER A 55 4.42 -6.88 -5.55
CA SER A 55 3.53 -7.99 -5.84
C SER A 55 2.41 -7.54 -6.79
N ALA A 56 2.33 -8.19 -7.95
CA ALA A 56 1.31 -7.87 -8.95
C ALA A 56 0.35 -9.02 -9.14
N ALA A 57 -0.94 -8.75 -9.00
CA ALA A 57 -1.97 -9.77 -9.16
C ALA A 57 -3.31 -9.16 -9.55
N ASN A 58 -4.05 -9.85 -10.40
CA ASN A 58 -5.35 -9.37 -10.85
C ASN A 58 -6.47 -10.29 -10.39
N SER A 59 -7.23 -9.84 -9.39
CA SER A 59 -8.33 -10.62 -8.84
C SER A 59 -7.86 -12.00 -8.42
N GLU A 60 -6.60 -12.08 -7.99
CA GLU A 60 -6.02 -13.35 -7.55
C GLU A 60 -5.63 -13.30 -6.08
N ASP A 61 -5.32 -12.10 -5.60
CA ASP A 61 -4.93 -11.91 -4.20
C ASP A 61 -6.12 -11.45 -3.36
N GLU A 62 -6.62 -12.35 -2.52
CA GLU A 62 -7.76 -12.04 -1.68
C GLU A 62 -7.73 -12.89 -0.40
N GLY A 63 -6.55 -13.41 -0.06
CA GLY A 63 -6.42 -14.22 1.13
C GLY A 63 -6.64 -13.43 2.40
N GLN A 64 -5.54 -12.94 2.98
CA GLN A 64 -5.63 -12.17 4.22
C GLN A 64 -5.01 -10.78 4.03
N ILE A 65 -5.79 -9.76 4.33
CA ILE A 65 -5.33 -8.37 4.20
C ILE A 65 -5.90 -7.50 5.31
N ARG A 66 -5.09 -6.56 5.78
CA ARG A 66 -5.50 -5.65 6.84
C ARG A 66 -5.30 -4.19 6.42
N TYR A 67 -6.18 -3.32 6.89
CA TYR A 67 -6.10 -1.90 6.57
C TYR A 67 -5.20 -1.17 7.57
N PHE A 68 -4.13 -0.55 7.06
CA PHE A 68 -3.21 0.18 7.91
C PHE A 68 -3.27 1.68 7.62
N LEU A 69 -3.14 2.49 8.66
CA LEU A 69 -3.17 3.94 8.52
C LEU A 69 -2.93 4.63 9.85
N PRO A 70 -3.82 4.36 10.82
CA PRO A 70 -3.72 4.94 12.17
C PRO A 70 -2.54 4.38 12.96
N ASP A 71 -1.94 3.31 12.44
CA ASP A 71 -0.79 2.68 13.09
C ASP A 71 -1.11 2.39 14.55
N ARG A 72 -2.36 2.06 14.84
CA ARG A 72 -2.79 1.76 16.20
C ARG A 72 -3.50 0.41 16.26
N ASP A 73 -3.23 -0.44 15.27
CA ASP A 73 -3.84 -1.76 15.21
C ASP A 73 -2.94 -2.81 15.84
N GLU A 74 -2.20 -2.41 16.87
CA GLU A 74 -1.28 -3.32 17.56
C GLU A 74 -0.23 -3.86 16.59
N GLY A 75 0.31 -2.97 15.77
CA GLY A 75 1.33 -3.38 14.80
C GLY A 75 2.46 -2.38 14.71
N MET A 76 2.13 -1.10 14.79
CA MET A 76 3.14 -0.05 14.72
C MET A 76 4.28 -0.31 15.69
N MET A 77 3.97 -0.98 16.80
CA MET A 77 4.96 -1.29 17.81
C MET A 77 6.04 -2.21 17.25
N GLU A 78 5.62 -3.18 16.45
CA GLU A 78 6.55 -4.12 15.84
C GLU A 78 7.05 -3.62 14.49
N GLU A 79 6.28 -2.70 13.89
CA GLU A 79 6.64 -2.14 12.59
C GLU A 79 7.21 -0.73 12.75
N GLY A 80 7.67 -0.42 13.96
CA GLY A 80 8.24 0.89 14.23
C GLY A 80 9.12 0.90 15.46
N LYS A 81 8.71 0.16 16.48
CA LYS A 81 9.46 0.10 17.73
C LYS A 81 10.27 -1.21 17.81
N LEU A 82 10.50 -1.83 16.65
CA LEU A 82 11.25 -3.07 16.59
C LEU A 82 12.35 -2.99 15.53
N ASP A 83 11.94 -2.75 14.29
CA ASP A 83 12.89 -2.65 13.18
C ASP A 83 12.85 -1.26 12.56
N ALA A 84 14.02 -0.63 12.48
CA ALA A 84 14.12 0.71 11.90
C ALA A 84 13.60 0.74 10.47
N SER A 85 13.71 -0.39 9.79
CA SER A 85 13.25 -0.49 8.41
C SER A 85 11.73 -0.31 8.32
N CYS A 86 11.02 -0.90 9.28
CA CYS A 86 9.57 -0.80 9.31
C CYS A 86 9.12 0.63 9.61
N ALA A 87 9.75 1.25 10.60
CA ALA A 87 9.43 2.61 10.97
C ALA A 87 9.68 3.58 9.82
N VAL A 88 10.79 3.37 9.11
CA VAL A 88 11.15 4.22 7.99
C VAL A 88 10.16 4.05 6.83
N ALA A 89 9.82 2.80 6.54
CA ALA A 89 8.88 2.51 5.46
C ALA A 89 7.53 3.16 5.71
N ILE A 90 7.04 3.05 6.94
CA ILE A 90 5.76 3.65 7.31
C ILE A 90 5.81 5.17 7.23
N GLU A 91 6.85 5.75 7.82
CA GLU A 91 7.02 7.20 7.82
C GLU A 91 7.04 7.74 6.39
N GLU A 92 7.65 6.98 5.49
CA GLU A 92 7.75 7.38 4.09
C GLU A 92 6.39 7.29 3.40
N ALA A 93 5.68 6.19 3.66
CA ALA A 93 4.37 5.97 3.06
C ALA A 93 3.40 7.10 3.44
N ILE A 94 3.43 7.50 4.70
CA ILE A 94 2.56 8.56 5.18
C ILE A 94 3.05 9.93 4.70
N GLN A 95 4.36 10.08 4.61
CA GLN A 95 4.96 11.34 4.17
C GLN A 95 4.62 11.61 2.71
N LEU A 96 4.46 10.55 1.93
CA LEU A 96 4.13 10.67 0.52
C LEU A 96 2.62 10.82 0.31
N TYR A 97 1.86 9.99 1.03
CA TYR A 97 0.41 10.02 0.92
C TYR A 97 -0.13 11.40 1.32
N GLU A 98 0.41 11.95 2.39
CA GLU A 98 -0.02 13.27 2.87
C GLU A 98 0.55 14.38 1.98
N GLU A 99 1.60 14.05 1.24
CA GLU A 99 2.24 15.02 0.35
C GLU A 99 1.50 15.11 -0.98
N GLN A 100 0.88 14.01 -1.38
CA GLN A 100 0.14 13.96 -2.64
C GLN A 100 -1.35 14.19 -2.40
N LEU A 101 -1.83 13.77 -1.24
CA LEU A 101 -3.24 13.91 -0.89
C LEU A 101 -3.70 15.35 -1.08
N LYS A 102 -2.92 16.29 -0.56
CA LYS A 102 -3.24 17.71 -0.68
C LYS A 102 -3.07 18.19 -2.12
N ALA A 103 -2.19 17.52 -2.86
CA ALA A 103 -1.95 17.88 -4.25
C ALA A 103 -3.18 17.67 -5.10
N GLN A 104 -3.92 16.60 -4.82
CA GLN A 104 -5.14 16.29 -5.55
C GLN A 104 -6.38 16.71 -4.77
N ALA A 105 -6.19 17.62 -3.82
CA ALA A 105 -7.30 18.10 -2.99
C ALA A 105 -7.50 19.60 -3.17
N GLY A 106 -7.06 20.12 -4.32
CA GLY A 106 -7.20 21.54 -4.59
C GLY A 106 -5.87 22.26 -4.63
N GLY A 107 -4.89 21.72 -3.90
CA GLY A 107 -3.58 22.33 -3.87
C GLY A 107 -3.39 23.23 -2.66
N THR A 108 -3.49 22.66 -1.46
CA THR A 108 -3.33 23.42 -0.24
C THR A 108 -4.46 24.42 -0.05
N ASN A 109 -5.69 23.91 0.07
CA ASN A 109 -6.86 24.76 0.24
C ASN A 109 -6.93 25.82 -0.85
N GLU A 110 -6.51 25.45 -2.06
CA GLU A 110 -6.52 26.37 -3.19
C GLU A 110 -5.68 27.60 -2.89
N MET A 1 -11.23 9.37 -11.62
CA MET A 1 -9.78 9.34 -11.52
C MET A 1 -9.32 8.68 -10.23
N ILE A 2 -9.94 7.56 -9.89
CA ILE A 2 -9.59 6.83 -8.68
C ILE A 2 -9.26 5.38 -8.99
N PRO A 3 -8.11 5.16 -9.62
CA PRO A 3 -7.64 3.82 -9.98
C PRO A 3 -7.23 3.00 -8.77
N SER A 4 -7.55 1.71 -8.80
CA SER A 4 -7.21 0.81 -7.70
C SER A 4 -7.88 1.28 -6.41
N PHE A 5 -9.05 1.88 -6.54
CA PHE A 5 -9.79 2.39 -5.38
C PHE A 5 -8.88 3.22 -4.47
N ALA A 6 -8.77 4.51 -4.77
CA ALA A 6 -7.94 5.41 -3.98
C ALA A 6 -6.47 4.99 -4.03
N PRO A 7 -5.79 5.37 -5.11
CA PRO A 7 -4.37 5.04 -5.30
C PRO A 7 -3.46 5.79 -4.34
N GLY A 8 -2.58 5.06 -3.67
CA GLY A 8 -1.67 5.67 -2.71
C GLY A 8 -1.98 5.29 -1.28
N THR A 9 -2.70 4.18 -1.11
CA THR A 9 -3.07 3.72 0.23
C THR A 9 -2.18 2.55 0.67
N LEU A 10 -1.67 2.65 1.89
CA LEU A 10 -0.80 1.61 2.43
C LEU A 10 -1.61 0.61 3.26
N VAL A 11 -1.42 -0.68 2.98
CA VAL A 11 -2.12 -1.73 3.71
C VAL A 11 -1.16 -2.84 4.14
N TRP A 12 -1.72 -3.89 4.72
CA TRP A 12 -0.92 -5.03 5.18
C TRP A 12 -1.31 -6.30 4.44
N LEU A 13 -0.32 -7.03 3.97
CA LEU A 13 -0.57 -8.28 3.24
C LEU A 13 0.00 -9.48 4.01
N LYS A 14 -0.89 -10.38 4.43
CA LYS A 14 -0.49 -11.57 5.17
C LYS A 14 -0.57 -12.81 4.29
N GLN A 15 0.56 -13.48 4.11
CA GLN A 15 0.61 -14.69 3.29
C GLN A 15 0.02 -15.88 4.04
N ASP A 16 -0.08 -17.01 3.35
CA ASP A 16 -0.62 -18.22 3.95
C ASP A 16 0.20 -18.64 5.17
N ARG A 17 1.47 -18.94 4.95
CA ARG A 17 2.36 -19.36 6.03
C ARG A 17 3.26 -18.21 6.47
N PHE A 18 3.49 -17.26 5.56
CA PHE A 18 4.34 -16.11 5.86
C PHE A 18 3.57 -15.07 6.66
N PRO A 19 4.31 -14.22 7.38
CA PRO A 19 3.72 -13.16 8.20
C PRO A 19 3.10 -12.05 7.37
N TRP A 20 2.71 -10.96 8.02
CA TRP A 20 2.11 -9.83 7.33
C TRP A 20 3.10 -8.69 7.18
N TRP A 21 3.26 -8.21 5.94
CA TRP A 21 4.18 -7.12 5.66
C TRP A 21 3.46 -5.95 5.01
N PRO A 22 3.96 -4.73 5.25
CA PRO A 22 3.38 -3.51 4.69
C PRO A 22 3.58 -3.41 3.19
N GLY A 23 2.63 -2.76 2.51
CA GLY A 23 2.71 -2.60 1.08
C GLY A 23 1.83 -1.48 0.57
N PHE A 24 2.39 -0.64 -0.30
CA PHE A 24 1.64 0.48 -0.86
C PHE A 24 0.80 0.03 -2.05
N VAL A 25 -0.51 0.26 -1.96
CA VAL A 25 -1.42 -0.12 -3.03
C VAL A 25 -1.32 0.84 -4.22
N MET A 26 -0.90 0.30 -5.36
CA MET A 26 -0.77 1.12 -6.56
C MET A 26 -1.34 0.39 -7.78
N ASP A 27 -2.00 1.14 -8.66
CA ASP A 27 -2.59 0.57 -9.86
C ASP A 27 -1.55 0.42 -10.97
N PRO A 28 -1.71 -0.62 -11.79
CA PRO A 28 -0.79 -0.89 -12.90
C PRO A 28 -0.91 0.13 -14.02
N ASP A 29 -2.14 0.54 -14.31
CA ASP A 29 -2.38 1.53 -15.36
C ASP A 29 -3.87 1.87 -15.45
N GLU A 30 -4.48 2.14 -14.30
CA GLU A 30 -5.90 2.47 -14.25
C GLU A 30 -6.75 1.29 -14.70
N VAL A 31 -6.87 0.29 -13.83
CA VAL A 31 -7.66 -0.90 -14.14
C VAL A 31 -9.05 -0.81 -13.51
N ARG A 32 -9.43 0.39 -13.09
CA ARG A 32 -10.73 0.61 -12.47
C ARG A 32 -11.81 0.83 -13.53
N ASP A 33 -11.44 1.52 -14.60
CA ASP A 33 -12.37 1.81 -15.69
C ASP A 33 -12.08 0.91 -16.90
N ILE A 34 -10.82 0.57 -17.09
CA ILE A 34 -10.41 -0.28 -18.21
C ILE A 34 -9.97 -1.65 -17.72
N THR A 35 -10.78 -2.67 -18.02
CA THR A 35 -10.48 -4.04 -17.62
C THR A 35 -9.98 -4.86 -18.79
N LEU A 36 -8.68 -5.09 -18.83
CA LEU A 36 -8.07 -5.87 -19.92
C LEU A 36 -7.46 -7.16 -19.38
N PRO A 37 -7.37 -8.19 -20.25
CA PRO A 37 -6.81 -9.49 -19.88
C PRO A 37 -5.30 -9.42 -19.66
N GLU A 38 -4.85 -9.99 -18.54
CA GLU A 38 -3.43 -10.00 -18.22
C GLU A 38 -3.15 -10.91 -17.02
N GLY A 39 -3.71 -10.54 -15.86
CA GLY A 39 -3.50 -11.33 -14.67
C GLY A 39 -3.04 -10.50 -13.49
N SER A 40 -2.86 -9.20 -13.72
CA SER A 40 -2.42 -8.29 -12.67
C SER A 40 -3.23 -7.00 -12.69
N ASP A 41 -4.12 -6.85 -11.71
CA ASP A 41 -4.95 -5.66 -11.62
C ASP A 41 -4.46 -4.75 -10.50
N VAL A 42 -3.87 -5.34 -9.47
CA VAL A 42 -3.36 -4.59 -8.33
C VAL A 42 -1.86 -4.81 -8.15
N TRP A 43 -1.15 -3.73 -7.85
CA TRP A 43 0.30 -3.81 -7.65
C TRP A 43 0.67 -3.34 -6.25
N VAL A 44 1.09 -4.27 -5.40
CA VAL A 44 1.49 -3.95 -4.03
C VAL A 44 3.00 -3.78 -3.92
N CYS A 45 3.43 -2.57 -3.59
CA CYS A 45 4.85 -2.28 -3.45
C CYS A 45 5.28 -2.33 -1.98
N CYS A 46 5.84 -3.46 -1.59
CA CYS A 46 6.28 -3.64 -0.20
C CYS A 46 7.58 -2.88 0.04
N LEU A 47 8.03 -2.87 1.30
CA LEU A 47 9.25 -2.18 1.68
C LEU A 47 10.47 -2.87 1.07
N PRO A 48 11.59 -2.13 0.97
CA PRO A 48 12.83 -2.64 0.41
C PRO A 48 13.49 -3.68 1.32
N ARG A 49 13.45 -4.94 0.90
CA ARG A 49 14.04 -6.03 1.68
C ARG A 49 14.34 -7.24 0.80
N ASP A 50 13.49 -7.46 -0.20
CA ASP A 50 13.66 -8.57 -1.12
C ASP A 50 14.04 -8.09 -2.50
N SER A 51 14.43 -6.81 -2.60
CA SER A 51 14.82 -6.22 -3.87
C SER A 51 13.61 -6.04 -4.78
N LEU A 52 12.68 -5.19 -4.36
CA LEU A 52 11.47 -4.93 -5.13
C LEU A 52 10.60 -6.18 -5.23
N THR A 53 9.87 -6.47 -4.16
CA THR A 53 9.00 -7.63 -4.12
C THR A 53 7.57 -7.26 -4.52
N LEU A 54 7.44 -6.40 -5.52
CA LEU A 54 6.15 -5.97 -5.99
C LEU A 54 5.26 -7.16 -6.34
N SER A 55 4.11 -7.25 -5.70
CA SER A 55 3.18 -8.35 -5.94
C SER A 55 2.04 -7.91 -6.86
N ALA A 56 1.98 -8.52 -8.03
CA ALA A 56 0.95 -8.19 -9.01
C ALA A 56 -0.04 -9.34 -9.17
N ALA A 57 -1.33 -9.05 -9.02
CA ALA A 57 -2.38 -10.06 -9.16
C ALA A 57 -3.70 -9.43 -9.55
N ASN A 58 -4.47 -10.13 -10.37
CA ASN A 58 -5.76 -9.65 -10.83
C ASN A 58 -6.89 -10.53 -10.31
N SER A 59 -7.62 -10.03 -9.31
CA SER A 59 -8.72 -10.79 -8.73
C SER A 59 -8.27 -12.17 -8.27
N GLU A 60 -7.01 -12.26 -7.85
CA GLU A 60 -6.45 -13.52 -7.40
C GLU A 60 -6.03 -13.44 -5.93
N ASP A 61 -5.69 -12.24 -5.49
CA ASP A 61 -5.28 -12.02 -4.11
C ASP A 61 -6.47 -11.68 -3.23
N GLU A 62 -6.86 -12.62 -2.38
CA GLU A 62 -7.99 -12.42 -1.48
C GLU A 62 -7.78 -13.15 -0.16
N GLY A 63 -6.52 -13.47 0.14
CA GLY A 63 -6.21 -14.16 1.37
C GLY A 63 -6.48 -13.32 2.60
N GLN A 64 -5.43 -12.71 3.15
CA GLN A 64 -5.55 -11.88 4.33
C GLN A 64 -4.96 -10.50 4.08
N ILE A 65 -5.76 -9.46 4.31
CA ILE A 65 -5.33 -8.08 4.11
C ILE A 65 -5.95 -7.16 5.15
N ARG A 66 -5.18 -6.16 5.57
CA ARG A 66 -5.64 -5.19 6.56
C ARG A 66 -5.33 -3.77 6.13
N TYR A 67 -6.31 -2.88 6.26
CA TYR A 67 -6.13 -1.48 5.88
C TYR A 67 -5.32 -0.73 6.92
N PHE A 68 -4.18 -0.19 6.50
CA PHE A 68 -3.30 0.56 7.40
C PHE A 68 -3.45 2.05 7.19
N LEU A 69 -3.37 2.82 8.27
CA LEU A 69 -3.49 4.27 8.21
C LEU A 69 -3.29 4.89 9.58
N PRO A 70 -4.15 4.54 10.54
CA PRO A 70 -4.08 5.05 11.90
C PRO A 70 -2.87 4.51 12.67
N ASP A 71 -2.18 3.56 12.06
CA ASP A 71 -0.99 2.96 12.67
C ASP A 71 -1.26 2.61 14.14
N ARG A 72 -2.50 2.22 14.43
CA ARG A 72 -2.88 1.86 15.79
C ARG A 72 -3.68 0.56 15.80
N ASP A 73 -3.46 -0.26 14.78
CA ASP A 73 -4.16 -1.54 14.67
C ASP A 73 -3.30 -2.67 15.26
N GLU A 74 -2.54 -2.36 16.29
CA GLU A 74 -1.68 -3.34 16.93
C GLU A 74 -0.67 -3.92 15.94
N GLY A 75 -0.12 -3.05 15.10
CA GLY A 75 0.86 -3.49 14.12
C GLY A 75 2.03 -2.53 13.99
N MET A 76 1.74 -1.23 14.07
CA MET A 76 2.78 -0.22 13.97
C MET A 76 3.91 -0.49 14.95
N MET A 77 3.58 -1.13 16.06
CA MET A 77 4.56 -1.46 17.09
C MET A 77 5.62 -2.41 16.54
N GLU A 78 5.18 -3.39 15.75
CA GLU A 78 6.08 -4.37 15.18
C GLU A 78 6.60 -3.90 13.82
N GLU A 79 5.88 -2.96 13.21
CA GLU A 79 6.27 -2.43 11.91
C GLU A 79 6.86 -1.03 12.05
N GLY A 80 7.31 -0.70 13.26
CA GLY A 80 7.89 0.61 13.50
C GLY A 80 8.66 0.66 14.80
N LYS A 81 8.15 -0.02 15.82
CA LYS A 81 8.80 -0.04 17.13
C LYS A 81 9.61 -1.33 17.31
N LEU A 82 9.95 -1.96 16.19
CA LEU A 82 10.74 -3.19 16.23
C LEU A 82 11.90 -3.12 15.24
N ASP A 83 11.60 -2.77 14.00
CA ASP A 83 12.63 -2.65 12.98
C ASP A 83 12.75 -1.22 12.47
N ALA A 84 13.92 -0.87 11.95
CA ALA A 84 14.16 0.47 11.43
C ALA A 84 13.63 0.61 10.01
N SER A 85 13.76 -0.46 9.23
CA SER A 85 13.31 -0.45 7.85
C SER A 85 11.79 -0.32 7.78
N CYS A 86 11.10 -0.90 8.75
CA CYS A 86 9.65 -0.86 8.80
C CYS A 86 9.17 0.55 9.17
N ALA A 87 9.76 1.11 10.22
CA ALA A 87 9.39 2.44 10.67
C ALA A 87 9.68 3.49 9.61
N VAL A 88 10.79 3.32 8.90
CA VAL A 88 11.18 4.25 7.85
C VAL A 88 10.26 4.12 6.63
N ALA A 89 9.96 2.89 6.25
CA ALA A 89 9.09 2.63 5.12
C ALA A 89 7.70 3.22 5.34
N ILE A 90 7.15 3.01 6.53
CA ILE A 90 5.84 3.52 6.87
C ILE A 90 5.84 5.05 6.96
N GLU A 91 6.83 5.59 7.67
CA GLU A 91 6.95 7.03 7.83
C GLU A 91 7.04 7.73 6.47
N GLU A 92 7.72 7.08 5.53
CA GLU A 92 7.89 7.63 4.19
C GLU A 92 6.58 7.56 3.41
N ALA A 93 5.93 6.41 3.48
CA ALA A 93 4.66 6.19 2.78
C ALA A 93 3.62 7.23 3.20
N ILE A 94 3.58 7.53 4.50
CA ILE A 94 2.64 8.49 5.03
C ILE A 94 3.10 9.92 4.76
N GLN A 95 4.41 10.12 4.75
CA GLN A 95 5.00 11.44 4.51
C GLN A 95 4.73 11.89 3.07
N LEU A 96 4.66 10.92 2.16
CA LEU A 96 4.41 11.22 0.75
C LEU A 96 2.92 11.17 0.44
N TYR A 97 2.21 10.28 1.12
CA TYR A 97 0.77 10.13 0.92
C TYR A 97 0.02 11.38 1.37
N GLU A 98 0.42 11.91 2.52
CA GLU A 98 -0.22 13.11 3.07
C GLU A 98 0.43 14.37 2.51
N GLU A 99 1.35 14.19 1.56
CA GLU A 99 2.05 15.31 0.95
C GLU A 99 1.59 15.51 -0.49
N GLN A 100 1.10 14.44 -1.10
CA GLN A 100 0.63 14.50 -2.48
C GLN A 100 -0.90 14.46 -2.54
N LEU A 101 -1.51 13.79 -1.57
CA LEU A 101 -2.95 13.68 -1.51
C LEU A 101 -3.58 14.93 -0.89
N LYS A 102 -2.79 15.62 -0.07
CA LYS A 102 -3.26 16.84 0.59
C LYS A 102 -2.91 18.07 -0.24
N ALA A 103 -1.86 17.96 -1.04
CA ALA A 103 -1.42 19.07 -1.89
C ALA A 103 -2.35 19.24 -3.08
N GLN A 104 -3.02 18.17 -3.46
CA GLN A 104 -3.94 18.20 -4.60
C GLN A 104 -5.39 18.10 -4.13
N ALA A 105 -5.62 18.41 -2.86
CA ALA A 105 -6.95 18.36 -2.29
C ALA A 105 -7.37 19.71 -1.73
N GLY A 106 -6.76 20.78 -2.25
CA GLY A 106 -7.09 22.11 -1.79
C GLY A 106 -5.84 22.96 -1.56
N GLY A 107 -4.86 22.40 -0.87
CA GLY A 107 -3.64 23.13 -0.60
C GLY A 107 -3.64 23.77 0.77
N THR A 108 -3.74 22.95 1.82
CA THR A 108 -3.75 23.46 3.19
C THR A 108 -5.01 24.27 3.46
N ASN A 109 -6.16 23.63 3.38
CA ASN A 109 -7.44 24.30 3.61
C ASN A 109 -7.59 25.52 2.72
N GLU A 110 -7.01 25.44 1.52
CA GLU A 110 -7.08 26.55 0.57
C GLU A 110 -6.40 27.79 1.15
N MET A 1 -8.98 11.45 -10.78
CA MET A 1 -8.97 10.01 -11.01
C MET A 1 -8.65 9.26 -9.72
N ILE A 2 -9.41 8.19 -9.45
CA ILE A 2 -9.21 7.39 -8.25
C ILE A 2 -8.97 5.93 -8.60
N PRO A 3 -7.81 5.65 -9.22
CA PRO A 3 -7.44 4.29 -9.62
C PRO A 3 -7.12 3.40 -8.43
N SER A 4 -7.52 2.13 -8.52
CA SER A 4 -7.28 1.18 -7.44
C SER A 4 -7.94 1.65 -6.15
N PHE A 5 -9.07 2.35 -6.28
CA PHE A 5 -9.80 2.85 -5.12
C PHE A 5 -8.87 3.60 -4.17
N ALA A 6 -8.69 4.89 -4.43
CA ALA A 6 -7.82 5.71 -3.59
C ALA A 6 -6.38 5.19 -3.61
N PRO A 7 -5.63 5.56 -4.65
CA PRO A 7 -4.24 5.14 -4.81
C PRO A 7 -3.31 5.79 -3.78
N GLY A 8 -2.54 4.97 -3.07
CA GLY A 8 -1.63 5.50 -2.07
C GLY A 8 -2.01 5.07 -0.67
N THR A 9 -2.79 4.00 -0.56
CA THR A 9 -3.23 3.50 0.73
C THR A 9 -2.31 2.38 1.24
N LEU A 10 -1.91 2.48 2.50
CA LEU A 10 -1.03 1.48 3.10
C LEU A 10 -1.84 0.40 3.81
N VAL A 11 -1.74 -0.83 3.32
CA VAL A 11 -2.46 -1.94 3.92
C VAL A 11 -1.50 -3.06 4.33
N TRP A 12 -2.06 -4.17 4.83
CA TRP A 12 -1.26 -5.30 5.26
C TRP A 12 -1.57 -6.53 4.42
N LEU A 13 -0.51 -7.21 3.97
CA LEU A 13 -0.68 -8.41 3.15
C LEU A 13 -0.14 -9.63 3.88
N LYS A 14 -1.03 -10.58 4.17
CA LYS A 14 -0.65 -11.81 4.87
C LYS A 14 -0.64 -12.99 3.90
N GLN A 15 0.55 -13.42 3.51
CA GLN A 15 0.70 -14.55 2.60
C GLN A 15 0.20 -15.84 3.25
N ASP A 16 0.02 -16.88 2.42
CA ASP A 16 -0.45 -18.16 2.92
C ASP A 16 0.57 -18.78 3.88
N ARG A 17 1.81 -18.88 3.43
CA ARG A 17 2.88 -19.45 4.25
C ARG A 17 3.71 -18.35 4.90
N PHE A 18 3.79 -17.20 4.24
CA PHE A 18 4.55 -16.07 4.76
C PHE A 18 3.70 -15.24 5.71
N PRO A 19 4.38 -14.48 6.59
CA PRO A 19 3.71 -13.62 7.58
C PRO A 19 3.03 -12.42 6.92
N TRP A 20 2.58 -11.49 7.75
CA TRP A 20 1.91 -10.29 7.26
C TRP A 20 2.87 -9.10 7.24
N TRP A 21 3.07 -8.53 6.06
CA TRP A 21 3.96 -7.39 5.91
C TRP A 21 3.23 -6.20 5.30
N PRO A 22 3.73 -4.99 5.58
CA PRO A 22 3.13 -3.75 5.07
C PRO A 22 3.34 -3.58 3.57
N GLY A 23 2.38 -2.95 2.90
CA GLY A 23 2.47 -2.75 1.47
C GLY A 23 1.57 -1.63 0.98
N PHE A 24 2.11 -0.78 0.12
CA PHE A 24 1.35 0.35 -0.42
C PHE A 24 0.54 -0.09 -1.64
N VAL A 25 -0.75 0.21 -1.63
CA VAL A 25 -1.63 -0.15 -2.74
C VAL A 25 -1.47 0.82 -3.90
N MET A 26 -1.03 0.31 -5.04
CA MET A 26 -0.83 1.12 -6.23
C MET A 26 -1.38 0.42 -7.47
N ASP A 27 -1.99 1.20 -8.35
CA ASP A 27 -2.56 0.66 -9.58
C ASP A 27 -1.49 0.51 -10.66
N PRO A 28 -1.62 -0.53 -11.49
CA PRO A 28 -0.68 -0.80 -12.58
C PRO A 28 -0.77 0.24 -13.70
N ASP A 29 -1.99 0.66 -14.01
CA ASP A 29 -2.21 1.65 -15.06
C ASP A 29 -3.69 1.99 -15.18
N GLU A 30 -4.32 2.26 -14.04
CA GLU A 30 -5.74 2.60 -14.02
C GLU A 30 -6.59 1.43 -14.50
N VAL A 31 -6.70 0.40 -13.66
CA VAL A 31 -7.48 -0.78 -14.00
C VAL A 31 -8.87 -0.72 -13.37
N ARG A 32 -9.25 0.45 -12.90
CA ARG A 32 -10.55 0.64 -12.26
C ARG A 32 -11.64 0.92 -13.30
N ASP A 33 -11.26 1.61 -14.36
CA ASP A 33 -12.20 1.95 -15.43
C ASP A 33 -11.95 1.07 -16.65
N ILE A 34 -10.69 0.72 -16.88
CA ILE A 34 -10.32 -0.12 -18.02
C ILE A 34 -9.86 -1.50 -17.56
N THR A 35 -10.67 -2.51 -17.85
CA THR A 35 -10.35 -3.88 -17.47
C THR A 35 -9.83 -4.67 -18.67
N LEU A 36 -8.52 -4.88 -18.70
CA LEU A 36 -7.89 -5.63 -19.79
C LEU A 36 -7.26 -6.92 -19.28
N PRO A 37 -7.15 -7.92 -20.17
CA PRO A 37 -6.57 -9.22 -19.83
C PRO A 37 -5.07 -9.13 -19.60
N GLU A 38 -4.60 -9.71 -18.50
CA GLU A 38 -3.18 -9.70 -18.16
C GLU A 38 -2.88 -10.65 -17.01
N GLY A 39 -3.41 -10.33 -15.83
CA GLY A 39 -3.18 -11.17 -14.66
C GLY A 39 -2.79 -10.36 -13.45
N SER A 40 -2.64 -9.06 -13.62
CA SER A 40 -2.25 -8.18 -12.51
C SER A 40 -3.08 -6.90 -12.54
N ASP A 41 -4.00 -6.77 -11.58
CA ASP A 41 -4.85 -5.60 -11.48
C ASP A 41 -4.40 -4.69 -10.34
N VAL A 42 -3.83 -5.29 -9.31
CA VAL A 42 -3.36 -4.55 -8.15
C VAL A 42 -1.86 -4.77 -7.92
N TRP A 43 -1.15 -3.70 -7.59
CA TRP A 43 0.28 -3.78 -7.35
C TRP A 43 0.62 -3.35 -5.92
N VAL A 44 1.07 -4.30 -5.11
CA VAL A 44 1.42 -4.02 -3.72
C VAL A 44 2.92 -3.81 -3.57
N CYS A 45 3.30 -2.60 -3.18
CA CYS A 45 4.71 -2.26 -3.00
C CYS A 45 5.10 -2.35 -1.53
N CYS A 46 5.70 -3.47 -1.14
CA CYS A 46 6.12 -3.68 0.24
C CYS A 46 7.39 -2.89 0.54
N LEU A 47 7.79 -2.90 1.81
CA LEU A 47 9.00 -2.19 2.22
C LEU A 47 10.25 -2.83 1.63
N PRO A 48 11.34 -2.05 1.58
CA PRO A 48 12.62 -2.53 1.04
C PRO A 48 13.28 -3.57 1.94
N ARG A 49 13.28 -4.82 1.49
CA ARG A 49 13.87 -5.91 2.25
C ARG A 49 14.22 -7.09 1.34
N ASP A 50 13.40 -7.31 0.33
CA ASP A 50 13.62 -8.39 -0.62
C ASP A 50 14.02 -7.86 -1.99
N SER A 51 14.39 -6.58 -2.04
CA SER A 51 14.79 -5.95 -3.29
C SER A 51 13.59 -5.76 -4.21
N LEU A 52 12.64 -4.94 -3.79
CA LEU A 52 11.44 -4.68 -4.58
C LEU A 52 10.61 -5.95 -4.74
N THR A 53 9.86 -6.30 -3.70
CA THR A 53 9.02 -7.49 -3.72
C THR A 53 7.60 -7.15 -4.15
N LEU A 54 7.48 -6.27 -5.15
CA LEU A 54 6.17 -5.86 -5.65
C LEU A 54 5.33 -7.08 -6.04
N SER A 55 4.16 -7.19 -5.43
CA SER A 55 3.26 -8.31 -5.70
C SER A 55 2.10 -7.87 -6.60
N ALA A 56 2.08 -8.40 -7.82
CA ALA A 56 1.03 -8.05 -8.77
C ALA A 56 0.08 -9.23 -8.97
N ALA A 57 -1.22 -8.95 -8.87
CA ALA A 57 -2.23 -9.99 -9.04
C ALA A 57 -3.57 -9.38 -9.47
N ASN A 58 -4.29 -10.10 -10.33
CA ASN A 58 -5.57 -9.63 -10.82
C ASN A 58 -6.71 -10.55 -10.35
N SER A 59 -7.47 -10.08 -9.37
CA SER A 59 -8.58 -10.87 -8.83
C SER A 59 -8.11 -12.24 -8.39
N GLU A 60 -6.86 -12.32 -7.93
CA GLU A 60 -6.29 -13.58 -7.48
C GLU A 60 -5.93 -13.52 -6.00
N ASP A 61 -5.63 -12.31 -5.52
CA ASP A 61 -5.26 -12.12 -4.13
C ASP A 61 -6.49 -11.82 -3.28
N GLU A 62 -6.89 -12.79 -2.46
CA GLU A 62 -8.05 -12.65 -1.60
C GLU A 62 -7.86 -13.41 -0.29
N GLY A 63 -6.62 -13.70 0.04
CA GLY A 63 -6.33 -14.43 1.27
C GLY A 63 -6.62 -13.61 2.51
N GLN A 64 -5.59 -12.99 3.06
CA GLN A 64 -5.74 -12.17 4.26
C GLN A 64 -5.16 -10.78 4.05
N ILE A 65 -5.97 -9.76 4.29
CA ILE A 65 -5.53 -8.38 4.14
C ILE A 65 -6.10 -7.49 5.24
N ARG A 66 -5.29 -6.54 5.69
CA ARG A 66 -5.69 -5.62 6.75
C ARG A 66 -5.55 -4.17 6.30
N TYR A 67 -6.40 -3.30 6.84
CA TYR A 67 -6.37 -1.88 6.50
C TYR A 67 -5.49 -1.10 7.48
N PHE A 68 -4.39 -0.56 6.96
CA PHE A 68 -3.47 0.21 7.79
C PHE A 68 -3.64 1.71 7.56
N LEU A 69 -3.51 2.49 8.62
CA LEU A 69 -3.66 3.94 8.53
C LEU A 69 -3.49 4.59 9.90
N PRO A 70 -4.32 4.17 10.87
CA PRO A 70 -4.28 4.70 12.23
C PRO A 70 -3.02 4.27 12.98
N ASP A 71 -2.32 3.28 12.43
CA ASP A 71 -1.10 2.77 13.05
C ASP A 71 -1.34 2.42 14.51
N ARG A 72 -2.54 1.94 14.82
CA ARG A 72 -2.89 1.57 16.17
C ARG A 72 -3.58 0.20 16.21
N ASP A 73 -3.31 -0.60 15.19
CA ASP A 73 -3.89 -1.94 15.10
C ASP A 73 -2.94 -2.98 15.65
N GLU A 74 -2.17 -2.60 16.66
CA GLU A 74 -1.21 -3.50 17.28
C GLU A 74 -0.18 -3.99 16.26
N GLY A 75 0.30 -3.06 15.44
CA GLY A 75 1.29 -3.41 14.43
C GLY A 75 2.41 -2.40 14.34
N MET A 76 2.07 -1.13 14.54
CA MET A 76 3.06 -0.06 14.48
C MET A 76 4.27 -0.38 15.36
N MET A 77 4.04 -1.13 16.42
CA MET A 77 5.11 -1.52 17.33
C MET A 77 6.13 -2.41 16.64
N GLU A 78 5.64 -3.30 15.79
CA GLU A 78 6.51 -4.22 15.05
C GLU A 78 6.94 -3.61 13.71
N GLU A 79 6.16 -2.65 13.23
CA GLU A 79 6.45 -1.99 11.97
C GLU A 79 7.03 -0.60 12.20
N GLY A 80 7.55 -0.37 13.40
CA GLY A 80 8.11 0.92 13.74
C GLY A 80 9.02 0.86 14.95
N LYS A 81 8.62 0.06 15.94
CA LYS A 81 9.41 -0.08 17.16
C LYS A 81 10.25 -1.36 17.12
N LEU A 82 10.48 -1.87 15.92
CA LEU A 82 11.27 -3.09 15.75
C LEU A 82 12.31 -2.90 14.65
N ASP A 83 11.85 -2.62 13.44
CA ASP A 83 12.75 -2.42 12.31
C ASP A 83 12.64 -1.00 11.77
N ALA A 84 13.77 -0.31 11.70
CA ALA A 84 13.79 1.06 11.20
C ALA A 84 13.23 1.15 9.79
N SER A 85 13.37 0.06 9.04
CA SER A 85 12.88 0.01 7.67
C SER A 85 11.36 0.15 7.63
N CYS A 86 10.69 -0.48 8.59
CA CYS A 86 9.23 -0.42 8.67
C CYS A 86 8.76 0.98 9.02
N ALA A 87 9.38 1.57 10.04
CA ALA A 87 9.02 2.91 10.48
C ALA A 87 9.24 3.93 9.37
N VAL A 88 10.32 3.76 8.61
CA VAL A 88 10.64 4.67 7.52
C VAL A 88 9.65 4.52 6.38
N ALA A 89 9.33 3.28 6.01
CA ALA A 89 8.39 3.01 4.94
C ALA A 89 7.03 3.61 5.25
N ILE A 90 6.56 3.42 6.48
CA ILE A 90 5.26 3.94 6.90
C ILE A 90 5.27 5.47 6.91
N GLU A 91 6.30 6.05 7.52
CA GLU A 91 6.42 7.49 7.60
C GLU A 91 6.40 8.13 6.21
N GLU A 92 7.02 7.44 5.25
CA GLU A 92 7.06 7.94 3.88
C GLU A 92 5.70 7.83 3.21
N ALA A 93 5.05 6.69 3.39
CA ALA A 93 3.73 6.46 2.81
C ALA A 93 2.73 7.53 3.26
N ILE A 94 2.76 7.85 4.55
CA ILE A 94 1.87 8.86 5.11
C ILE A 94 2.31 10.27 4.71
N GLN A 95 3.62 10.47 4.61
CA GLN A 95 4.17 11.76 4.24
C GLN A 95 3.78 12.13 2.82
N LEU A 96 3.62 11.11 1.97
CA LEU A 96 3.25 11.34 0.58
C LEU A 96 1.73 11.41 0.42
N TYR A 97 1.03 10.52 1.10
CA TYR A 97 -0.43 10.48 1.03
C TYR A 97 -1.02 11.80 1.52
N GLU A 98 -0.43 12.36 2.57
CA GLU A 98 -0.90 13.63 3.13
C GLU A 98 -0.28 14.81 2.39
N GLU A 99 0.48 14.52 1.34
CA GLU A 99 1.12 15.56 0.55
C GLU A 99 0.49 15.66 -0.83
N GLN A 100 -0.10 14.55 -1.29
CA GLN A 100 -0.73 14.51 -2.60
C GLN A 100 -2.24 14.59 -2.48
N LEU A 101 -2.77 14.07 -1.38
CA LEU A 101 -4.21 14.08 -1.14
C LEU A 101 -4.67 15.45 -0.64
N LYS A 102 -3.74 16.18 -0.02
CA LYS A 102 -4.05 17.51 0.50
C LYS A 102 -3.73 18.59 -0.52
N ALA A 103 -2.80 18.29 -1.42
CA ALA A 103 -2.39 19.23 -2.45
C ALA A 103 -3.45 19.33 -3.55
N GLN A 104 -4.21 18.25 -3.73
CA GLN A 104 -5.26 18.22 -4.74
C GLN A 104 -6.63 18.26 -4.09
N ALA A 105 -6.69 18.73 -2.86
CA ALA A 105 -7.96 18.81 -2.13
C ALA A 105 -8.23 20.25 -1.68
N GLY A 106 -7.64 21.20 -2.39
CA GLY A 106 -7.84 22.60 -2.05
C GLY A 106 -6.95 23.52 -2.86
N GLY A 107 -5.64 23.39 -2.68
CA GLY A 107 -4.70 24.22 -3.41
C GLY A 107 -3.56 24.71 -2.53
N THR A 108 -2.98 23.80 -1.75
CA THR A 108 -1.88 24.14 -0.86
C THR A 108 -2.35 25.08 0.25
N ASN A 109 -3.25 24.59 1.09
CA ASN A 109 -3.78 25.38 2.19
C ASN A 109 -4.33 26.72 1.70
N GLU A 110 -4.92 26.70 0.50
CA GLU A 110 -5.48 27.90 -0.09
C GLU A 110 -6.47 28.57 0.87
N MET A 1 -10.01 10.77 -11.48
CA MET A 1 -10.43 9.37 -11.37
C MET A 1 -9.94 8.76 -10.06
N ILE A 2 -10.41 7.55 -9.77
CA ILE A 2 -10.02 6.86 -8.55
C ILE A 2 -9.65 5.40 -8.84
N PRO A 3 -8.50 5.19 -9.48
CA PRO A 3 -8.01 3.85 -9.82
C PRO A 3 -7.59 3.06 -8.59
N SER A 4 -7.82 1.75 -8.63
CA SER A 4 -7.47 0.87 -7.53
C SER A 4 -8.11 1.35 -6.22
N PHE A 5 -9.29 1.95 -6.34
CA PHE A 5 -10.00 2.47 -5.18
C PHE A 5 -9.10 3.32 -4.32
N ALA A 6 -9.02 4.61 -4.63
CA ALA A 6 -8.18 5.53 -3.87
C ALA A 6 -6.71 5.14 -3.95
N PRO A 7 -6.04 5.54 -5.05
CA PRO A 7 -4.63 5.24 -5.27
C PRO A 7 -3.72 6.00 -4.32
N GLY A 8 -2.83 5.27 -3.65
CA GLY A 8 -1.91 5.89 -2.71
C GLY A 8 -2.22 5.53 -1.27
N THR A 9 -2.91 4.41 -1.08
CA THR A 9 -3.26 3.95 0.26
C THR A 9 -2.36 2.81 0.71
N LEU A 10 -1.84 2.92 1.93
CA LEU A 10 -0.96 1.89 2.47
C LEU A 10 -1.75 0.89 3.32
N VAL A 11 -1.54 -0.39 3.03
CA VAL A 11 -2.23 -1.45 3.76
C VAL A 11 -1.25 -2.54 4.19
N TRP A 12 -1.79 -3.62 4.76
CA TRP A 12 -0.97 -4.73 5.22
C TRP A 12 -1.32 -6.00 4.47
N LEU A 13 -0.30 -6.71 4.00
CA LEU A 13 -0.49 -7.95 3.25
C LEU A 13 0.10 -9.14 4.02
N LYS A 14 -0.76 -10.08 4.40
CA LYS A 14 -0.33 -11.26 5.14
C LYS A 14 -0.36 -12.49 4.23
N GLN A 15 0.81 -13.12 4.07
CA GLN A 15 0.93 -14.31 3.23
C GLN A 15 0.35 -15.53 3.95
N ASP A 16 0.38 -16.68 3.27
CA ASP A 16 -0.14 -17.91 3.84
C ASP A 16 0.66 -18.33 5.06
N ARG A 17 1.96 -18.58 4.85
CA ARG A 17 2.83 -18.98 5.95
C ARG A 17 3.71 -17.82 6.41
N PHE A 18 3.90 -16.85 5.53
CA PHE A 18 4.71 -15.67 5.84
C PHE A 18 3.90 -14.66 6.64
N PRO A 19 4.62 -13.79 7.39
CA PRO A 19 3.99 -12.75 8.21
C PRO A 19 3.35 -11.65 7.37
N TRP A 20 2.84 -10.62 8.03
CA TRP A 20 2.21 -9.51 7.35
C TRP A 20 3.16 -8.31 7.23
N TRP A 21 3.33 -7.82 6.02
CA TRP A 21 4.22 -6.68 5.77
C TRP A 21 3.45 -5.54 5.11
N PRO A 22 3.95 -4.30 5.32
CA PRO A 22 3.33 -3.11 4.75
C PRO A 22 3.50 -3.03 3.23
N GLY A 23 2.52 -2.42 2.57
CA GLY A 23 2.58 -2.29 1.12
C GLY A 23 1.69 -1.19 0.60
N PHE A 24 2.23 -0.34 -0.27
CA PHE A 24 1.47 0.77 -0.83
C PHE A 24 0.64 0.30 -2.02
N VAL A 25 -0.67 0.51 -1.93
CA VAL A 25 -1.60 0.11 -2.99
C VAL A 25 -1.52 1.07 -4.17
N MET A 26 -1.11 0.55 -5.33
CA MET A 26 -1.00 1.36 -6.53
C MET A 26 -1.58 0.63 -7.74
N ASP A 27 -2.26 1.38 -8.60
CA ASP A 27 -2.87 0.80 -9.80
C ASP A 27 -1.83 0.66 -10.92
N PRO A 28 -1.99 -0.40 -11.73
CA PRO A 28 -1.08 -0.67 -12.85
C PRO A 28 -1.23 0.34 -13.98
N ASP A 29 -2.47 0.75 -14.25
CA ASP A 29 -2.74 1.72 -15.30
C ASP A 29 -4.23 2.04 -15.38
N GLU A 30 -4.84 2.27 -14.22
CA GLU A 30 -6.26 2.58 -14.15
C GLU A 30 -7.10 1.40 -14.62
N VAL A 31 -7.16 0.35 -13.81
CA VAL A 31 -7.92 -0.85 -14.14
C VAL A 31 -9.30 -0.81 -13.48
N ARG A 32 -9.71 0.37 -13.01
CA ARG A 32 -11.00 0.54 -12.37
C ARG A 32 -12.08 0.81 -13.40
N ASP A 33 -11.71 1.50 -14.47
CA ASP A 33 -12.66 1.85 -15.53
C ASP A 33 -12.44 0.97 -16.76
N ILE A 34 -11.19 0.59 -16.99
CA ILE A 34 -10.86 -0.25 -18.13
C ILE A 34 -10.34 -1.61 -17.68
N THR A 35 -11.14 -2.65 -17.93
CA THR A 35 -10.78 -4.01 -17.54
C THR A 35 -10.25 -4.80 -18.73
N LEU A 36 -8.95 -4.98 -18.79
CA LEU A 36 -8.32 -5.72 -19.88
C LEU A 36 -7.65 -6.98 -19.37
N PRO A 37 -7.54 -7.99 -20.25
CA PRO A 37 -6.91 -9.28 -19.91
C PRO A 37 -5.40 -9.15 -19.71
N GLU A 38 -4.91 -9.70 -18.61
CA GLU A 38 -3.49 -9.66 -18.30
C GLU A 38 -3.15 -10.58 -17.14
N GLY A 39 -3.66 -10.24 -15.95
CA GLY A 39 -3.41 -11.05 -14.78
C GLY A 39 -2.97 -10.21 -13.59
N SER A 40 -2.85 -8.91 -13.80
CA SER A 40 -2.43 -8.01 -12.73
C SER A 40 -3.29 -6.74 -12.73
N ASP A 41 -4.19 -6.64 -11.75
CA ASP A 41 -5.07 -5.49 -11.64
C ASP A 41 -4.62 -4.58 -10.50
N VAL A 42 -3.95 -5.16 -9.51
CA VAL A 42 -3.46 -4.39 -8.36
C VAL A 42 -1.96 -4.58 -8.18
N TRP A 43 -1.27 -3.49 -7.87
CA TRP A 43 0.17 -3.53 -7.67
C TRP A 43 0.54 -3.06 -6.26
N VAL A 44 0.97 -4.00 -5.42
CA VAL A 44 1.35 -3.68 -4.05
C VAL A 44 2.87 -3.50 -3.93
N CYS A 45 3.29 -2.29 -3.56
CA CYS A 45 4.70 -1.99 -3.41
C CYS A 45 5.12 -2.09 -1.95
N CYS A 46 5.70 -3.23 -1.57
CA CYS A 46 6.14 -3.45 -0.21
C CYS A 46 7.46 -2.72 0.06
N LEU A 47 7.89 -2.73 1.31
CA LEU A 47 9.14 -2.06 1.71
C LEU A 47 10.34 -2.78 1.09
N PRO A 48 11.45 -2.03 0.96
CA PRO A 48 12.69 -2.57 0.40
C PRO A 48 13.36 -3.59 1.33
N ARG A 49 13.31 -4.85 0.94
CA ARG A 49 13.91 -5.92 1.74
C ARG A 49 14.19 -7.15 0.88
N ASP A 50 13.33 -7.39 -0.09
CA ASP A 50 13.49 -8.53 -0.99
C ASP A 50 13.90 -8.08 -2.39
N SER A 51 14.32 -6.83 -2.49
CA SER A 51 14.75 -6.27 -3.77
C SER A 51 13.55 -6.08 -4.70
N LEU A 52 12.63 -5.20 -4.32
CA LEU A 52 11.44 -4.93 -5.12
C LEU A 52 10.53 -6.16 -5.17
N THR A 53 9.79 -6.39 -4.09
CA THR A 53 8.88 -7.52 -4.01
C THR A 53 7.47 -7.12 -4.42
N LEU A 54 7.37 -6.25 -5.42
CA LEU A 54 6.07 -5.79 -5.90
C LEU A 54 5.17 -6.97 -6.24
N SER A 55 4.00 -7.01 -5.62
CA SER A 55 3.04 -8.08 -5.85
C SER A 55 1.99 -7.66 -6.87
N ALA A 56 1.94 -8.36 -8.00
CA ALA A 56 0.98 -8.06 -9.05
C ALA A 56 0.00 -9.21 -9.24
N ALA A 57 -1.29 -8.90 -9.10
CA ALA A 57 -2.33 -9.90 -9.26
C ALA A 57 -3.66 -9.26 -9.67
N ASN A 58 -4.43 -9.97 -10.48
CA ASN A 58 -5.72 -9.47 -10.95
C ASN A 58 -6.86 -10.34 -10.41
N SER A 59 -7.58 -9.81 -9.43
CA SER A 59 -8.70 -10.54 -8.83
C SER A 59 -8.26 -11.92 -8.36
N GLU A 60 -7.00 -12.02 -7.94
CA GLU A 60 -6.46 -13.29 -7.46
C GLU A 60 -6.04 -13.18 -6.00
N ASP A 61 -5.68 -11.98 -5.57
CA ASP A 61 -5.26 -11.74 -4.21
C ASP A 61 -6.46 -11.49 -3.30
N GLU A 62 -6.78 -12.46 -2.44
CA GLU A 62 -7.91 -12.34 -1.53
C GLU A 62 -7.61 -13.06 -0.22
N GLY A 63 -6.34 -13.31 0.05
CA GLY A 63 -5.95 -13.99 1.27
C GLY A 63 -6.26 -13.18 2.51
N GLN A 64 -5.23 -12.50 3.04
CA GLN A 64 -5.40 -11.68 4.24
C GLN A 64 -4.84 -10.28 4.02
N ILE A 65 -5.67 -9.28 4.24
CA ILE A 65 -5.26 -7.89 4.07
C ILE A 65 -5.92 -6.99 5.11
N ARG A 66 -5.19 -5.97 5.56
CA ARG A 66 -5.70 -5.04 6.56
C ARG A 66 -5.40 -3.60 6.15
N TYR A 67 -6.41 -2.73 6.27
CA TYR A 67 -6.24 -1.33 5.91
C TYR A 67 -5.42 -0.59 6.97
N PHE A 68 -4.33 0.02 6.53
CA PHE A 68 -3.46 0.76 7.44
C PHE A 68 -3.61 2.26 7.22
N LEU A 69 -3.53 3.02 8.32
CA LEU A 69 -3.65 4.47 8.25
C LEU A 69 -3.46 5.10 9.64
N PRO A 70 -4.32 4.73 10.58
CA PRO A 70 -4.26 5.23 11.96
C PRO A 70 -3.06 4.70 12.72
N ASP A 71 -2.35 3.74 12.11
CA ASP A 71 -1.17 3.15 12.73
C ASP A 71 -1.45 2.80 14.19
N ARG A 72 -2.69 2.40 14.47
CA ARG A 72 -3.08 2.02 15.81
C ARG A 72 -3.95 0.76 15.81
N ASP A 73 -3.77 -0.06 14.78
CA ASP A 73 -4.53 -1.30 14.66
C ASP A 73 -3.76 -2.48 15.24
N GLU A 74 -2.99 -2.22 16.29
CA GLU A 74 -2.20 -3.26 16.93
C GLU A 74 -1.22 -3.89 15.95
N GLY A 75 -0.57 -3.04 15.15
CA GLY A 75 0.39 -3.53 14.17
C GLY A 75 1.61 -2.64 14.06
N MET A 76 1.39 -1.33 14.13
CA MET A 76 2.47 -0.36 14.02
C MET A 76 3.59 -0.70 15.01
N MET A 77 3.22 -1.32 16.13
CA MET A 77 4.19 -1.69 17.16
C MET A 77 5.22 -2.67 16.59
N GLU A 78 4.75 -3.63 15.80
CA GLU A 78 5.62 -4.63 15.21
C GLU A 78 6.14 -4.17 13.84
N GLU A 79 5.43 -3.21 13.25
CA GLU A 79 5.81 -2.68 11.94
C GLU A 79 6.49 -1.32 12.09
N GLY A 80 6.98 -1.04 13.29
CA GLY A 80 7.65 0.24 13.55
C GLY A 80 8.50 0.20 14.80
N LYS A 81 8.01 -0.46 15.84
CA LYS A 81 8.73 -0.56 17.09
C LYS A 81 9.48 -1.89 17.18
N LEU A 82 9.69 -2.53 16.04
CA LEU A 82 10.39 -3.81 15.98
C LEU A 82 11.52 -3.77 14.97
N ASP A 83 11.19 -3.45 13.73
CA ASP A 83 12.19 -3.37 12.66
C ASP A 83 12.28 -1.96 12.10
N ALA A 84 13.48 -1.39 12.13
CA ALA A 84 13.70 -0.04 11.64
C ALA A 84 13.26 0.09 10.18
N SER A 85 13.26 -1.03 9.46
CA SER A 85 12.87 -1.04 8.06
C SER A 85 11.37 -0.77 7.92
N CYS A 86 10.59 -1.34 8.81
CA CYS A 86 9.14 -1.16 8.79
C CYS A 86 8.76 0.25 9.23
N ALA A 87 9.45 0.75 10.24
CA ALA A 87 9.18 2.10 10.76
C ALA A 87 9.53 3.16 9.72
N VAL A 88 10.67 2.97 9.04
CA VAL A 88 11.11 3.90 8.03
C VAL A 88 10.24 3.83 6.78
N ALA A 89 9.86 2.61 6.40
CA ALA A 89 9.02 2.41 5.23
C ALA A 89 7.65 3.06 5.41
N ILE A 90 7.06 2.86 6.57
CA ILE A 90 5.74 3.43 6.87
C ILE A 90 5.83 4.95 7.00
N GLU A 91 6.80 5.42 7.78
CA GLU A 91 6.99 6.85 7.98
C GLU A 91 7.19 7.57 6.65
N GLU A 92 7.90 6.91 5.73
CA GLU A 92 8.16 7.49 4.42
C GLU A 92 6.90 7.50 3.56
N ALA A 93 6.18 6.38 3.57
CA ALA A 93 4.96 6.26 2.79
C ALA A 93 3.95 7.34 3.19
N ILE A 94 3.86 7.59 4.49
CA ILE A 94 2.93 8.60 5.00
C ILE A 94 3.48 10.01 4.80
N GLN A 95 4.80 10.13 4.85
CA GLN A 95 5.45 11.43 4.68
C GLN A 95 5.30 11.93 3.25
N LEU A 96 5.23 11.00 2.31
CA LEU A 96 5.09 11.34 0.91
C LEU A 96 3.61 11.38 0.50
N TYR A 97 2.82 10.50 1.11
CA TYR A 97 1.39 10.44 0.81
C TYR A 97 0.68 11.70 1.27
N GLU A 98 1.02 12.16 2.47
CA GLU A 98 0.42 13.37 3.03
C GLU A 98 0.97 14.62 2.36
N GLU A 99 2.06 14.45 1.61
CA GLU A 99 2.68 15.57 0.91
C GLU A 99 2.10 15.72 -0.50
N GLN A 100 1.64 14.61 -1.07
CA GLN A 100 1.06 14.62 -2.40
C GLN A 100 -0.46 14.67 -2.34
N LEU A 101 -1.02 14.11 -1.26
CA LEU A 101 -2.47 14.09 -1.09
C LEU A 101 -3.02 15.51 -0.98
N LYS A 102 -2.33 16.36 -0.24
CA LYS A 102 -2.74 17.75 -0.05
C LYS A 102 -2.54 18.56 -1.33
N ALA A 103 -1.45 18.26 -2.03
CA ALA A 103 -1.14 18.96 -3.28
C ALA A 103 -2.30 18.86 -4.27
N GLN A 104 -3.01 17.73 -4.24
CA GLN A 104 -4.14 17.52 -5.12
C GLN A 104 -5.46 17.61 -4.37
N ALA A 105 -5.43 18.27 -3.21
CA ALA A 105 -6.62 18.43 -2.38
C ALA A 105 -6.94 19.90 -2.17
N GLY A 106 -6.48 20.74 -3.10
CA GLY A 106 -6.73 22.17 -2.99
C GLY A 106 -5.48 22.95 -2.65
N GLY A 107 -4.64 22.37 -1.80
CA GLY A 107 -3.41 23.05 -1.40
C GLY A 107 -3.44 23.48 0.04
N THR A 108 -3.22 22.53 0.96
CA THR A 108 -3.22 22.83 2.39
C THR A 108 -4.60 23.24 2.86
N ASN A 109 -5.56 22.33 2.75
CA ASN A 109 -6.93 22.60 3.18
C ASN A 109 -7.44 23.89 2.54
N GLU A 110 -7.05 24.13 1.30
CA GLU A 110 -7.48 25.32 0.58
C GLU A 110 -6.95 26.58 1.26
N MET A 1 -9.69 11.57 -10.59
CA MET A 1 -8.75 10.50 -10.86
C MET A 1 -8.39 9.75 -9.58
N ILE A 2 -9.11 8.68 -9.31
CA ILE A 2 -8.86 7.88 -8.12
C ILE A 2 -8.69 6.40 -8.46
N PRO A 3 -7.54 6.07 -9.09
CA PRO A 3 -7.22 4.70 -9.48
C PRO A 3 -6.95 3.80 -8.28
N SER A 4 -7.40 2.55 -8.37
CA SER A 4 -7.19 1.59 -7.29
C SER A 4 -7.83 2.10 -6.00
N PHE A 5 -8.92 2.84 -6.12
CA PHE A 5 -9.61 3.38 -4.96
C PHE A 5 -8.65 4.08 -4.02
N ALA A 6 -8.39 5.37 -4.29
CA ALA A 6 -7.49 6.15 -3.46
C ALA A 6 -6.08 5.56 -3.49
N PRO A 7 -5.31 5.90 -4.54
CA PRO A 7 -3.94 5.42 -4.71
C PRO A 7 -2.98 6.03 -3.69
N GLY A 8 -2.23 5.18 -2.99
CA GLY A 8 -1.29 5.65 -2.00
C GLY A 8 -1.67 5.23 -0.59
N THR A 9 -2.48 4.19 -0.49
CA THR A 9 -2.92 3.69 0.81
C THR A 9 -2.05 2.53 1.28
N LEU A 10 -1.62 2.59 2.54
CA LEU A 10 -0.79 1.55 3.11
C LEU A 10 -1.63 0.50 3.83
N VAL A 11 -1.59 -0.73 3.33
CA VAL A 11 -2.36 -1.82 3.93
C VAL A 11 -1.44 -2.98 4.32
N TRP A 12 -2.04 -4.05 4.82
CA TRP A 12 -1.29 -5.23 5.24
C TRP A 12 -1.66 -6.44 4.39
N LEU A 13 -0.66 -7.16 3.91
CA LEU A 13 -0.88 -8.35 3.09
C LEU A 13 -0.40 -9.60 3.81
N LYS A 14 -1.32 -10.51 4.10
CA LYS A 14 -1.00 -11.75 4.78
C LYS A 14 -1.05 -12.93 3.81
N GLN A 15 0.09 -13.61 3.65
CA GLN A 15 0.17 -14.75 2.75
C GLN A 15 -0.53 -15.97 3.35
N ASP A 16 -0.54 -17.07 2.60
CA ASP A 16 -1.18 -18.30 3.06
C ASP A 16 -0.49 -18.83 4.31
N ARG A 17 0.82 -19.07 4.20
CA ARG A 17 1.60 -19.59 5.32
C ARG A 17 2.59 -18.54 5.83
N PHE A 18 2.91 -17.58 4.96
CA PHE A 18 3.85 -16.52 5.32
C PHE A 18 3.17 -15.45 6.19
N PRO A 19 3.99 -14.71 6.95
CA PRO A 19 3.48 -13.65 7.82
C PRO A 19 2.95 -12.46 7.06
N TRP A 20 2.22 -11.58 7.75
CA TRP A 20 1.66 -10.39 7.12
C TRP A 20 2.67 -9.24 7.12
N TRP A 21 2.89 -8.66 5.96
CA TRP A 21 3.83 -7.55 5.82
C TRP A 21 3.15 -6.33 5.22
N PRO A 22 3.69 -5.14 5.52
CA PRO A 22 3.15 -3.87 5.03
C PRO A 22 3.36 -3.70 3.53
N GLY A 23 2.44 -3.01 2.88
CA GLY A 23 2.54 -2.77 1.45
C GLY A 23 1.68 -1.62 0.98
N PHE A 24 2.26 -0.77 0.13
CA PHE A 24 1.54 0.39 -0.38
C PHE A 24 0.72 0.01 -1.62
N VAL A 25 -0.56 0.36 -1.61
CA VAL A 25 -1.45 0.06 -2.72
C VAL A 25 -1.24 1.05 -3.87
N MET A 26 -0.80 0.53 -5.02
CA MET A 26 -0.57 1.37 -6.18
C MET A 26 -1.11 0.70 -7.44
N ASP A 27 -1.68 1.51 -8.33
CA ASP A 27 -2.24 1.00 -9.57
C ASP A 27 -1.19 0.95 -10.67
N PRO A 28 -1.26 -0.07 -11.54
CA PRO A 28 -0.32 -0.24 -12.64
C PRO A 28 -0.50 0.81 -13.73
N ASP A 29 -1.75 1.16 -14.00
CA ASP A 29 -2.05 2.16 -15.02
C ASP A 29 -3.56 2.42 -15.09
N GLU A 30 -4.15 2.72 -13.94
CA GLU A 30 -5.58 2.99 -13.85
C GLU A 30 -6.40 1.77 -14.29
N VAL A 31 -6.51 0.79 -13.39
CA VAL A 31 -7.25 -0.43 -13.67
C VAL A 31 -8.67 -0.35 -13.11
N ARG A 32 -9.09 0.86 -12.75
CA ARG A 32 -10.42 1.06 -12.18
C ARG A 32 -11.44 1.31 -13.29
N ASP A 33 -11.02 2.00 -14.34
CA ASP A 33 -11.90 2.30 -15.46
C ASP A 33 -11.58 1.41 -16.66
N ILE A 34 -10.32 1.02 -16.78
CA ILE A 34 -9.87 0.16 -17.88
C ILE A 34 -9.42 -1.20 -17.36
N THR A 35 -10.20 -2.23 -17.66
CA THR A 35 -9.89 -3.58 -17.24
C THR A 35 -9.46 -4.44 -18.43
N LEU A 36 -8.17 -4.70 -18.54
CA LEU A 36 -7.64 -5.50 -19.63
C LEU A 36 -7.00 -6.78 -19.09
N PRO A 37 -6.97 -7.83 -19.93
CA PRO A 37 -6.39 -9.13 -19.56
C PRO A 37 -4.87 -9.06 -19.44
N GLU A 38 -4.34 -9.59 -18.35
CA GLU A 38 -2.90 -9.60 -18.11
C GLU A 38 -2.54 -10.56 -16.98
N GLY A 39 -3.03 -10.27 -15.77
CA GLY A 39 -2.74 -11.13 -14.64
C GLY A 39 -2.43 -10.33 -13.38
N SER A 40 -2.18 -9.05 -13.55
CA SER A 40 -1.87 -8.17 -12.42
C SER A 40 -2.62 -6.84 -12.53
N ASP A 41 -3.58 -6.65 -11.64
CA ASP A 41 -4.37 -5.42 -11.64
C ASP A 41 -3.96 -4.50 -10.49
N VAL A 42 -3.47 -5.10 -9.40
CA VAL A 42 -3.04 -4.34 -8.24
C VAL A 42 -1.54 -4.51 -8.01
N TRP A 43 -0.88 -3.42 -7.67
CA TRP A 43 0.57 -3.44 -7.42
C TRP A 43 0.86 -3.07 -5.96
N VAL A 44 1.30 -4.06 -5.19
CA VAL A 44 1.63 -3.83 -3.79
C VAL A 44 3.13 -3.63 -3.60
N CYS A 45 3.51 -2.44 -3.17
CA CYS A 45 4.92 -2.12 -2.95
C CYS A 45 5.28 -2.26 -1.47
N CYS A 46 5.86 -3.41 -1.12
CA CYS A 46 6.25 -3.67 0.26
C CYS A 46 7.51 -2.88 0.63
N LEU A 47 7.89 -2.95 1.91
CA LEU A 47 9.06 -2.23 2.39
C LEU A 47 10.34 -2.81 1.78
N PRO A 48 11.39 -1.99 1.71
CA PRO A 48 12.69 -2.39 1.16
C PRO A 48 13.40 -3.41 2.05
N ARG A 49 13.48 -4.65 1.59
CA ARG A 49 14.14 -5.70 2.34
C ARG A 49 14.55 -6.86 1.42
N ASP A 50 13.77 -7.08 0.37
CA ASP A 50 14.06 -8.14 -0.59
C ASP A 50 14.46 -7.56 -1.94
N SER A 51 14.76 -6.26 -1.95
CA SER A 51 15.15 -5.59 -3.19
C SER A 51 13.96 -5.43 -4.12
N LEU A 52 12.97 -4.65 -3.69
CA LEU A 52 11.77 -4.42 -4.49
C LEU A 52 10.98 -5.71 -4.67
N THR A 53 10.23 -6.08 -3.63
CA THR A 53 9.42 -7.30 -3.67
C THR A 53 7.98 -6.99 -4.07
N LEU A 54 7.81 -6.05 -5.00
CA LEU A 54 6.49 -5.66 -5.46
C LEU A 54 5.69 -6.87 -5.92
N SER A 55 4.52 -7.06 -5.34
CA SER A 55 3.66 -8.18 -5.69
C SER A 55 2.47 -7.72 -6.54
N ALA A 56 2.34 -8.30 -7.73
CA ALA A 56 1.26 -7.96 -8.64
C ALA A 56 0.27 -9.11 -8.78
N ALA A 57 -1.02 -8.78 -8.74
CA ALA A 57 -2.06 -9.79 -8.86
C ALA A 57 -3.37 -9.18 -9.38
N ASN A 58 -4.04 -9.92 -10.25
CA ASN A 58 -5.30 -9.44 -10.83
C ASN A 58 -6.46 -10.33 -10.40
N SER A 59 -7.28 -9.81 -9.48
CA SER A 59 -8.43 -10.56 -8.98
C SER A 59 -8.00 -11.94 -8.47
N GLU A 60 -6.78 -12.03 -7.95
CA GLU A 60 -6.26 -13.28 -7.43
C GLU A 60 -5.97 -13.18 -5.93
N ASP A 61 -5.68 -11.96 -5.47
CA ASP A 61 -5.38 -11.73 -4.06
C ASP A 61 -6.67 -11.41 -3.29
N GLU A 62 -7.10 -12.36 -2.47
CA GLU A 62 -8.30 -12.18 -1.67
C GLU A 62 -8.23 -12.99 -0.38
N GLY A 63 -7.01 -13.34 0.02
CA GLY A 63 -6.82 -14.11 1.23
C GLY A 63 -7.07 -13.28 2.48
N GLN A 64 -6.00 -12.71 3.03
CA GLN A 64 -6.11 -11.89 4.23
C GLN A 64 -5.46 -10.53 4.03
N ILE A 65 -6.22 -9.47 4.27
CA ILE A 65 -5.72 -8.11 4.12
C ILE A 65 -6.23 -7.20 5.23
N ARG A 66 -5.39 -6.29 5.67
CA ARG A 66 -5.76 -5.35 6.73
C ARG A 66 -5.56 -3.91 6.27
N TYR A 67 -6.38 -3.01 6.78
CA TYR A 67 -6.30 -1.60 6.43
C TYR A 67 -5.44 -0.84 7.43
N PHE A 68 -4.30 -0.34 6.95
CA PHE A 68 -3.38 0.41 7.79
C PHE A 68 -3.48 1.91 7.52
N LEU A 69 -3.34 2.70 8.57
CA LEU A 69 -3.42 4.16 8.46
C LEU A 69 -3.11 4.83 9.79
N PRO A 70 -3.95 4.54 10.80
CA PRO A 70 -3.79 5.11 12.15
C PRO A 70 -2.57 4.56 12.87
N ASP A 71 -1.98 3.51 12.30
CA ASP A 71 -0.80 2.89 12.89
C ASP A 71 -1.03 2.57 14.36
N ARG A 72 -2.27 2.22 14.69
CA ARG A 72 -2.63 1.89 16.08
C ARG A 72 -3.36 0.55 16.14
N ASP A 73 -3.12 -0.29 15.14
CA ASP A 73 -3.76 -1.61 15.09
C ASP A 73 -2.84 -2.68 15.67
N GLU A 74 -2.07 -2.29 16.68
CA GLU A 74 -1.14 -3.22 17.33
C GLU A 74 -0.13 -3.77 16.32
N GLY A 75 0.39 -2.88 15.48
CA GLY A 75 1.37 -3.29 14.49
C GLY A 75 2.49 -2.28 14.31
N MET A 76 2.14 -1.01 14.38
CA MET A 76 3.12 0.06 14.23
C MET A 76 4.32 -0.16 15.17
N MET A 77 4.05 -0.78 16.32
CA MET A 77 5.10 -1.06 17.29
C MET A 77 6.17 -1.95 16.69
N GLU A 78 5.75 -2.96 15.93
CA GLU A 78 6.68 -3.88 15.30
C GLU A 78 7.09 -3.40 13.92
N GLU A 79 6.27 -2.52 13.35
CA GLU A 79 6.55 -1.98 12.02
C GLU A 79 7.15 -0.58 12.12
N GLY A 80 7.70 -0.27 13.29
CA GLY A 80 8.31 1.04 13.49
C GLY A 80 9.24 1.06 14.68
N LYS A 81 8.87 0.35 15.75
CA LYS A 81 9.67 0.30 16.96
C LYS A 81 10.45 -1.01 17.03
N LEU A 82 10.62 -1.66 15.88
CA LEU A 82 11.35 -2.92 15.82
C LEU A 82 12.36 -2.92 14.68
N ASP A 83 11.87 -2.69 13.47
CA ASP A 83 12.74 -2.65 12.29
C ASP A 83 12.73 -1.27 11.66
N ALA A 84 13.91 -0.69 11.49
CA ALA A 84 14.04 0.64 10.89
C ALA A 84 13.44 0.66 9.49
N SER A 85 13.48 -0.48 8.81
CA SER A 85 12.94 -0.59 7.46
C SER A 85 11.44 -0.34 7.45
N CYS A 86 10.76 -0.90 8.45
CA CYS A 86 9.31 -0.75 8.56
C CYS A 86 8.94 0.70 8.85
N ALA A 87 9.65 1.30 9.79
CA ALA A 87 9.40 2.69 10.17
C ALA A 87 9.63 3.64 8.99
N VAL A 88 10.64 3.34 8.20
CA VAL A 88 10.98 4.16 7.04
C VAL A 88 9.93 4.02 5.94
N ALA A 89 9.48 2.78 5.72
CA ALA A 89 8.48 2.49 4.70
C ALA A 89 7.16 3.21 5.02
N ILE A 90 6.75 3.12 6.28
CA ILE A 90 5.51 3.75 6.71
C ILE A 90 5.61 5.26 6.67
N GLU A 91 6.70 5.80 7.22
CA GLU A 91 6.93 7.24 7.24
C GLU A 91 6.93 7.80 5.82
N GLU A 92 7.48 7.04 4.89
CA GLU A 92 7.55 7.46 3.49
C GLU A 92 6.18 7.42 2.84
N ALA A 93 5.43 6.36 3.10
CA ALA A 93 4.10 6.20 2.54
C ALA A 93 3.17 7.34 2.99
N ILE A 94 3.30 7.73 4.25
CA ILE A 94 2.49 8.81 4.80
C ILE A 94 3.01 10.18 4.36
N GLN A 95 4.32 10.27 4.18
CA GLN A 95 4.94 11.52 3.76
C GLN A 95 4.58 11.84 2.31
N LEU A 96 4.38 10.81 1.51
CA LEU A 96 4.02 10.99 0.11
C LEU A 96 2.50 11.05 -0.08
N TYR A 97 1.79 10.28 0.75
CA TYR A 97 0.34 10.23 0.68
C TYR A 97 -0.27 11.57 1.12
N GLU A 98 0.27 12.13 2.21
CA GLU A 98 -0.21 13.40 2.73
C GLU A 98 0.28 14.56 1.88
N GLU A 99 1.32 14.31 1.08
CA GLU A 99 1.87 15.34 0.22
C GLU A 99 1.10 15.44 -1.09
N GLN A 100 0.52 14.32 -1.51
CA GLN A 100 -0.26 14.28 -2.74
C GLN A 100 -1.75 14.39 -2.46
N LEU A 101 -2.16 13.91 -1.30
CA LEU A 101 -3.57 13.97 -0.90
C LEU A 101 -4.11 15.39 -1.03
N LYS A 102 -3.37 16.35 -0.51
CA LYS A 102 -3.77 17.76 -0.56
C LYS A 102 -3.75 18.27 -2.01
N ALA A 103 -2.87 17.68 -2.81
CA ALA A 103 -2.76 18.08 -4.21
C ALA A 103 -4.03 17.78 -4.98
N GLN A 104 -4.67 16.66 -4.65
CA GLN A 104 -5.91 16.26 -5.31
C GLN A 104 -7.12 16.53 -4.42
N ALA A 105 -6.94 17.41 -3.44
CA ALA A 105 -8.02 17.76 -2.51
C ALA A 105 -8.37 19.24 -2.62
N GLY A 106 -8.09 19.83 -3.77
CA GLY A 106 -8.39 21.24 -3.98
C GLY A 106 -7.17 22.12 -3.82
N GLY A 107 -6.17 21.61 -3.12
CA GLY A 107 -4.96 22.38 -2.90
C GLY A 107 -4.79 22.82 -1.46
N THR A 108 -5.13 21.93 -0.53
CA THR A 108 -5.01 22.23 0.89
C THR A 108 -6.01 23.31 1.30
N ASN A 109 -7.29 23.02 1.16
CA ASN A 109 -8.35 23.97 1.52
C ASN A 109 -8.10 25.31 0.84
N GLU A 110 -7.64 25.26 -0.41
CA GLU A 110 -7.38 26.49 -1.17
C GLU A 110 -6.28 27.31 -0.51
N MET A 1 -13.23 7.04 -11.40
CA MET A 1 -11.94 6.38 -11.41
C MET A 1 -11.64 5.76 -10.05
N ILE A 2 -11.40 4.45 -10.03
CA ILE A 2 -11.10 3.73 -8.80
C ILE A 2 -9.86 2.86 -8.96
N PRO A 3 -8.69 3.50 -8.98
CA PRO A 3 -7.41 2.80 -9.11
C PRO A 3 -7.05 1.99 -7.88
N SER A 4 -7.54 0.76 -7.83
CA SER A 4 -7.28 -0.13 -6.69
C SER A 4 -7.91 0.43 -5.41
N PHE A 5 -9.02 1.14 -5.58
CA PHE A 5 -9.72 1.73 -4.43
C PHE A 5 -8.77 2.60 -3.62
N ALA A 6 -8.87 3.92 -3.81
CA ALA A 6 -8.03 4.86 -3.10
C ALA A 6 -6.56 4.67 -3.45
N PRO A 7 -6.10 5.38 -4.49
CA PRO A 7 -4.71 5.30 -4.95
C PRO A 7 -3.74 5.95 -3.98
N GLY A 8 -2.98 5.12 -3.28
CA GLY A 8 -2.01 5.63 -2.32
C GLY A 8 -2.33 5.19 -0.91
N THR A 9 -3.11 4.13 -0.77
CA THR A 9 -3.49 3.63 0.55
C THR A 9 -2.53 2.54 1.01
N LEU A 10 -2.08 2.65 2.26
CA LEU A 10 -1.16 1.68 2.83
C LEU A 10 -1.92 0.59 3.58
N VAL A 11 -1.67 -0.66 3.21
CA VAL A 11 -2.32 -1.79 3.86
C VAL A 11 -1.31 -2.88 4.23
N TRP A 12 -1.81 -3.99 4.77
CA TRP A 12 -0.94 -5.09 5.16
C TRP A 12 -1.28 -6.35 4.36
N LEU A 13 -0.24 -7.01 3.86
CA LEU A 13 -0.41 -8.22 3.07
C LEU A 13 0.24 -9.42 3.77
N LYS A 14 -0.57 -10.39 4.15
CA LYS A 14 -0.08 -11.59 4.82
C LYS A 14 -0.12 -12.79 3.89
N GLN A 15 1.04 -13.40 3.67
CA GLN A 15 1.14 -14.56 2.79
C GLN A 15 0.60 -15.81 3.48
N ASP A 16 0.74 -16.95 2.82
CA ASP A 16 0.27 -18.22 3.37
C ASP A 16 1.07 -18.60 4.61
N ARG A 17 2.36 -18.81 4.43
CA ARG A 17 3.24 -19.18 5.55
C ARG A 17 4.01 -17.97 6.05
N PHE A 18 4.24 -17.00 5.17
CA PHE A 18 4.96 -15.79 5.54
C PHE A 18 4.07 -14.84 6.32
N PRO A 19 4.70 -13.96 7.12
CA PRO A 19 3.98 -12.98 7.94
C PRO A 19 3.33 -11.89 7.10
N TRP A 20 2.85 -10.84 7.76
CA TRP A 20 2.20 -9.74 7.08
C TRP A 20 3.13 -8.52 6.99
N TRP A 21 3.38 -8.06 5.78
CA TRP A 21 4.25 -6.91 5.56
C TRP A 21 3.47 -5.74 4.97
N PRO A 22 3.93 -4.51 5.24
CA PRO A 22 3.29 -3.29 4.74
C PRO A 22 3.48 -3.12 3.24
N GLY A 23 2.47 -2.55 2.59
CA GLY A 23 2.54 -2.34 1.15
C GLY A 23 1.56 -1.28 0.68
N PHE A 24 2.03 -0.41 -0.21
CA PHE A 24 1.19 0.66 -0.74
C PHE A 24 0.35 0.17 -1.91
N VAL A 25 -0.96 0.32 -1.80
CA VAL A 25 -1.88 -0.12 -2.84
C VAL A 25 -1.89 0.87 -4.00
N MET A 26 -1.45 0.42 -5.17
CA MET A 26 -1.42 1.26 -6.36
C MET A 26 -1.90 0.51 -7.59
N ASP A 27 -2.66 1.19 -8.45
CA ASP A 27 -3.18 0.58 -9.66
C ASP A 27 -2.24 0.82 -10.84
N PRO A 28 -2.23 -0.14 -11.78
CA PRO A 28 -1.39 -0.05 -12.98
C PRO A 28 -1.85 1.03 -13.94
N ASP A 29 -3.16 1.15 -14.09
CA ASP A 29 -3.74 2.15 -14.99
C ASP A 29 -5.27 2.12 -14.93
N GLU A 30 -5.80 2.17 -13.71
CA GLU A 30 -7.25 2.14 -13.52
C GLU A 30 -7.86 0.89 -14.13
N VAL A 31 -7.98 -0.17 -13.32
CA VAL A 31 -8.54 -1.43 -13.78
C VAL A 31 -10.05 -1.46 -13.56
N ARG A 32 -10.63 -0.31 -13.25
CA ARG A 32 -12.06 -0.21 -13.00
C ARG A 32 -12.81 -0.05 -14.32
N ASP A 33 -12.23 0.71 -15.24
CA ASP A 33 -12.84 0.95 -16.54
C ASP A 33 -12.11 0.19 -17.65
N ILE A 34 -10.81 0.00 -17.46
CA ILE A 34 -10.00 -0.70 -18.43
C ILE A 34 -9.63 -2.11 -17.94
N THR A 35 -10.21 -3.12 -18.58
CA THR A 35 -9.95 -4.50 -18.21
C THR A 35 -9.28 -5.26 -19.34
N LEU A 36 -7.97 -5.49 -19.22
CA LEU A 36 -7.22 -6.20 -20.23
C LEU A 36 -6.67 -7.51 -19.68
N PRO A 37 -6.45 -8.49 -20.58
CA PRO A 37 -5.92 -9.80 -20.21
C PRO A 37 -4.46 -9.74 -19.77
N GLU A 38 -4.16 -10.36 -18.64
CA GLU A 38 -2.81 -10.38 -18.11
C GLU A 38 -2.71 -11.25 -16.86
N GLY A 39 -3.36 -10.80 -15.79
CA GLY A 39 -3.34 -11.55 -14.54
C GLY A 39 -2.93 -10.70 -13.36
N SER A 40 -2.71 -9.41 -13.60
CA SER A 40 -2.30 -8.48 -12.56
C SER A 40 -3.06 -7.17 -12.66
N ASP A 41 -4.00 -6.97 -11.75
CA ASP A 41 -4.81 -5.75 -11.74
C ASP A 41 -4.39 -4.84 -10.58
N VAL A 42 -3.91 -5.45 -9.51
CA VAL A 42 -3.48 -4.69 -8.34
C VAL A 42 -1.96 -4.70 -8.21
N TRP A 43 -1.39 -3.55 -7.86
CA TRP A 43 0.06 -3.42 -7.70
C TRP A 43 0.41 -3.02 -6.28
N VAL A 44 0.89 -3.97 -5.50
CA VAL A 44 1.27 -3.72 -4.12
C VAL A 44 2.77 -3.45 -3.99
N CYS A 45 3.12 -2.25 -3.57
CA CYS A 45 4.52 -1.87 -3.42
C CYS A 45 4.96 -2.00 -1.96
N CYS A 46 5.60 -3.13 -1.65
CA CYS A 46 6.07 -3.38 -0.29
C CYS A 46 7.33 -2.56 0.01
N LEU A 47 7.77 -2.62 1.26
CA LEU A 47 8.95 -1.87 1.68
C LEU A 47 10.21 -2.43 1.02
N PRO A 48 11.27 -1.60 0.95
CA PRO A 48 12.55 -1.99 0.35
C PRO A 48 13.29 -3.03 1.18
N ARG A 49 13.34 -4.25 0.68
CA ARG A 49 14.02 -5.34 1.38
C ARG A 49 14.41 -6.45 0.42
N ASP A 50 13.57 -6.67 -0.59
CA ASP A 50 13.82 -7.71 -1.58
C ASP A 50 14.14 -7.09 -2.94
N SER A 51 14.42 -5.80 -2.95
CA SER A 51 14.75 -5.09 -4.17
C SER A 51 13.51 -4.95 -5.07
N LEU A 52 12.53 -4.19 -4.58
CA LEU A 52 11.29 -3.97 -5.32
C LEU A 52 10.52 -5.27 -5.48
N THR A 53 9.82 -5.68 -4.41
CA THR A 53 9.03 -6.91 -4.43
C THR A 53 7.58 -6.62 -4.79
N LEU A 54 7.38 -5.75 -5.77
CA LEU A 54 6.03 -5.39 -6.21
C LEU A 54 5.23 -6.63 -6.55
N SER A 55 4.09 -6.79 -5.87
CA SER A 55 3.22 -7.94 -6.09
C SER A 55 2.08 -7.58 -7.05
N ALA A 56 1.98 -8.32 -8.15
CA ALA A 56 0.94 -8.08 -9.14
C ALA A 56 -0.02 -9.27 -9.22
N ALA A 57 -1.30 -9.00 -9.04
CA ALA A 57 -2.32 -10.04 -9.10
C ALA A 57 -3.68 -9.46 -9.46
N ASN A 58 -4.43 -10.19 -10.29
CA ASN A 58 -5.75 -9.75 -10.72
C ASN A 58 -6.83 -10.69 -10.21
N SER A 59 -7.57 -10.24 -9.20
CA SER A 59 -8.64 -11.05 -8.62
C SER A 59 -8.10 -12.42 -8.20
N GLU A 60 -6.84 -12.47 -7.80
CA GLU A 60 -6.21 -13.70 -7.37
C GLU A 60 -5.77 -13.62 -5.91
N ASP A 61 -5.47 -12.41 -5.47
CA ASP A 61 -5.03 -12.19 -4.08
C ASP A 61 -6.23 -11.93 -3.17
N GLU A 62 -6.55 -12.91 -2.33
CA GLU A 62 -7.66 -12.77 -1.40
C GLU A 62 -7.40 -13.55 -0.12
N GLY A 63 -6.12 -13.79 0.16
CA GLY A 63 -5.76 -14.52 1.36
C GLY A 63 -6.02 -13.73 2.62
N GLN A 64 -5.00 -13.00 3.09
CA GLN A 64 -5.12 -12.19 4.29
C GLN A 64 -4.64 -10.76 4.05
N ILE A 65 -5.50 -9.80 4.34
CA ILE A 65 -5.15 -8.39 4.15
C ILE A 65 -5.78 -7.52 5.23
N ARG A 66 -5.06 -6.50 5.67
CA ARG A 66 -5.55 -5.58 6.69
C ARG A 66 -5.35 -4.13 6.28
N TYR A 67 -6.27 -3.28 6.70
CA TYR A 67 -6.20 -1.85 6.37
C TYR A 67 -5.32 -1.11 7.37
N PHE A 68 -4.32 -0.38 6.85
CA PHE A 68 -3.41 0.38 7.69
C PHE A 68 -3.58 1.87 7.46
N LEU A 69 -3.47 2.65 8.53
CA LEU A 69 -3.60 4.10 8.45
C LEU A 69 -3.43 4.75 9.82
N PRO A 70 -4.31 4.37 10.76
CA PRO A 70 -4.28 4.90 12.13
C PRO A 70 -3.07 4.40 12.91
N ASP A 71 -2.38 3.40 12.36
CA ASP A 71 -1.20 2.83 13.01
C ASP A 71 -1.52 2.44 14.45
N ARG A 72 -2.73 1.92 14.66
CA ARG A 72 -3.14 1.50 15.99
C ARG A 72 -3.91 0.18 15.94
N ASP A 73 -3.62 -0.62 14.91
CA ASP A 73 -4.29 -1.90 14.74
C ASP A 73 -3.46 -3.03 15.35
N GLU A 74 -2.75 -2.72 16.44
CA GLU A 74 -1.92 -3.70 17.12
C GLU A 74 -0.86 -4.26 16.17
N GLY A 75 -0.26 -3.38 15.37
CA GLY A 75 0.76 -3.81 14.43
C GLY A 75 1.88 -2.79 14.30
N MET A 76 1.52 -1.51 14.35
CA MET A 76 2.51 -0.44 14.24
C MET A 76 3.66 -0.66 15.22
N MET A 77 3.36 -1.29 16.35
CA MET A 77 4.36 -1.55 17.37
C MET A 77 5.47 -2.45 16.82
N GLU A 78 5.08 -3.45 16.05
CA GLU A 78 6.04 -4.38 15.46
C GLU A 78 6.49 -3.90 14.08
N GLU A 79 5.70 -3.03 13.49
CA GLU A 79 6.01 -2.49 12.17
C GLU A 79 6.64 -1.09 12.29
N GLY A 80 7.16 -0.78 13.47
CA GLY A 80 7.78 0.51 13.69
C GLY A 80 8.68 0.53 14.91
N LYS A 81 8.25 -0.17 15.97
CA LYS A 81 9.02 -0.24 17.20
C LYS A 81 9.79 -1.56 17.28
N LEU A 82 9.98 -2.20 16.14
CA LEU A 82 10.71 -3.46 16.09
C LEU A 82 11.80 -3.42 15.03
N ASP A 83 11.41 -3.13 13.80
CA ASP A 83 12.36 -3.05 12.70
C ASP A 83 12.42 -1.63 12.11
N ALA A 84 13.62 -1.07 12.06
CA ALA A 84 13.80 0.28 11.54
C ALA A 84 13.28 0.39 10.10
N SER A 85 13.31 -0.74 9.39
CA SER A 85 12.85 -0.78 8.01
C SER A 85 11.35 -0.54 7.92
N CYS A 86 10.61 -1.12 8.86
CA CYS A 86 9.15 -0.97 8.90
C CYS A 86 8.77 0.45 9.32
N ALA A 87 9.48 0.98 10.31
CA ALA A 87 9.21 2.32 10.81
C ALA A 87 9.49 3.38 9.73
N VAL A 88 10.58 3.19 9.01
CA VAL A 88 10.97 4.12 7.96
C VAL A 88 10.03 4.01 6.75
N ALA A 89 9.66 2.78 6.41
CA ALA A 89 8.77 2.53 5.29
C ALA A 89 7.40 3.17 5.52
N ILE A 90 6.88 2.99 6.73
CA ILE A 90 5.57 3.54 7.08
C ILE A 90 5.63 5.06 7.18
N GLU A 91 6.64 5.57 7.88
CA GLU A 91 6.80 7.01 8.04
C GLU A 91 6.91 7.70 6.69
N GLU A 92 7.57 7.04 5.74
CA GLU A 92 7.74 7.60 4.41
C GLU A 92 6.44 7.54 3.62
N ALA A 93 5.76 6.40 3.70
CA ALA A 93 4.49 6.21 3.00
C ALA A 93 3.49 7.30 3.38
N ILE A 94 3.36 7.55 4.67
CA ILE A 94 2.43 8.56 5.17
C ILE A 94 2.97 9.97 4.92
N GLN A 95 4.29 10.11 4.99
CA GLN A 95 4.93 11.40 4.76
C GLN A 95 4.70 11.89 3.34
N LEU A 96 4.58 10.95 2.41
CA LEU A 96 4.35 11.28 1.01
C LEU A 96 2.86 11.38 0.71
N TYR A 97 2.08 10.47 1.28
CA TYR A 97 0.64 10.45 1.07
C TYR A 97 0.01 11.76 1.53
N GLU A 98 0.46 12.25 2.69
CA GLU A 98 -0.06 13.49 3.25
C GLU A 98 0.71 14.69 2.70
N GLU A 99 1.58 14.44 1.74
CA GLU A 99 2.37 15.50 1.13
C GLU A 99 1.95 15.74 -0.32
N GLN A 100 1.37 14.71 -0.93
CA GLN A 100 0.92 14.81 -2.32
C GLN A 100 -0.60 14.91 -2.38
N LEU A 101 -1.27 14.31 -1.42
CA LEU A 101 -2.73 14.32 -1.37
C LEU A 101 -3.24 15.62 -0.75
N LYS A 102 -2.41 16.25 0.06
CA LYS A 102 -2.77 17.51 0.71
C LYS A 102 -2.28 18.70 -0.10
N ALA A 103 -1.22 18.48 -0.87
CA ALA A 103 -0.65 19.55 -1.69
C ALA A 103 -1.49 19.76 -2.95
N GLN A 104 -2.19 18.72 -3.38
CA GLN A 104 -3.03 18.81 -4.57
C GLN A 104 -4.50 18.79 -4.21
N ALA A 105 -4.80 19.12 -2.95
CA ALA A 105 -6.18 19.15 -2.47
C ALA A 105 -6.60 20.56 -2.07
N GLY A 106 -5.93 21.55 -2.66
CA GLY A 106 -6.25 22.93 -2.36
C GLY A 106 -5.09 23.88 -2.64
N GLY A 107 -3.88 23.42 -2.33
CA GLY A 107 -2.71 24.24 -2.56
C GLY A 107 -2.29 25.01 -1.32
N THR A 108 -2.42 24.37 -0.16
CA THR A 108 -2.05 25.01 1.11
C THR A 108 -2.98 26.18 1.42
N ASN A 109 -4.26 25.89 1.59
CA ASN A 109 -5.25 26.91 1.91
C ASN A 109 -5.24 28.01 0.84
N GLU A 110 -4.99 27.62 -0.40
CA GLU A 110 -4.96 28.57 -1.50
C GLU A 110 -4.85 27.85 -2.85
N MET A 1 -10.62 9.63 -11.98
CA MET A 1 -9.54 10.25 -11.24
C MET A 1 -9.42 9.67 -9.83
N ILE A 2 -9.44 8.34 -9.74
CA ILE A 2 -9.34 7.66 -8.46
C ILE A 2 -8.96 6.20 -8.64
N PRO A 3 -7.72 5.96 -9.11
CA PRO A 3 -7.21 4.61 -9.35
C PRO A 3 -6.97 3.84 -8.04
N SER A 4 -7.33 2.57 -8.03
CA SER A 4 -7.16 1.74 -6.84
C SER A 4 -7.81 2.39 -5.62
N PHE A 5 -8.89 3.13 -5.86
CA PHE A 5 -9.60 3.80 -4.78
C PHE A 5 -8.63 4.50 -3.84
N ALA A 6 -8.23 5.72 -4.20
CA ALA A 6 -7.30 6.50 -3.39
C ALA A 6 -5.93 5.82 -3.32
N PRO A 7 -5.09 6.08 -4.33
CA PRO A 7 -3.74 5.50 -4.40
C PRO A 7 -2.81 6.07 -3.35
N GLY A 8 -2.09 5.20 -2.66
CA GLY A 8 -1.17 5.64 -1.62
C GLY A 8 -1.57 5.18 -0.25
N THR A 9 -2.40 4.14 -0.19
CA THR A 9 -2.87 3.60 1.08
C THR A 9 -2.00 2.44 1.54
N LEU A 10 -1.60 2.47 2.81
CA LEU A 10 -0.77 1.42 3.37
C LEU A 10 -1.61 0.35 4.05
N VAL A 11 -1.56 -0.87 3.52
CA VAL A 11 -2.31 -1.98 4.07
C VAL A 11 -1.39 -3.14 4.46
N TRP A 12 -1.99 -4.23 4.93
CA TRP A 12 -1.22 -5.40 5.34
C TRP A 12 -1.57 -6.60 4.47
N LEU A 13 -0.54 -7.31 4.01
CA LEU A 13 -0.73 -8.48 3.16
C LEU A 13 -0.24 -9.74 3.86
N LYS A 14 -1.16 -10.66 4.13
CA LYS A 14 -0.82 -11.91 4.80
C LYS A 14 -0.85 -13.08 3.82
N GLN A 15 0.32 -13.60 3.48
CA GLN A 15 0.43 -14.71 2.55
C GLN A 15 -0.13 -15.99 3.17
N ASP A 16 -0.31 -17.01 2.34
CA ASP A 16 -0.83 -18.29 2.80
C ASP A 16 0.13 -18.95 3.79
N ARG A 17 1.38 -19.12 3.36
CA ARG A 17 2.40 -19.73 4.21
C ARG A 17 3.27 -18.67 4.88
N PHE A 18 3.40 -17.52 4.22
CA PHE A 18 4.20 -16.42 4.73
C PHE A 18 3.40 -15.56 5.68
N PRO A 19 4.10 -14.83 6.56
CA PRO A 19 3.47 -13.95 7.55
C PRO A 19 2.83 -12.72 6.90
N TRP A 20 2.41 -11.76 7.72
CA TRP A 20 1.80 -10.54 7.22
C TRP A 20 2.79 -9.38 7.24
N TRP A 21 3.01 -8.79 6.07
CA TRP A 21 3.94 -7.67 5.95
C TRP A 21 3.24 -6.45 5.36
N PRO A 22 3.77 -5.26 5.67
CA PRO A 22 3.21 -4.00 5.19
C PRO A 22 3.43 -3.80 3.69
N GLY A 23 2.48 -3.12 3.05
CA GLY A 23 2.59 -2.89 1.62
C GLY A 23 1.74 -1.71 1.16
N PHE A 24 2.33 -0.85 0.34
CA PHE A 24 1.61 0.32 -0.17
C PHE A 24 0.79 -0.04 -1.40
N VAL A 25 -0.48 0.33 -1.39
CA VAL A 25 -1.38 0.05 -2.51
C VAL A 25 -1.17 1.06 -3.64
N MET A 26 -0.76 0.55 -4.80
CA MET A 26 -0.52 1.40 -5.96
C MET A 26 -1.12 0.79 -7.21
N ASP A 27 -1.69 1.62 -8.07
CA ASP A 27 -2.30 1.15 -9.31
C ASP A 27 -1.26 1.03 -10.41
N PRO A 28 -1.41 0.01 -11.27
CA PRO A 28 -0.48 -0.24 -12.38
C PRO A 28 -0.60 0.81 -13.48
N ASP A 29 -1.82 1.26 -13.72
CA ASP A 29 -2.06 2.28 -14.75
C ASP A 29 -3.54 2.64 -14.81
N GLU A 30 -4.16 2.82 -13.64
CA GLU A 30 -5.57 3.18 -13.56
C GLU A 30 -6.43 2.05 -14.10
N VAL A 31 -6.50 0.95 -13.36
CA VAL A 31 -7.29 -0.21 -13.77
C VAL A 31 -8.69 -0.14 -13.16
N ARG A 32 -8.94 0.90 -12.37
CA ARG A 32 -10.24 1.06 -11.72
C ARG A 32 -11.30 1.48 -12.73
N ASP A 33 -10.88 2.20 -13.76
CA ASP A 33 -11.79 2.67 -14.80
C ASP A 33 -11.63 1.85 -16.07
N ILE A 34 -10.41 1.42 -16.34
CA ILE A 34 -10.12 0.62 -17.53
C ILE A 34 -9.68 -0.80 -17.15
N THR A 35 -10.54 -1.77 -17.43
CA THR A 35 -10.24 -3.16 -17.11
C THR A 35 -9.77 -3.91 -18.35
N LEU A 36 -8.46 -4.15 -18.42
CA LEU A 36 -7.87 -4.86 -19.56
C LEU A 36 -7.26 -6.18 -19.12
N PRO A 37 -7.19 -7.15 -20.04
CA PRO A 37 -6.62 -8.47 -19.77
C PRO A 37 -5.11 -8.42 -19.56
N GLU A 38 -4.64 -9.06 -18.49
CA GLU A 38 -3.21 -9.09 -18.19
C GLU A 38 -2.92 -10.10 -17.07
N GLY A 39 -3.38 -9.77 -15.86
CA GLY A 39 -3.15 -10.65 -14.73
C GLY A 39 -2.77 -9.90 -13.48
N SER A 40 -2.54 -8.60 -13.62
CA SER A 40 -2.15 -7.76 -12.49
C SER A 40 -2.94 -6.45 -12.50
N ASP A 41 -3.86 -6.31 -11.55
CA ASP A 41 -4.67 -5.10 -11.45
C ASP A 41 -4.22 -4.24 -10.29
N VAL A 42 -3.68 -4.88 -9.26
CA VAL A 42 -3.20 -4.18 -8.07
C VAL A 42 -1.72 -4.41 -7.85
N TRP A 43 -1.00 -3.36 -7.49
CA TRP A 43 0.44 -3.45 -7.24
C TRP A 43 0.76 -3.13 -5.78
N VAL A 44 1.22 -4.13 -5.05
CA VAL A 44 1.57 -3.95 -3.65
C VAL A 44 3.07 -3.78 -3.48
N CYS A 45 3.48 -2.59 -3.03
CA CYS A 45 4.89 -2.29 -2.82
C CYS A 45 5.27 -2.46 -1.35
N CYS A 46 5.83 -3.61 -1.02
CA CYS A 46 6.24 -3.89 0.35
C CYS A 46 7.53 -3.14 0.70
N LEU A 47 7.91 -3.21 1.97
CA LEU A 47 9.12 -2.53 2.44
C LEU A 47 10.37 -3.17 1.83
N PRO A 48 11.47 -2.40 1.83
CA PRO A 48 12.74 -2.87 1.29
C PRO A 48 13.38 -3.96 2.15
N ARG A 49 13.38 -5.19 1.64
CA ARG A 49 13.95 -6.32 2.38
C ARG A 49 14.30 -7.46 1.42
N ASP A 50 13.49 -7.62 0.38
CA ASP A 50 13.71 -8.67 -0.61
C ASP A 50 14.15 -8.08 -1.94
N SER A 51 14.52 -6.80 -1.93
CA SER A 51 14.95 -6.12 -3.14
C SER A 51 13.77 -5.90 -4.09
N LEU A 52 12.81 -5.08 -3.64
CA LEU A 52 11.64 -4.79 -4.45
C LEU A 52 10.79 -6.04 -4.66
N THR A 53 10.01 -6.40 -3.64
CA THR A 53 9.16 -7.57 -3.71
C THR A 53 7.74 -7.20 -4.13
N LEU A 54 7.64 -6.27 -5.06
CA LEU A 54 6.34 -5.82 -5.56
C LEU A 54 5.49 -7.00 -6.01
N SER A 55 4.31 -7.13 -5.41
CA SER A 55 3.40 -8.22 -5.76
C SER A 55 2.23 -7.71 -6.59
N ALA A 56 2.14 -8.19 -7.84
CA ALA A 56 1.08 -7.78 -8.74
C ALA A 56 0.09 -8.92 -8.97
N ALA A 57 -1.20 -8.61 -8.85
CA ALA A 57 -2.24 -9.61 -9.05
C ALA A 57 -3.55 -8.96 -9.47
N ASN A 58 -4.29 -9.64 -10.35
CA ASN A 58 -5.57 -9.12 -10.83
C ASN A 58 -6.72 -10.03 -10.40
N SER A 59 -7.48 -9.57 -9.40
CA SER A 59 -8.61 -10.34 -8.89
C SER A 59 -8.18 -11.75 -8.51
N GLU A 60 -6.93 -11.87 -8.04
CA GLU A 60 -6.40 -13.16 -7.63
C GLU A 60 -6.05 -13.15 -6.14
N ASP A 61 -5.72 -11.97 -5.63
CA ASP A 61 -5.36 -11.84 -4.22
C ASP A 61 -6.60 -11.53 -3.38
N GLU A 62 -7.04 -12.50 -2.59
CA GLU A 62 -8.20 -12.32 -1.74
C GLU A 62 -8.06 -13.14 -0.44
N GLY A 63 -6.82 -13.49 -0.11
CA GLY A 63 -6.57 -14.26 1.09
C GLY A 63 -6.84 -13.47 2.35
N GLN A 64 -5.79 -12.89 2.93
CA GLN A 64 -5.92 -12.10 4.14
C GLN A 64 -5.29 -10.73 3.98
N ILE A 65 -6.08 -9.68 4.24
CA ILE A 65 -5.60 -8.32 4.11
C ILE A 65 -6.12 -7.44 5.24
N ARG A 66 -5.30 -6.52 5.72
CA ARG A 66 -5.68 -5.62 6.80
C ARG A 66 -5.49 -4.16 6.38
N TYR A 67 -6.30 -3.28 6.94
CA TYR A 67 -6.21 -1.85 6.63
C TYR A 67 -5.32 -1.13 7.64
N PHE A 68 -4.20 -0.61 7.16
CA PHE A 68 -3.27 0.11 8.02
C PHE A 68 -3.40 1.62 7.82
N LEU A 69 -3.24 2.37 8.90
CA LEU A 69 -3.35 3.83 8.85
C LEU A 69 -3.08 4.44 10.22
N PRO A 70 -3.92 4.08 11.20
CA PRO A 70 -3.80 4.59 12.57
C PRO A 70 -2.58 4.02 13.29
N ASP A 71 -1.96 3.01 12.68
CA ASP A 71 -0.78 2.38 13.27
C ASP A 71 -1.03 1.99 14.72
N ARG A 72 -2.26 1.60 15.02
CA ARG A 72 -2.63 1.21 16.37
C ARG A 72 -3.33 -0.15 16.38
N ASP A 73 -3.09 -0.94 15.33
CA ASP A 73 -3.69 -2.26 15.21
C ASP A 73 -2.76 -3.34 15.76
N GLU A 74 -2.00 -2.99 16.79
CA GLU A 74 -1.06 -3.93 17.40
C GLU A 74 -0.03 -4.41 16.38
N GLY A 75 0.49 -3.47 15.59
CA GLY A 75 1.48 -3.82 14.59
C GLY A 75 2.58 -2.77 14.48
N MET A 76 2.19 -1.51 14.60
CA MET A 76 3.16 -0.41 14.51
C MET A 76 4.35 -0.66 15.43
N MET A 77 4.11 -1.34 16.54
CA MET A 77 5.16 -1.64 17.50
C MET A 77 6.25 -2.49 16.86
N GLU A 78 5.85 -3.46 16.05
CA GLU A 78 6.80 -4.34 15.36
C GLU A 78 7.19 -3.76 14.00
N GLU A 79 6.36 -2.87 13.48
CA GLU A 79 6.62 -2.26 12.19
C GLU A 79 7.21 -0.85 12.36
N GLY A 80 7.75 -0.59 13.55
CA GLY A 80 8.34 0.71 13.82
C GLY A 80 9.28 0.68 15.02
N LYS A 81 8.91 -0.09 16.04
CA LYS A 81 9.72 -0.20 17.25
C LYS A 81 10.52 -1.50 17.24
N LEU A 82 10.70 -2.07 16.06
CA LEU A 82 11.44 -3.31 15.93
C LEU A 82 12.46 -3.22 14.79
N ASP A 83 11.98 -2.94 13.59
CA ASP A 83 12.85 -2.81 12.42
C ASP A 83 12.79 -1.40 11.85
N ALA A 84 13.96 -0.77 11.73
CA ALA A 84 14.04 0.58 11.20
C ALA A 84 13.45 0.66 9.80
N SER A 85 13.53 -0.44 9.07
CA SER A 85 12.99 -0.49 7.71
C SER A 85 11.48 -0.28 7.71
N CYS A 86 10.81 -0.90 8.68
CA CYS A 86 9.36 -0.79 8.80
C CYS A 86 8.95 0.63 9.15
N ALA A 87 9.64 1.21 10.14
CA ALA A 87 9.35 2.57 10.58
C ALA A 87 9.57 3.57 9.45
N VAL A 88 10.60 3.35 8.65
CA VAL A 88 10.91 4.23 7.53
C VAL A 88 9.86 4.11 6.43
N ALA A 89 9.48 2.88 6.12
CA ALA A 89 8.48 2.62 5.09
C ALA A 89 7.15 3.28 5.43
N ILE A 90 6.72 3.12 6.69
CA ILE A 90 5.47 3.70 7.15
C ILE A 90 5.54 5.22 7.16
N GLU A 91 6.60 5.76 7.74
CA GLU A 91 6.79 7.20 7.82
C GLU A 91 6.77 7.83 6.43
N GLU A 92 7.33 7.12 5.46
CA GLU A 92 7.37 7.61 4.09
C GLU A 92 5.99 7.57 3.45
N ALA A 93 5.28 6.46 3.66
CA ALA A 93 3.94 6.29 3.10
C ALA A 93 3.00 7.40 3.57
N ILE A 94 3.08 7.71 4.86
CA ILE A 94 2.25 8.75 5.44
C ILE A 94 2.73 10.14 5.03
N GLN A 95 4.05 10.29 4.90
CA GLN A 95 4.64 11.57 4.52
C GLN A 95 4.23 11.94 3.09
N LEU A 96 4.02 10.94 2.26
CA LEU A 96 3.63 11.17 0.87
C LEU A 96 2.13 11.32 0.75
N TYR A 97 1.39 10.45 1.45
CA TYR A 97 -0.07 10.50 1.41
C TYR A 97 -0.59 11.84 1.91
N GLU A 98 0.00 12.34 2.98
CA GLU A 98 -0.40 13.62 3.56
C GLU A 98 0.13 14.78 2.72
N GLU A 99 1.14 14.50 1.90
CA GLU A 99 1.75 15.52 1.05
C GLU A 99 0.95 15.68 -0.25
N GLN A 100 0.30 14.60 -0.68
CA GLN A 100 -0.48 14.62 -1.90
C GLN A 100 -1.96 14.82 -1.60
N LEU A 101 -2.39 14.35 -0.43
CA LEU A 101 -3.78 14.47 -0.02
C LEU A 101 -4.25 15.92 -0.11
N LYS A 102 -3.44 16.83 0.43
CA LYS A 102 -3.76 18.26 0.40
C LYS A 102 -3.59 18.83 -1.00
N ALA A 103 -2.70 18.21 -1.78
CA ALA A 103 -2.45 18.66 -3.14
C ALA A 103 -3.64 18.37 -4.05
N GLN A 104 -4.33 17.27 -3.77
CA GLN A 104 -5.49 16.88 -4.56
C GLN A 104 -6.78 17.30 -3.89
N ALA A 105 -6.69 18.28 -2.99
CA ALA A 105 -7.84 18.78 -2.26
C ALA A 105 -8.10 20.24 -2.59
N GLY A 106 -7.63 20.68 -3.76
CA GLY A 106 -7.82 22.06 -4.17
C GLY A 106 -6.53 22.69 -4.67
N GLY A 107 -5.88 22.02 -5.62
CA GLY A 107 -4.64 22.53 -6.17
C GLY A 107 -4.78 23.96 -6.67
N THR A 108 -4.23 24.91 -5.91
CA THR A 108 -4.30 26.32 -6.29
C THR A 108 -5.73 26.83 -6.23
N ASN A 109 -6.31 26.81 -5.03
CA ASN A 109 -7.68 27.27 -4.85
C ASN A 109 -8.63 26.60 -5.83
N GLU A 110 -8.36 25.33 -6.12
CA GLU A 110 -9.19 24.57 -7.05
C GLU A 110 -10.55 24.26 -6.44
N MET A 1 -9.72 10.17 -11.86
CA MET A 1 -8.28 10.02 -11.71
C MET A 1 -7.94 9.35 -10.38
N ILE A 2 -8.77 8.40 -9.97
CA ILE A 2 -8.56 7.68 -8.73
C ILE A 2 -8.45 6.18 -8.97
N PRO A 3 -7.32 5.75 -9.55
CA PRO A 3 -7.07 4.34 -9.85
C PRO A 3 -6.85 3.50 -8.59
N SER A 4 -7.41 2.31 -8.58
CA SER A 4 -7.28 1.41 -7.43
C SER A 4 -7.94 2.02 -6.19
N PHE A 5 -9.00 2.79 -6.41
CA PHE A 5 -9.72 3.43 -5.32
C PHE A 5 -8.76 4.15 -4.38
N ALA A 6 -8.39 5.37 -4.73
CA ALA A 6 -7.47 6.16 -3.92
C ALA A 6 -6.09 5.50 -3.85
N PRO A 7 -5.28 5.73 -4.90
CA PRO A 7 -3.94 5.17 -4.98
C PRO A 7 -2.97 5.81 -3.99
N GLY A 8 -2.24 4.97 -3.27
CA GLY A 8 -1.29 5.48 -2.29
C GLY A 8 -1.67 5.08 -0.87
N THR A 9 -2.50 4.05 -0.74
CA THR A 9 -2.93 3.57 0.57
C THR A 9 -2.04 2.45 1.07
N LEU A 10 -1.63 2.55 2.32
CA LEU A 10 -0.77 1.53 2.93
C LEU A 10 -1.60 0.49 3.67
N VAL A 11 -1.41 -0.78 3.29
CA VAL A 11 -2.14 -1.88 3.92
C VAL A 11 -1.19 -3.00 4.32
N TRP A 12 -1.77 -4.08 4.85
CA TRP A 12 -0.97 -5.23 5.27
C TRP A 12 -1.35 -6.47 4.46
N LEU A 13 -0.34 -7.18 3.97
CA LEU A 13 -0.56 -8.39 3.18
C LEU A 13 -0.01 -9.61 3.91
N LYS A 14 -0.90 -10.54 4.26
CA LYS A 14 -0.51 -11.75 4.95
C LYS A 14 -0.58 -12.96 4.01
N GLN A 15 0.55 -13.62 3.82
CA GLN A 15 0.61 -14.79 2.94
C GLN A 15 -0.01 -16.01 3.62
N ASP A 16 0.00 -17.14 2.92
CA ASP A 16 -0.56 -18.38 3.45
C ASP A 16 0.20 -18.83 4.69
N ARG A 17 1.50 -19.10 4.52
CA ARG A 17 2.33 -19.55 5.62
C ARG A 17 3.21 -18.42 6.14
N PHE A 18 3.48 -17.44 5.26
CA PHE A 18 4.30 -16.30 5.64
C PHE A 18 3.50 -15.28 6.45
N PRO A 19 4.21 -14.46 7.23
CA PRO A 19 3.58 -13.43 8.07
C PRO A 19 2.99 -12.30 7.25
N TRP A 20 2.57 -11.23 7.93
CA TRP A 20 1.97 -10.09 7.26
C TRP A 20 2.97 -8.94 7.17
N TRP A 21 3.21 -8.46 5.95
CA TRP A 21 4.14 -7.36 5.73
C TRP A 21 3.43 -6.15 5.13
N PRO A 22 3.96 -4.95 5.41
CA PRO A 22 3.38 -3.71 4.90
C PRO A 22 3.59 -3.54 3.39
N GLY A 23 2.62 -2.93 2.74
CA GLY A 23 2.70 -2.72 1.29
C GLY A 23 1.80 -1.61 0.81
N PHE A 24 2.32 -0.76 -0.07
CA PHE A 24 1.56 0.35 -0.61
C PHE A 24 0.73 -0.08 -1.81
N VAL A 25 -0.57 0.11 -1.73
CA VAL A 25 -1.48 -0.27 -2.80
C VAL A 25 -1.39 0.71 -3.96
N MET A 26 -0.96 0.22 -5.11
CA MET A 26 -0.82 1.05 -6.31
C MET A 26 -1.36 0.33 -7.54
N ASP A 27 -2.02 1.09 -8.42
CA ASP A 27 -2.59 0.52 -9.63
C ASP A 27 -1.52 0.42 -10.73
N PRO A 28 -1.65 -0.61 -11.59
CA PRO A 28 -0.70 -0.84 -12.69
C PRO A 28 -0.83 0.22 -13.78
N ASP A 29 -2.06 0.61 -14.08
CA ASP A 29 -2.31 1.61 -15.11
C ASP A 29 -3.80 1.92 -15.21
N GLU A 30 -4.43 2.17 -14.07
CA GLU A 30 -5.86 2.48 -14.03
C GLU A 30 -6.68 1.29 -14.52
N VAL A 31 -6.77 0.26 -13.69
CA VAL A 31 -7.53 -0.94 -14.03
C VAL A 31 -8.92 -0.92 -13.40
N ARG A 32 -9.33 0.26 -12.93
CA ARG A 32 -10.63 0.42 -12.30
C ARG A 32 -11.73 0.64 -13.35
N ASP A 33 -11.38 1.36 -14.41
CA ASP A 33 -12.32 1.63 -15.48
C ASP A 33 -12.03 0.77 -16.71
N ILE A 34 -10.77 0.43 -16.89
CA ILE A 34 -10.36 -0.40 -18.02
C ILE A 34 -9.91 -1.77 -17.56
N THR A 35 -10.71 -2.79 -17.88
CA THR A 35 -10.40 -4.17 -17.50
C THR A 35 -9.88 -4.96 -18.70
N LEU A 36 -8.56 -5.18 -18.71
CA LEU A 36 -7.93 -5.92 -19.80
C LEU A 36 -7.32 -7.22 -19.28
N PRO A 37 -7.21 -8.22 -20.17
CA PRO A 37 -6.63 -9.52 -19.82
C PRO A 37 -5.12 -9.44 -19.58
N GLU A 38 -4.69 -10.04 -18.47
CA GLU A 38 -3.27 -10.03 -18.11
C GLU A 38 -3.00 -10.95 -16.92
N GLY A 39 -3.53 -10.58 -15.76
CA GLY A 39 -3.34 -11.38 -14.57
C GLY A 39 -2.89 -10.55 -13.38
N SER A 40 -2.72 -9.24 -13.60
CA SER A 40 -2.28 -8.34 -12.54
C SER A 40 -3.09 -7.04 -12.57
N ASP A 41 -4.00 -6.90 -11.60
CA ASP A 41 -4.84 -5.72 -11.52
C ASP A 41 -4.37 -4.80 -10.38
N VAL A 42 -3.80 -5.41 -9.35
CA VAL A 42 -3.30 -4.66 -8.20
C VAL A 42 -1.81 -4.86 -8.00
N TRP A 43 -1.10 -3.78 -7.69
CA TRP A 43 0.34 -3.85 -7.48
C TRP A 43 0.70 -3.38 -6.07
N VAL A 44 1.12 -4.32 -5.23
CA VAL A 44 1.50 -4.00 -3.86
C VAL A 44 3.00 -3.82 -3.73
N CYS A 45 3.43 -2.61 -3.37
CA CYS A 45 4.84 -2.30 -3.22
C CYS A 45 5.26 -2.38 -1.75
N CYS A 46 5.83 -3.52 -1.36
CA CYS A 46 6.27 -3.72 0.02
C CYS A 46 7.57 -2.97 0.29
N LEU A 47 8.01 -2.97 1.54
CA LEU A 47 9.23 -2.29 1.93
C LEU A 47 10.45 -2.97 1.32
N PRO A 48 11.57 -2.23 1.24
CA PRO A 48 12.82 -2.74 0.68
C PRO A 48 13.47 -3.79 1.59
N ARG A 49 13.43 -5.04 1.15
CA ARG A 49 14.02 -6.13 1.92
C ARG A 49 14.32 -7.33 1.02
N ASP A 50 13.48 -7.53 0.02
CA ASP A 50 13.66 -8.64 -0.91
C ASP A 50 14.04 -8.14 -2.30
N SER A 51 14.43 -6.87 -2.37
CA SER A 51 14.83 -6.26 -3.63
C SER A 51 13.62 -6.07 -4.55
N LEU A 52 12.69 -5.22 -4.12
CA LEU A 52 11.49 -4.95 -4.90
C LEU A 52 10.62 -6.19 -5.01
N THR A 53 9.88 -6.50 -3.95
CA THR A 53 9.01 -7.67 -3.93
C THR A 53 7.59 -7.30 -4.33
N LEU A 54 7.47 -6.43 -5.34
CA LEU A 54 6.17 -5.99 -5.81
C LEU A 54 5.29 -7.20 -6.17
N SER A 55 4.13 -7.27 -5.53
CA SER A 55 3.20 -8.36 -5.77
C SER A 55 2.08 -7.94 -6.72
N ALA A 56 2.03 -8.57 -7.88
CA ALA A 56 1.01 -8.26 -8.88
C ALA A 56 0.02 -9.41 -9.05
N ALA A 57 -1.26 -9.11 -8.92
CA ALA A 57 -2.30 -10.12 -9.05
C ALA A 57 -3.63 -9.50 -9.46
N ASN A 58 -4.38 -10.21 -10.28
CA ASN A 58 -5.68 -9.72 -10.74
C ASN A 58 -6.81 -10.61 -10.23
N SER A 59 -7.55 -10.11 -9.24
CA SER A 59 -8.65 -10.85 -8.66
C SER A 59 -8.21 -12.24 -8.20
N GLU A 60 -6.94 -12.33 -7.78
CA GLU A 60 -6.39 -13.60 -7.32
C GLU A 60 -5.98 -13.52 -5.85
N ASP A 61 -5.65 -12.31 -5.40
CA ASP A 61 -5.24 -12.09 -4.02
C ASP A 61 -6.44 -11.71 -3.16
N GLU A 62 -6.87 -12.63 -2.30
CA GLU A 62 -8.00 -12.39 -1.42
C GLU A 62 -7.85 -13.16 -0.11
N GLY A 63 -6.62 -13.53 0.21
CA GLY A 63 -6.36 -14.28 1.43
C GLY A 63 -6.59 -13.44 2.68
N GLN A 64 -5.51 -12.89 3.22
CA GLN A 64 -5.60 -12.06 4.41
C GLN A 64 -5.01 -10.67 4.16
N ILE A 65 -5.80 -9.64 4.44
CA ILE A 65 -5.35 -8.26 4.23
C ILE A 65 -5.91 -7.35 5.31
N ARG A 66 -5.10 -6.38 5.74
CA ARG A 66 -5.51 -5.44 6.77
C ARG A 66 -5.30 -4.00 6.31
N TYR A 67 -6.15 -3.09 6.78
CA TYR A 67 -6.05 -1.69 6.42
C TYR A 67 -5.17 -0.92 7.41
N PHE A 68 -4.06 -0.38 6.92
CA PHE A 68 -3.13 0.37 7.76
C PHE A 68 -3.28 1.87 7.53
N LEU A 69 -3.14 2.64 8.60
CA LEU A 69 -3.27 4.09 8.51
C LEU A 69 -3.06 4.73 9.88
N PRO A 70 -3.92 4.39 10.84
CA PRO A 70 -3.84 4.92 12.21
C PRO A 70 -2.62 4.39 12.96
N ASP A 71 -1.92 3.44 12.36
CA ASP A 71 -0.74 2.85 12.98
C ASP A 71 -1.00 2.52 14.44
N ARG A 72 -2.23 2.12 14.75
CA ARG A 72 -2.61 1.77 16.11
C ARG A 72 -3.38 0.44 16.14
N ASP A 73 -3.13 -0.40 15.14
CA ASP A 73 -3.79 -1.69 15.05
C ASP A 73 -2.92 -2.79 15.67
N GLU A 74 -2.17 -2.43 16.70
CA GLU A 74 -1.29 -3.38 17.37
C GLU A 74 -0.27 -3.96 16.40
N GLY A 75 0.31 -3.09 15.57
CA GLY A 75 1.31 -3.52 14.61
C GLY A 75 2.40 -2.50 14.40
N MET A 76 2.04 -1.22 14.44
CA MET A 76 3.00 -0.15 14.26
C MET A 76 4.20 -0.33 15.17
N MET A 77 3.98 -0.96 16.31
CA MET A 77 5.06 -1.21 17.28
C MET A 77 6.13 -2.11 16.68
N GLU A 78 5.69 -3.14 15.95
CA GLU A 78 6.62 -4.07 15.32
C GLU A 78 6.99 -3.62 13.91
N GLU A 79 6.19 -2.70 13.36
CA GLU A 79 6.43 -2.18 12.02
C GLU A 79 6.94 -0.75 12.08
N GLY A 80 7.47 -0.35 13.24
CA GLY A 80 7.99 0.99 13.40
C GLY A 80 8.85 1.13 14.63
N LYS A 81 8.41 0.54 15.74
CA LYS A 81 9.15 0.60 17.00
C LYS A 81 9.98 -0.65 17.20
N LEU A 82 10.22 -1.38 16.12
CA LEU A 82 11.02 -2.61 16.17
C LEU A 82 12.07 -2.64 15.07
N ASP A 83 11.65 -2.32 13.85
CA ASP A 83 12.56 -2.30 12.71
C ASP A 83 12.67 -0.90 12.13
N ALA A 84 13.80 -0.61 11.49
CA ALA A 84 14.04 0.69 10.88
C ALA A 84 13.43 0.76 9.49
N SER A 85 13.46 -0.36 8.77
CA SER A 85 12.92 -0.41 7.42
C SER A 85 11.41 -0.21 7.44
N CYS A 86 10.74 -0.77 8.45
CA CYS A 86 9.30 -0.65 8.57
C CYS A 86 8.90 0.78 8.92
N ALA A 87 9.57 1.35 9.92
CA ALA A 87 9.29 2.71 10.35
C ALA A 87 9.51 3.71 9.22
N VAL A 88 10.60 3.50 8.47
CA VAL A 88 10.93 4.38 7.36
C VAL A 88 9.91 4.24 6.23
N ALA A 89 9.54 3.00 5.92
CA ALA A 89 8.57 2.74 4.86
C ALA A 89 7.24 3.41 5.15
N ILE A 90 6.78 3.29 6.39
CA ILE A 90 5.51 3.89 6.80
C ILE A 90 5.60 5.41 6.78
N GLU A 91 6.65 5.95 7.37
CA GLU A 91 6.85 7.39 7.41
C GLU A 91 6.86 7.98 6.01
N GLU A 92 7.44 7.25 5.07
CA GLU A 92 7.51 7.72 3.68
C GLU A 92 6.14 7.65 3.02
N ALA A 93 5.44 6.54 3.22
CA ALA A 93 4.12 6.36 2.64
C ALA A 93 3.18 7.49 3.05
N ILE A 94 3.19 7.83 4.33
CA ILE A 94 2.34 8.90 4.85
C ILE A 94 2.86 10.27 4.45
N GLN A 95 4.19 10.39 4.36
CA GLN A 95 4.81 11.65 3.98
C GLN A 95 4.45 12.02 2.54
N LEU A 96 4.24 11.01 1.70
CA LEU A 96 3.89 11.23 0.31
C LEU A 96 2.37 11.38 0.15
N TYR A 97 1.62 10.53 0.85
CA TYR A 97 0.17 10.57 0.78
C TYR A 97 -0.36 11.92 1.21
N GLU A 98 0.20 12.45 2.30
CA GLU A 98 -0.22 13.74 2.83
C GLU A 98 0.47 14.88 2.09
N GLU A 99 1.29 14.53 1.09
CA GLU A 99 2.02 15.52 0.31
C GLU A 99 1.41 15.66 -1.09
N GLN A 100 0.72 14.61 -1.53
CA GLN A 100 0.11 14.61 -2.85
C GLN A 100 -1.41 14.78 -2.74
N LEU A 101 -1.98 14.29 -1.64
CA LEU A 101 -3.41 14.40 -1.42
C LEU A 101 -3.80 15.81 -0.98
N LYS A 102 -2.88 16.49 -0.31
CA LYS A 102 -3.12 17.84 0.16
C LYS A 102 -3.09 18.83 -1.01
N ALA A 103 -2.19 18.60 -1.95
CA ALA A 103 -2.06 19.46 -3.12
C ALA A 103 -3.34 19.43 -3.96
N GLN A 104 -4.04 18.31 -3.92
CA GLN A 104 -5.28 18.16 -4.69
C GLN A 104 -6.50 18.31 -3.78
N ALA A 105 -6.30 18.95 -2.63
CA ALA A 105 -7.38 19.17 -1.68
C ALA A 105 -7.73 20.64 -1.57
N GLY A 106 -7.43 21.40 -2.63
CA GLY A 106 -7.71 22.82 -2.62
C GLY A 106 -6.51 23.66 -2.24
N GLY A 107 -5.59 23.05 -1.48
CA GLY A 107 -4.40 23.76 -1.05
C GLY A 107 -4.39 24.03 0.45
N THR A 108 -4.38 22.96 1.23
CA THR A 108 -4.37 23.07 2.68
C THR A 108 -5.68 23.67 3.20
N ASN A 109 -6.78 22.96 2.97
CA ASN A 109 -8.09 23.42 3.40
C ASN A 109 -8.36 24.83 2.89
N GLU A 110 -7.90 25.12 1.68
CA GLU A 110 -8.10 26.44 1.09
C GLU A 110 -8.84 26.32 -0.24
N MET A 1 -11.97 9.45 -11.18
CA MET A 1 -10.51 9.31 -11.17
C MET A 1 -10.04 8.70 -9.86
N ILE A 2 -10.56 7.52 -9.54
CA ILE A 2 -10.19 6.83 -8.30
C ILE A 2 -9.90 5.36 -8.58
N PRO A 3 -8.75 5.09 -9.21
CA PRO A 3 -8.32 3.72 -9.54
C PRO A 3 -7.93 2.92 -8.30
N SER A 4 -8.27 1.64 -8.30
CA SER A 4 -7.96 0.77 -7.18
C SER A 4 -8.58 1.30 -5.89
N PHE A 5 -9.74 1.95 -6.02
CA PHE A 5 -10.44 2.50 -4.87
C PHE A 5 -9.48 3.31 -3.99
N ALA A 6 -9.32 4.58 -4.34
CA ALA A 6 -8.44 5.47 -3.58
C ALA A 6 -6.99 4.99 -3.66
N PRO A 7 -6.31 5.36 -4.76
CA PRO A 7 -4.92 4.98 -4.99
C PRO A 7 -3.96 5.72 -4.05
N GLY A 8 -3.10 4.96 -3.38
CA GLY A 8 -2.15 5.55 -2.46
C GLY A 8 -2.41 5.16 -1.01
N THR A 9 -3.13 4.05 -0.82
CA THR A 9 -3.44 3.57 0.51
C THR A 9 -2.49 2.45 0.94
N LEU A 10 -1.97 2.56 2.15
CA LEU A 10 -1.05 1.56 2.67
C LEU A 10 -1.79 0.52 3.50
N VAL A 11 -1.56 -0.75 3.19
CA VAL A 11 -2.21 -1.85 3.92
C VAL A 11 -1.20 -2.94 4.28
N TRP A 12 -1.70 -4.02 4.85
CA TRP A 12 -0.85 -5.14 5.24
C TRP A 12 -1.21 -6.40 4.48
N LEU A 13 -0.20 -7.09 3.96
CA LEU A 13 -0.42 -8.32 3.21
C LEU A 13 0.21 -9.51 3.92
N LYS A 14 -0.63 -10.45 4.34
CA LYS A 14 -0.15 -11.65 5.03
C LYS A 14 -0.24 -12.87 4.12
N GLN A 15 0.92 -13.49 3.89
CA GLN A 15 0.98 -14.67 3.04
C GLN A 15 0.44 -15.90 3.76
N ASP A 16 0.48 -17.05 3.09
CA ASP A 16 -0.01 -18.29 3.67
C ASP A 16 0.82 -18.68 4.88
N ARG A 17 2.11 -18.93 4.67
CA ARG A 17 3.00 -19.32 5.74
C ARG A 17 3.87 -18.14 6.18
N PHE A 18 4.06 -17.19 5.28
CA PHE A 18 4.87 -16.01 5.58
C PHE A 18 4.07 -15.00 6.41
N PRO A 19 4.80 -14.13 7.12
CA PRO A 19 4.18 -13.10 7.98
C PRO A 19 3.50 -12.01 7.15
N TRP A 20 3.06 -10.96 7.84
CA TRP A 20 2.39 -9.85 7.17
C TRP A 20 3.34 -8.66 7.02
N TRP A 21 3.48 -8.18 5.79
CA TRP A 21 4.35 -7.05 5.51
C TRP A 21 3.56 -5.88 4.91
N PRO A 22 4.04 -4.65 5.16
CA PRO A 22 3.39 -3.43 4.66
C PRO A 22 3.53 -3.29 3.15
N GLY A 23 2.54 -2.68 2.52
CA GLY A 23 2.57 -2.49 1.08
C GLY A 23 1.62 -1.40 0.62
N PHE A 24 2.10 -0.52 -0.25
CA PHE A 24 1.29 0.57 -0.76
C PHE A 24 0.45 0.12 -1.95
N VAL A 25 -0.86 0.22 -1.81
CA VAL A 25 -1.78 -0.18 -2.87
C VAL A 25 -1.77 0.83 -4.02
N MET A 26 -1.34 0.36 -5.19
CA MET A 26 -1.28 1.22 -6.37
C MET A 26 -1.83 0.49 -7.60
N ASP A 27 -2.55 1.22 -8.45
CA ASP A 27 -3.12 0.65 -9.66
C ASP A 27 -2.10 0.66 -10.80
N PRO A 28 -2.17 -0.36 -11.66
CA PRO A 28 -1.26 -0.50 -12.81
C PRO A 28 -1.53 0.54 -13.87
N ASP A 29 -2.81 0.84 -14.11
CA ASP A 29 -3.19 1.83 -15.10
C ASP A 29 -4.70 2.01 -15.13
N GLU A 30 -5.30 2.16 -13.95
CA GLU A 30 -6.75 2.35 -13.84
C GLU A 30 -7.48 1.11 -14.35
N VAL A 31 -7.51 0.06 -13.52
CA VAL A 31 -8.19 -1.18 -13.88
C VAL A 31 -9.63 -1.19 -13.38
N ARG A 32 -10.13 -0.01 -13.02
CA ARG A 32 -11.49 0.11 -12.52
C ARG A 32 -12.46 0.40 -13.66
N ASP A 33 -11.98 1.12 -14.67
CA ASP A 33 -12.81 1.47 -15.82
C ASP A 33 -12.43 0.61 -17.03
N ILE A 34 -11.15 0.26 -17.13
CA ILE A 34 -10.67 -0.56 -18.23
C ILE A 34 -10.17 -1.92 -17.75
N THR A 35 -10.88 -2.97 -18.14
CA THR A 35 -10.52 -4.32 -17.74
C THR A 35 -9.97 -5.12 -18.92
N LEU A 36 -8.66 -5.29 -18.95
CA LEU A 36 -8.01 -6.03 -20.03
C LEU A 36 -7.35 -7.30 -19.50
N PRO A 37 -7.21 -8.31 -20.36
CA PRO A 37 -6.58 -9.59 -20.00
C PRO A 37 -5.08 -9.45 -19.77
N GLU A 38 -4.61 -10.01 -18.65
CA GLU A 38 -3.19 -9.95 -18.31
C GLU A 38 -2.89 -10.84 -17.11
N GLY A 39 -3.46 -10.49 -15.96
CA GLY A 39 -3.23 -11.26 -14.76
C GLY A 39 -2.80 -10.40 -13.59
N SER A 40 -2.72 -9.10 -13.81
CA SER A 40 -2.30 -8.17 -12.78
C SER A 40 -3.20 -6.93 -12.76
N ASP A 41 -4.07 -6.85 -11.77
CA ASP A 41 -4.98 -5.72 -11.63
C ASP A 41 -4.55 -4.80 -10.49
N VAL A 42 -3.92 -5.38 -9.48
CA VAL A 42 -3.45 -4.61 -8.33
C VAL A 42 -1.94 -4.72 -8.17
N TRP A 43 -1.30 -3.60 -7.86
CA TRP A 43 0.15 -3.57 -7.66
C TRP A 43 0.51 -3.10 -6.26
N VAL A 44 1.00 -4.01 -5.43
CA VAL A 44 1.38 -3.67 -4.07
C VAL A 44 2.88 -3.42 -3.97
N CYS A 45 3.25 -2.21 -3.58
CA CYS A 45 4.65 -1.84 -3.45
C CYS A 45 5.10 -1.92 -1.99
N CYS A 46 5.73 -3.03 -1.64
CA CYS A 46 6.21 -3.25 -0.28
C CYS A 46 7.48 -2.44 -0.02
N LEU A 47 7.93 -2.44 1.23
CA LEU A 47 9.13 -1.71 1.62
C LEU A 47 10.37 -2.35 0.99
N PRO A 48 11.45 -1.56 0.89
CA PRO A 48 12.72 -2.01 0.31
C PRO A 48 13.42 -3.03 1.19
N ARG A 49 13.44 -4.28 0.75
CA ARG A 49 14.08 -5.35 1.50
C ARG A 49 14.43 -6.53 0.59
N ASP A 50 13.59 -6.76 -0.41
CA ASP A 50 13.80 -7.86 -1.36
C ASP A 50 14.15 -7.31 -2.74
N SER A 51 14.48 -6.02 -2.80
CA SER A 51 14.83 -5.38 -4.07
C SER A 51 13.60 -5.24 -4.96
N LEU A 52 12.64 -4.44 -4.51
CA LEU A 52 11.41 -4.21 -5.27
C LEU A 52 10.60 -5.49 -5.38
N THR A 53 9.89 -5.83 -4.32
CA THR A 53 9.07 -7.04 -4.29
C THR A 53 7.63 -6.72 -4.66
N LEU A 54 7.45 -5.86 -5.64
CA LEU A 54 6.12 -5.47 -6.09
C LEU A 54 5.28 -6.69 -6.43
N SER A 55 4.13 -6.83 -5.77
CA SER A 55 3.24 -7.96 -5.99
C SER A 55 2.12 -7.58 -6.97
N ALA A 56 2.09 -8.25 -8.12
CA ALA A 56 1.07 -7.98 -9.12
C ALA A 56 0.15 -9.19 -9.29
N ALA A 57 -1.15 -8.95 -9.14
CA ALA A 57 -2.14 -10.01 -9.27
C ALA A 57 -3.50 -9.44 -9.65
N ASN A 58 -4.24 -10.18 -10.48
CA ASN A 58 -5.56 -9.75 -10.92
C ASN A 58 -6.65 -10.69 -10.41
N SER A 59 -7.39 -10.24 -9.41
CA SER A 59 -8.45 -11.06 -8.82
C SER A 59 -7.93 -12.42 -8.39
N GLU A 60 -6.66 -12.46 -7.99
CA GLU A 60 -6.03 -13.70 -7.54
C GLU A 60 -5.61 -13.61 -6.09
N ASP A 61 -5.33 -12.40 -5.62
CA ASP A 61 -4.92 -12.18 -4.25
C ASP A 61 -6.12 -11.90 -3.36
N GLU A 62 -6.46 -12.87 -2.51
CA GLU A 62 -7.59 -12.74 -1.60
C GLU A 62 -7.34 -13.49 -0.30
N GLY A 63 -6.06 -13.70 0.02
CA GLY A 63 -5.71 -14.41 1.23
C GLY A 63 -6.06 -13.62 2.49
N GLN A 64 -5.07 -12.89 3.02
CA GLN A 64 -5.27 -12.10 4.22
C GLN A 64 -4.73 -10.69 4.04
N ILE A 65 -5.57 -9.70 4.26
CA ILE A 65 -5.16 -8.30 4.13
C ILE A 65 -5.81 -7.44 5.20
N ARG A 66 -5.07 -6.43 5.67
CA ARG A 66 -5.57 -5.53 6.71
C ARG A 66 -5.28 -4.08 6.34
N TYR A 67 -6.28 -3.22 6.51
CA TYR A 67 -6.13 -1.80 6.19
C TYR A 67 -5.27 -1.10 7.24
N PHE A 68 -4.25 -0.39 6.77
CA PHE A 68 -3.34 0.33 7.65
C PHE A 68 -3.47 1.84 7.46
N LEU A 69 -3.36 2.58 8.56
CA LEU A 69 -3.48 4.03 8.52
C LEU A 69 -3.28 4.64 9.91
N PRO A 70 -4.17 4.26 10.84
CA PRO A 70 -4.12 4.74 12.23
C PRO A 70 -2.92 4.19 12.99
N ASP A 71 -2.23 3.24 12.39
CA ASP A 71 -1.06 2.63 13.01
C ASP A 71 -1.35 2.27 14.47
N ARG A 72 -2.59 1.85 14.73
CA ARG A 72 -3.00 1.48 16.08
C ARG A 72 -3.77 0.16 16.07
N ASP A 73 -3.53 -0.64 15.04
CA ASP A 73 -4.20 -1.94 14.91
C ASP A 73 -3.34 -3.04 15.49
N GLU A 74 -2.60 -2.73 16.54
CA GLU A 74 -1.73 -3.72 17.18
C GLU A 74 -0.69 -4.25 16.20
N GLY A 75 -0.11 -3.36 15.41
CA GLY A 75 0.88 -3.77 14.43
C GLY A 75 2.02 -2.78 14.31
N MET A 76 1.68 -1.49 14.38
CA MET A 76 2.69 -0.43 14.28
C MET A 76 3.84 -0.69 15.23
N MET A 77 3.55 -1.32 16.36
CA MET A 77 4.57 -1.63 17.35
C MET A 77 5.66 -2.52 16.76
N GLU A 78 5.25 -3.51 15.98
CA GLU A 78 6.19 -4.43 15.35
C GLU A 78 6.63 -3.92 13.99
N GLU A 79 5.83 -3.03 13.41
CA GLU A 79 6.13 -2.46 12.11
C GLU A 79 6.71 -1.05 12.24
N GLY A 80 7.23 -0.75 13.44
CA GLY A 80 7.81 0.57 13.67
C GLY A 80 8.70 0.58 14.90
N LYS A 81 8.28 -0.12 15.94
CA LYS A 81 9.04 -0.17 17.19
C LYS A 81 9.86 -1.46 17.26
N LEU A 82 10.09 -2.07 16.10
CA LEU A 82 10.86 -3.31 16.04
C LEU A 82 11.97 -3.20 14.98
N ASP A 83 11.57 -2.91 13.76
CA ASP A 83 12.52 -2.77 12.65
C ASP A 83 12.51 -1.36 12.09
N ALA A 84 13.69 -0.73 12.05
CA ALA A 84 13.81 0.63 11.54
C ALA A 84 13.31 0.72 10.10
N SER A 85 13.36 -0.40 9.39
CA SER A 85 12.92 -0.45 8.00
C SER A 85 11.40 -0.25 7.90
N CYS A 86 10.68 -0.87 8.83
CA CYS A 86 9.22 -0.77 8.85
C CYS A 86 8.78 0.63 9.29
N ALA A 87 9.46 1.17 10.29
CA ALA A 87 9.14 2.50 10.80
C ALA A 87 9.40 3.57 9.75
N VAL A 88 10.52 3.45 9.05
CA VAL A 88 10.88 4.41 8.02
C VAL A 88 9.97 4.27 6.80
N ALA A 89 9.64 3.04 6.45
CA ALA A 89 8.78 2.76 5.30
C ALA A 89 7.39 3.37 5.52
N ILE A 90 6.84 3.17 6.71
CA ILE A 90 5.52 3.69 7.04
C ILE A 90 5.53 5.21 7.13
N GLU A 91 6.53 5.74 7.86
CA GLU A 91 6.65 7.19 8.02
C GLU A 91 6.75 7.88 6.67
N GLU A 92 7.45 7.24 5.72
CA GLU A 92 7.62 7.79 4.39
C GLU A 92 6.33 7.71 3.59
N ALA A 93 5.68 6.55 3.65
CA ALA A 93 4.43 6.34 2.93
C ALA A 93 3.39 7.39 3.30
N ILE A 94 3.29 7.67 4.60
CA ILE A 94 2.34 8.65 5.10
C ILE A 94 2.83 10.07 4.84
N GLN A 95 4.14 10.26 4.90
CA GLN A 95 4.74 11.57 4.66
C GLN A 95 4.50 12.04 3.24
N LEU A 96 4.41 11.08 2.32
CA LEU A 96 4.19 11.39 0.91
C LEU A 96 2.69 11.43 0.59
N TYR A 97 1.95 10.48 1.15
CA TYR A 97 0.51 10.41 0.94
C TYR A 97 -0.17 11.68 1.42
N GLU A 98 0.29 12.21 2.54
CA GLU A 98 -0.29 13.43 3.11
C GLU A 98 0.41 14.67 2.55
N GLU A 99 1.22 14.46 1.53
CA GLU A 99 1.94 15.56 0.90
C GLU A 99 1.58 15.68 -0.58
N GLN A 100 1.04 14.60 -1.14
CA GLN A 100 0.64 14.58 -2.54
C GLN A 100 -0.88 14.54 -2.68
N LEU A 101 -1.54 13.93 -1.70
CA LEU A 101 -2.99 13.83 -1.71
C LEU A 101 -3.63 15.01 -1.00
N LYS A 102 -2.88 15.61 -0.08
CA LYS A 102 -3.37 16.77 0.67
C LYS A 102 -2.95 18.07 0.00
N ALA A 103 -1.75 18.08 -0.56
CA ALA A 103 -1.24 19.28 -1.24
C ALA A 103 -1.91 19.46 -2.60
N GLN A 104 -2.41 18.37 -3.16
CA GLN A 104 -3.07 18.41 -4.46
C GLN A 104 -4.59 18.34 -4.29
N ALA A 105 -5.06 18.51 -3.07
CA ALA A 105 -6.48 18.46 -2.77
C ALA A 105 -7.01 19.83 -2.36
N GLY A 106 -6.31 20.88 -2.79
CA GLY A 106 -6.73 22.23 -2.46
C GLY A 106 -5.78 23.27 -3.03
N GLY A 107 -4.50 23.18 -2.67
CA GLY A 107 -3.53 24.14 -3.15
C GLY A 107 -3.29 25.27 -2.17
N THR A 108 -2.02 25.53 -1.87
CA THR A 108 -1.66 26.59 -0.94
C THR A 108 -2.14 26.27 0.47
N ASN A 109 -1.60 25.19 1.04
CA ASN A 109 -1.97 24.77 2.39
C ASN A 109 -3.49 24.67 2.53
N GLU A 110 -4.15 24.25 1.45
CA GLU A 110 -5.60 24.11 1.45
C GLU A 110 -6.27 25.45 1.68
N MET A 1 -10.81 10.49 -11.94
CA MET A 1 -9.62 9.66 -11.79
C MET A 1 -9.50 9.15 -10.35
N ILE A 2 -9.56 7.84 -10.19
CA ILE A 2 -9.46 7.21 -8.88
C ILE A 2 -9.07 5.74 -8.99
N PRO A 3 -7.84 5.48 -9.44
CA PRO A 3 -7.32 4.13 -9.61
C PRO A 3 -7.08 3.43 -8.27
N SER A 4 -7.47 2.17 -8.18
CA SER A 4 -7.30 1.39 -6.96
C SER A 4 -7.94 2.10 -5.77
N PHE A 5 -9.02 2.84 -6.04
CA PHE A 5 -9.73 3.57 -5.00
C PHE A 5 -8.76 4.31 -4.09
N ALA A 6 -8.34 5.50 -4.53
CA ALA A 6 -7.40 6.30 -3.76
C ALA A 6 -6.04 5.62 -3.66
N PRO A 7 -5.19 5.83 -4.67
CA PRO A 7 -3.85 5.24 -4.70
C PRO A 7 -2.91 5.86 -3.67
N GLY A 8 -2.16 5.01 -2.98
CA GLY A 8 -1.24 5.49 -1.97
C GLY A 8 -1.64 5.07 -0.57
N THR A 9 -2.46 4.04 -0.47
CA THR A 9 -2.92 3.54 0.81
C THR A 9 -2.04 2.40 1.31
N LEU A 10 -1.64 2.48 2.58
CA LEU A 10 -0.79 1.47 3.18
C LEU A 10 -1.62 0.40 3.90
N VAL A 11 -1.55 -0.83 3.40
CA VAL A 11 -2.30 -1.93 4.00
C VAL A 11 -1.37 -3.06 4.41
N TRP A 12 -1.96 -4.15 4.91
CA TRP A 12 -1.19 -5.30 5.35
C TRP A 12 -1.53 -6.53 4.51
N LEU A 13 -0.49 -7.24 4.05
CA LEU A 13 -0.69 -8.44 3.25
C LEU A 13 -0.17 -9.67 3.97
N LYS A 14 -1.07 -10.59 4.27
CA LYS A 14 -0.71 -11.83 4.97
C LYS A 14 -0.74 -13.01 4.00
N GLN A 15 0.44 -13.48 3.62
CA GLN A 15 0.55 -14.61 2.70
C GLN A 15 0.01 -15.89 3.35
N ASP A 16 -0.18 -16.92 2.54
CA ASP A 16 -0.68 -18.20 3.04
C ASP A 16 0.30 -18.83 4.02
N ARG A 17 1.55 -18.95 3.59
CA ARG A 17 2.58 -19.55 4.42
C ARG A 17 3.45 -18.47 5.07
N PHE A 18 3.57 -17.33 4.38
CA PHE A 18 4.37 -16.22 4.88
C PHE A 18 3.55 -15.35 5.83
N PRO A 19 4.25 -14.61 6.71
CA PRO A 19 3.61 -13.71 7.68
C PRO A 19 2.96 -12.51 7.02
N TRP A 20 2.53 -11.55 7.84
CA TRP A 20 1.89 -10.34 7.34
C TRP A 20 2.88 -9.18 7.30
N TRP A 21 3.08 -8.62 6.11
CA TRP A 21 4.01 -7.50 5.94
C TRP A 21 3.29 -6.30 5.34
N PRO A 22 3.82 -5.09 5.61
CA PRO A 22 3.25 -3.85 5.10
C PRO A 22 3.45 -3.69 3.59
N GLY A 23 2.48 -3.06 2.94
CA GLY A 23 2.57 -2.86 1.50
C GLY A 23 1.65 -1.75 1.01
N PHE A 24 2.18 -0.89 0.16
CA PHE A 24 1.40 0.22 -0.38
C PHE A 24 0.58 -0.23 -1.58
N VAL A 25 -0.70 0.11 -1.58
CA VAL A 25 -1.60 -0.26 -2.68
C VAL A 25 -1.48 0.72 -3.84
N MET A 26 -1.05 0.23 -4.98
CA MET A 26 -0.90 1.07 -6.17
C MET A 26 -1.44 0.37 -7.41
N ASP A 27 -2.10 1.14 -8.28
CA ASP A 27 -2.67 0.59 -9.50
C ASP A 27 -1.64 0.57 -10.63
N PRO A 28 -1.66 -0.51 -11.42
CA PRO A 28 -0.72 -0.67 -12.54
C PRO A 28 -1.02 0.29 -13.68
N ASP A 29 -2.30 0.56 -13.90
CA ASP A 29 -2.74 1.46 -14.97
C ASP A 29 -4.24 1.65 -14.95
N GLU A 30 -4.77 2.01 -13.79
CA GLU A 30 -6.21 2.23 -13.64
C GLU A 30 -7.00 1.03 -14.16
N VAL A 31 -7.24 0.06 -13.28
CA VAL A 31 -7.97 -1.14 -13.65
C VAL A 31 -9.43 -1.04 -13.21
N ARG A 32 -9.87 0.17 -12.88
CA ARG A 32 -11.23 0.40 -12.44
C ARG A 32 -12.14 0.74 -13.63
N ASP A 33 -11.57 1.43 -14.61
CA ASP A 33 -12.32 1.83 -15.79
C ASP A 33 -11.94 0.96 -16.99
N ILE A 34 -10.67 0.55 -17.04
CA ILE A 34 -10.18 -0.28 -18.13
C ILE A 34 -9.76 -1.65 -17.63
N THR A 35 -10.51 -2.68 -18.01
CA THR A 35 -10.22 -4.05 -17.60
C THR A 35 -9.69 -4.87 -18.76
N LEU A 36 -8.37 -5.10 -18.76
CA LEU A 36 -7.74 -5.88 -19.82
C LEU A 36 -7.13 -7.16 -19.25
N PRO A 37 -7.02 -8.18 -20.12
CA PRO A 37 -6.46 -9.48 -19.74
C PRO A 37 -4.96 -9.41 -19.48
N GLU A 38 -4.54 -9.98 -18.34
CA GLU A 38 -3.12 -9.97 -17.97
C GLU A 38 -2.87 -10.89 -16.79
N GLY A 39 -3.44 -10.54 -15.64
CA GLY A 39 -3.26 -11.35 -14.45
C GLY A 39 -2.85 -10.53 -13.23
N SER A 40 -2.68 -9.23 -13.44
CA SER A 40 -2.28 -8.33 -12.36
C SER A 40 -3.09 -7.04 -12.41
N ASP A 41 -4.01 -6.89 -11.45
CA ASP A 41 -4.85 -5.70 -11.38
C ASP A 41 -4.40 -4.78 -10.25
N VAL A 42 -3.82 -5.38 -9.21
CA VAL A 42 -3.35 -4.62 -8.05
C VAL A 42 -1.86 -4.84 -7.84
N TRP A 43 -1.15 -3.75 -7.53
CA TRP A 43 0.29 -3.82 -7.29
C TRP A 43 0.62 -3.43 -5.85
N VAL A 44 1.11 -4.40 -5.08
CA VAL A 44 1.47 -4.17 -3.68
C VAL A 44 2.97 -3.94 -3.54
N CYS A 45 3.35 -2.73 -3.16
CA CYS A 45 4.76 -2.39 -2.97
C CYS A 45 5.17 -2.48 -1.51
N CYS A 46 5.77 -3.60 -1.12
CA CYS A 46 6.19 -3.81 0.25
C CYS A 46 7.47 -3.05 0.54
N LEU A 47 7.89 -3.05 1.81
CA LEU A 47 9.10 -2.35 2.23
C LEU A 47 10.33 -3.00 1.62
N PRO A 48 11.43 -2.23 1.56
CA PRO A 48 12.71 -2.71 1.01
C PRO A 48 13.37 -3.76 1.91
N ARG A 49 13.37 -5.00 1.46
CA ARG A 49 13.96 -6.10 2.23
C ARG A 49 14.31 -7.27 1.31
N ASP A 50 13.48 -7.48 0.29
CA ASP A 50 13.70 -8.57 -0.65
C ASP A 50 14.10 -8.03 -2.03
N SER A 51 14.46 -6.75 -2.07
CA SER A 51 14.85 -6.12 -3.32
C SER A 51 13.65 -5.94 -4.25
N LEU A 52 12.71 -5.12 -3.82
CA LEU A 52 11.50 -4.87 -4.61
C LEU A 52 10.67 -6.13 -4.75
N THR A 53 9.92 -6.47 -3.70
CA THR A 53 9.07 -7.65 -3.71
C THR A 53 7.65 -7.31 -4.13
N LEU A 54 7.52 -6.43 -5.12
CA LEU A 54 6.22 -6.02 -5.62
C LEU A 54 5.37 -7.24 -5.99
N SER A 55 4.20 -7.34 -5.37
CA SER A 55 3.29 -8.45 -5.64
C SER A 55 2.12 -8.01 -6.50
N ALA A 56 2.06 -8.52 -7.72
CA ALA A 56 0.98 -8.18 -8.64
C ALA A 56 0.02 -9.34 -8.82
N ALA A 57 -1.27 -9.06 -8.72
CA ALA A 57 -2.30 -10.08 -8.86
C ALA A 57 -3.62 -9.47 -9.31
N ASN A 58 -4.36 -10.19 -10.15
CA ASN A 58 -5.64 -9.72 -10.65
C ASN A 58 -6.77 -10.62 -10.17
N SER A 59 -7.54 -10.14 -9.20
CA SER A 59 -8.65 -10.91 -8.66
C SER A 59 -8.20 -12.29 -8.19
N GLU A 60 -6.95 -12.36 -7.74
CA GLU A 60 -6.39 -13.62 -7.27
C GLU A 60 -6.02 -13.55 -5.79
N ASP A 61 -5.71 -12.34 -5.33
CA ASP A 61 -5.35 -12.12 -3.93
C ASP A 61 -6.58 -11.80 -3.09
N GLU A 62 -6.98 -12.75 -2.26
CA GLU A 62 -8.15 -12.58 -1.40
C GLU A 62 -7.98 -13.34 -0.09
N GLY A 63 -6.73 -13.65 0.26
CA GLY A 63 -6.46 -14.37 1.48
C GLY A 63 -6.73 -13.54 2.72
N GLN A 64 -5.68 -12.92 3.25
CA GLN A 64 -5.81 -12.09 4.44
C GLN A 64 -5.20 -10.71 4.22
N ILE A 65 -6.00 -9.67 4.44
CA ILE A 65 -5.54 -8.30 4.27
C ILE A 65 -6.07 -7.39 5.37
N ARG A 66 -5.24 -6.44 5.80
CA ARG A 66 -5.62 -5.51 6.85
C ARG A 66 -5.45 -4.06 6.38
N TYR A 67 -6.27 -3.17 6.92
CA TYR A 67 -6.21 -1.76 6.56
C TYR A 67 -5.33 -0.98 7.53
N PHE A 68 -4.21 -0.48 7.05
CA PHE A 68 -3.29 0.29 7.88
C PHE A 68 -3.44 1.78 7.64
N LEU A 69 -3.31 2.56 8.71
CA LEU A 69 -3.44 4.01 8.61
C LEU A 69 -3.20 4.67 9.97
N PRO A 70 -4.04 4.33 10.95
CA PRO A 70 -3.94 4.87 12.31
C PRO A 70 -2.71 4.34 13.05
N ASP A 71 -2.07 3.33 12.48
CA ASP A 71 -0.89 2.74 13.10
C ASP A 71 -1.14 2.39 14.56
N ARG A 72 -2.37 1.99 14.86
CA ARG A 72 -2.73 1.63 16.23
C ARG A 72 -3.43 0.27 16.27
N ASP A 73 -3.18 -0.54 15.24
CA ASP A 73 -3.78 -1.87 15.16
C ASP A 73 -2.84 -2.92 15.72
N GLU A 74 -2.07 -2.55 16.74
CA GLU A 74 -1.13 -3.47 17.37
C GLU A 74 -0.09 -3.97 16.35
N GLY A 75 0.41 -3.05 15.53
CA GLY A 75 1.40 -3.41 14.53
C GLY A 75 2.48 -2.37 14.37
N MET A 76 2.09 -1.10 14.47
CA MET A 76 3.06 0.00 14.34
C MET A 76 4.25 -0.22 15.26
N MET A 77 4.01 -0.87 16.40
CA MET A 77 5.07 -1.13 17.36
C MET A 77 6.16 -1.99 16.74
N GLU A 78 5.77 -2.98 15.96
CA GLU A 78 6.72 -3.87 15.31
C GLU A 78 7.11 -3.34 13.93
N GLU A 79 6.27 -2.48 13.38
CA GLU A 79 6.51 -1.89 12.07
C GLU A 79 7.08 -0.47 12.20
N GLY A 80 7.62 -0.17 13.37
CA GLY A 80 8.19 1.15 13.61
C GLY A 80 9.12 1.17 14.79
N LYS A 81 8.78 0.43 15.84
CA LYS A 81 9.59 0.37 17.05
C LYS A 81 10.41 -0.91 17.08
N LEU A 82 10.60 -1.53 15.92
CA LEU A 82 11.36 -2.77 15.82
C LEU A 82 12.37 -2.69 14.68
N ASP A 83 11.88 -2.46 13.47
CA ASP A 83 12.74 -2.37 12.29
C ASP A 83 12.67 -0.97 11.69
N ALA A 84 13.83 -0.34 11.52
CA ALA A 84 13.90 0.99 10.95
C ALA A 84 13.29 1.03 9.55
N SER A 85 13.38 -0.09 8.85
CA SER A 85 12.83 -0.19 7.50
C SER A 85 11.32 0.00 7.51
N CYS A 86 10.65 -0.59 8.49
CA CYS A 86 9.21 -0.49 8.61
C CYS A 86 8.79 0.94 8.94
N ALA A 87 9.48 1.54 9.90
CA ALA A 87 9.18 2.91 10.31
C ALA A 87 9.36 3.89 9.15
N VAL A 88 10.40 3.65 8.35
CA VAL A 88 10.69 4.51 7.21
C VAL A 88 9.62 4.36 6.12
N ALA A 89 9.26 3.12 5.83
CA ALA A 89 8.25 2.84 4.82
C ALA A 89 6.92 3.49 5.17
N ILE A 90 6.52 3.36 6.43
CA ILE A 90 5.27 3.94 6.90
C ILE A 90 5.32 5.46 6.86
N GLU A 91 6.40 6.03 7.39
CA GLU A 91 6.57 7.47 7.42
C GLU A 91 6.49 8.06 6.00
N GLU A 92 7.02 7.32 5.03
CA GLU A 92 7.02 7.77 3.65
C GLU A 92 5.62 7.68 3.05
N ALA A 93 4.94 6.57 3.32
CA ALA A 93 3.58 6.37 2.81
C ALA A 93 2.65 7.48 3.28
N ILE A 94 2.77 7.85 4.55
CA ILE A 94 1.93 8.90 5.12
C ILE A 94 2.39 10.27 4.65
N GLN A 95 3.70 10.43 4.48
CA GLN A 95 4.27 11.70 4.03
C GLN A 95 3.82 12.03 2.61
N LEU A 96 3.57 10.99 1.81
CA LEU A 96 3.14 11.17 0.44
C LEU A 96 1.62 11.30 0.36
N TYR A 97 0.92 10.45 1.11
CA TYR A 97 -0.53 10.46 1.12
C TYR A 97 -1.06 11.82 1.59
N GLU A 98 -0.41 12.38 2.61
CA GLU A 98 -0.81 13.67 3.14
C GLU A 98 -0.17 14.81 2.36
N GLU A 99 0.55 14.46 1.29
CA GLU A 99 1.22 15.45 0.46
C GLU A 99 0.55 15.57 -0.91
N GLN A 100 -0.13 14.50 -1.32
CA GLN A 100 -0.81 14.47 -2.60
C GLN A 100 -2.32 14.61 -2.41
N LEU A 101 -2.82 14.12 -1.29
CA LEU A 101 -4.24 14.19 -0.99
C LEU A 101 -4.62 15.57 -0.45
N LYS A 102 -3.64 16.25 0.13
CA LYS A 102 -3.88 17.58 0.70
C LYS A 102 -3.56 18.67 -0.33
N ALA A 103 -2.69 18.34 -1.29
CA ALA A 103 -2.31 19.29 -2.33
C ALA A 103 -3.42 19.45 -3.35
N GLN A 104 -4.22 18.40 -3.52
CA GLN A 104 -5.33 18.44 -4.47
C GLN A 104 -6.66 18.57 -3.75
N ALA A 105 -6.62 19.05 -2.51
CA ALA A 105 -7.83 19.22 -1.71
C ALA A 105 -7.97 20.67 -1.25
N GLY A 106 -7.35 21.59 -2.00
CA GLY A 106 -7.44 23.00 -1.65
C GLY A 106 -6.44 23.84 -2.43
N GLY A 107 -5.15 23.55 -2.25
CA GLY A 107 -4.12 24.30 -2.95
C GLY A 107 -3.37 25.25 -2.03
N THR A 108 -2.81 24.71 -0.95
CA THR A 108 -2.07 25.52 0.01
C THR A 108 -2.98 26.49 0.74
N ASN A 109 -3.94 25.95 1.48
CA ASN A 109 -4.88 26.78 2.23
C ASN A 109 -5.61 27.74 1.31
N GLU A 110 -5.83 27.31 0.07
CA GLU A 110 -6.52 28.14 -0.91
C GLU A 110 -5.81 29.49 -1.07
N MET A 1 -10.93 9.93 -11.29
CA MET A 1 -9.48 9.84 -11.19
C MET A 1 -9.06 9.19 -9.88
N ILE A 2 -9.71 8.09 -9.54
CA ILE A 2 -9.39 7.37 -8.30
C ILE A 2 -9.16 5.88 -8.58
N PRO A 3 -8.01 5.57 -9.19
CA PRO A 3 -7.64 4.19 -9.53
C PRO A 3 -7.33 3.37 -8.28
N SER A 4 -7.78 2.12 -8.27
CA SER A 4 -7.55 1.22 -7.15
C SER A 4 -8.22 1.75 -5.89
N PHE A 5 -9.35 2.43 -6.07
CA PHE A 5 -10.10 2.99 -4.94
C PHE A 5 -9.17 3.77 -4.02
N ALA A 6 -8.92 5.03 -4.36
CA ALA A 6 -8.05 5.88 -3.56
C ALA A 6 -6.63 5.35 -3.54
N PRO A 7 -5.87 5.67 -4.60
CA PRO A 7 -4.47 5.23 -4.73
C PRO A 7 -3.55 5.94 -3.74
N GLY A 8 -2.67 5.16 -3.10
CA GLY A 8 -1.74 5.74 -2.14
C GLY A 8 -2.05 5.31 -0.72
N THR A 9 -2.76 4.19 -0.58
CA THR A 9 -3.12 3.68 0.74
C THR A 9 -2.22 2.50 1.14
N LEU A 10 -1.72 2.55 2.36
CA LEU A 10 -0.85 1.49 2.87
C LEU A 10 -1.65 0.44 3.62
N VAL A 11 -1.65 -0.79 3.11
CA VAL A 11 -2.38 -1.89 3.75
C VAL A 11 -1.42 -2.99 4.19
N TRP A 12 -1.98 -4.07 4.73
CA TRP A 12 -1.18 -5.20 5.18
C TRP A 12 -1.52 -6.46 4.39
N LEU A 13 -0.49 -7.17 3.94
CA LEU A 13 -0.68 -8.39 3.16
C LEU A 13 -0.15 -9.60 3.93
N LYS A 14 -1.05 -10.51 4.28
CA LYS A 14 -0.68 -11.72 5.00
C LYS A 14 -0.72 -12.94 4.09
N GLN A 15 0.46 -13.41 3.68
CA GLN A 15 0.56 -14.57 2.81
C GLN A 15 0.08 -15.83 3.52
N ASP A 16 -0.15 -16.88 2.74
CA ASP A 16 -0.61 -18.14 3.30
C ASP A 16 0.44 -18.75 4.22
N ARG A 17 1.65 -18.88 3.72
CA ARG A 17 2.75 -19.44 4.51
C ARG A 17 3.63 -18.34 5.09
N PHE A 18 3.68 -17.21 4.40
CA PHE A 18 4.48 -16.07 4.85
C PHE A 18 3.68 -15.19 5.81
N PRO A 19 4.40 -14.43 6.65
CA PRO A 19 3.78 -13.53 7.63
C PRO A 19 3.10 -12.33 6.97
N TRP A 20 2.68 -11.37 7.78
CA TRP A 20 2.02 -10.18 7.27
C TRP A 20 2.99 -9.01 7.16
N TRP A 21 3.14 -8.49 5.96
CA TRP A 21 4.05 -7.37 5.72
C TRP A 21 3.31 -6.19 5.11
N PRO A 22 3.80 -4.97 5.39
CA PRO A 22 3.20 -3.74 4.88
C PRO A 22 3.40 -3.58 3.38
N GLY A 23 2.43 -2.94 2.72
CA GLY A 23 2.53 -2.73 1.28
C GLY A 23 1.65 -1.59 0.80
N PHE A 24 2.22 -0.71 -0.01
CA PHE A 24 1.48 0.43 -0.54
C PHE A 24 0.63 0.03 -1.73
N VAL A 25 -0.63 0.45 -1.73
CA VAL A 25 -1.55 0.13 -2.82
C VAL A 25 -1.38 1.09 -3.98
N MET A 26 -0.97 0.56 -5.13
CA MET A 26 -0.77 1.37 -6.33
C MET A 26 -1.36 0.69 -7.55
N ASP A 27 -1.97 1.49 -8.43
CA ASP A 27 -2.57 0.96 -9.66
C ASP A 27 -1.57 0.97 -10.81
N PRO A 28 -1.60 -0.09 -11.62
CA PRO A 28 -0.70 -0.23 -12.77
C PRO A 28 -1.02 0.75 -13.89
N ASP A 29 -2.32 1.01 -14.07
CA ASP A 29 -2.77 1.93 -15.11
C ASP A 29 -4.29 2.12 -15.05
N GLU A 30 -4.79 2.47 -13.87
CA GLU A 30 -6.22 2.67 -13.68
C GLU A 30 -7.01 1.47 -14.21
N VAL A 31 -7.22 0.49 -13.33
CA VAL A 31 -7.96 -0.71 -13.69
C VAL A 31 -9.42 -0.63 -13.22
N ARG A 32 -9.85 0.57 -12.87
CA ARG A 32 -11.21 0.79 -12.40
C ARG A 32 -12.14 1.15 -13.56
N ASP A 33 -11.58 1.83 -14.57
CA ASP A 33 -12.36 2.23 -15.73
C ASP A 33 -12.03 1.34 -16.93
N ILE A 34 -10.77 0.92 -17.02
CA ILE A 34 -10.33 0.07 -18.12
C ILE A 34 -9.91 -1.30 -17.62
N THR A 35 -10.71 -2.32 -17.94
CA THR A 35 -10.42 -3.69 -17.53
C THR A 35 -9.91 -4.53 -18.69
N LEU A 36 -8.61 -4.77 -18.71
CA LEU A 36 -7.99 -5.56 -19.78
C LEU A 36 -7.39 -6.85 -19.22
N PRO A 37 -7.31 -7.87 -20.07
CA PRO A 37 -6.76 -9.18 -19.70
C PRO A 37 -5.24 -9.11 -19.46
N GLU A 38 -4.81 -9.67 -18.34
CA GLU A 38 -3.39 -9.68 -18.00
C GLU A 38 -3.12 -10.63 -16.83
N GLY A 39 -3.65 -10.28 -15.66
CA GLY A 39 -3.46 -11.11 -14.48
C GLY A 39 -3.06 -10.30 -13.27
N SER A 40 -2.83 -9.00 -13.46
CA SER A 40 -2.43 -8.12 -12.38
C SER A 40 -3.20 -6.80 -12.44
N ASP A 41 -4.12 -6.61 -11.50
CA ASP A 41 -4.91 -5.39 -11.46
C ASP A 41 -4.44 -4.48 -10.32
N VAL A 42 -3.90 -5.08 -9.27
CA VAL A 42 -3.41 -4.32 -8.13
C VAL A 42 -1.91 -4.51 -7.94
N TRP A 43 -1.21 -3.44 -7.63
CA TRP A 43 0.23 -3.49 -7.42
C TRP A 43 0.59 -3.13 -5.99
N VAL A 44 1.05 -4.11 -5.22
CA VAL A 44 1.43 -3.90 -3.83
C VAL A 44 2.93 -3.72 -3.70
N CYS A 45 3.34 -2.51 -3.34
CA CYS A 45 4.76 -2.21 -3.17
C CYS A 45 5.17 -2.29 -1.70
N CYS A 46 5.74 -3.43 -1.31
CA CYS A 46 6.17 -3.63 0.07
C CYS A 46 7.45 -2.86 0.36
N LEU A 47 7.87 -2.86 1.62
CA LEU A 47 9.08 -2.16 2.03
C LEU A 47 10.32 -2.82 1.43
N PRO A 48 11.42 -2.07 1.37
CA PRO A 48 12.69 -2.56 0.82
C PRO A 48 13.34 -3.60 1.72
N ARG A 49 13.33 -4.85 1.27
CA ARG A 49 13.92 -5.94 2.04
C ARG A 49 14.26 -7.13 1.14
N ASP A 50 13.43 -7.34 0.12
CA ASP A 50 13.63 -8.44 -0.81
C ASP A 50 14.04 -7.91 -2.18
N SER A 51 14.40 -6.63 -2.24
CA SER A 51 14.82 -6.00 -3.49
C SER A 51 13.62 -5.83 -4.42
N LEU A 52 12.66 -5.01 -4.01
CA LEU A 52 11.47 -4.76 -4.81
C LEU A 52 10.61 -6.02 -4.93
N THR A 53 9.88 -6.32 -3.86
CA THR A 53 9.01 -7.50 -3.84
C THR A 53 7.60 -7.14 -4.25
N LEU A 54 7.47 -6.25 -5.23
CA LEU A 54 6.16 -5.82 -5.72
C LEU A 54 5.32 -7.03 -6.12
N SER A 55 4.15 -7.15 -5.50
CA SER A 55 3.24 -8.25 -5.78
C SER A 55 2.05 -7.78 -6.62
N ALA A 56 1.92 -8.35 -7.81
CA ALA A 56 0.83 -7.99 -8.71
C ALA A 56 -0.18 -9.13 -8.84
N ALA A 57 -1.46 -8.80 -8.74
CA ALA A 57 -2.52 -9.80 -8.86
C ALA A 57 -3.83 -9.17 -9.30
N ASN A 58 -4.56 -9.88 -10.15
CA ASN A 58 -5.84 -9.38 -10.66
C ASN A 58 -6.99 -10.26 -10.19
N SER A 59 -7.75 -9.76 -9.22
CA SER A 59 -8.88 -10.50 -8.68
C SER A 59 -8.45 -11.91 -8.24
N GLU A 60 -7.21 -12.02 -7.78
CA GLU A 60 -6.68 -13.30 -7.32
C GLU A 60 -6.32 -13.24 -5.84
N ASP A 61 -5.98 -12.05 -5.36
CA ASP A 61 -5.62 -11.86 -3.96
C ASP A 61 -6.87 -11.71 -3.09
N GLU A 62 -7.17 -12.74 -2.31
CA GLU A 62 -8.34 -12.73 -1.44
C GLU A 62 -8.03 -13.42 -0.11
N GLY A 63 -6.75 -13.70 0.12
CA GLY A 63 -6.35 -14.37 1.35
C GLY A 63 -6.64 -13.52 2.58
N GLN A 64 -5.62 -12.89 3.11
CA GLN A 64 -5.76 -12.05 4.30
C GLN A 64 -5.17 -10.68 4.08
N ILE A 65 -5.98 -9.64 4.28
CA ILE A 65 -5.52 -8.27 4.10
C ILE A 65 -6.08 -7.36 5.18
N ARG A 66 -5.27 -6.39 5.62
CA ARG A 66 -5.69 -5.46 6.65
C ARG A 66 -5.50 -4.01 6.19
N TYR A 67 -6.34 -3.12 6.70
CA TYR A 67 -6.27 -1.71 6.33
C TYR A 67 -5.40 -0.94 7.31
N PHE A 68 -4.27 -0.44 6.82
CA PHE A 68 -3.35 0.33 7.65
C PHE A 68 -3.47 1.83 7.37
N LEU A 69 -3.34 2.63 8.42
CA LEU A 69 -3.42 4.08 8.29
C LEU A 69 -3.28 4.76 9.63
N PRO A 70 -4.16 4.39 10.58
CA PRO A 70 -4.15 4.96 11.93
C PRO A 70 -2.94 4.49 12.74
N ASP A 71 -2.24 3.49 12.23
CA ASP A 71 -1.06 2.96 12.90
C ASP A 71 -1.37 2.63 14.36
N ARG A 72 -2.55 2.06 14.60
CA ARG A 72 -2.96 1.70 15.95
C ARG A 72 -3.67 0.34 15.95
N ASP A 73 -3.36 -0.48 14.96
CA ASP A 73 -3.97 -1.81 14.85
C ASP A 73 -3.07 -2.87 15.48
N GLU A 74 -2.37 -2.49 16.54
CA GLU A 74 -1.47 -3.41 17.23
C GLU A 74 -0.40 -3.93 16.28
N GLY A 75 0.17 -3.04 15.47
CA GLY A 75 1.20 -3.43 14.54
C GLY A 75 2.33 -2.42 14.47
N MET A 76 1.99 -1.15 14.59
CA MET A 76 3.00 -0.09 14.54
C MET A 76 4.14 -0.37 15.51
N MET A 77 3.84 -1.09 16.58
CA MET A 77 4.85 -1.43 17.58
C MET A 77 5.91 -2.36 16.99
N GLU A 78 5.47 -3.29 16.15
CA GLU A 78 6.38 -4.24 15.53
C GLU A 78 6.89 -3.70 14.20
N GLU A 79 6.15 -2.76 13.62
CA GLU A 79 6.52 -2.16 12.35
C GLU A 79 7.07 -0.75 12.54
N GLY A 80 7.50 -0.46 13.76
CA GLY A 80 8.04 0.85 14.07
C GLY A 80 8.93 0.85 15.30
N LYS A 81 8.53 0.09 16.31
CA LYS A 81 9.30 0.00 17.55
C LYS A 81 10.09 -1.30 17.60
N LEU A 82 10.31 -1.90 16.43
CA LEU A 82 11.07 -3.14 16.35
C LEU A 82 12.19 -3.03 15.31
N ASP A 83 11.81 -2.78 14.06
CA ASP A 83 12.79 -2.64 12.98
C ASP A 83 12.74 -1.24 12.39
N ALA A 84 13.90 -0.58 12.37
CA ALA A 84 13.99 0.77 11.81
C ALA A 84 13.49 0.82 10.38
N SER A 85 13.61 -0.31 9.68
CA SER A 85 13.17 -0.39 8.28
C SER A 85 11.66 -0.21 8.18
N CYS A 86 10.93 -0.82 9.12
CA CYS A 86 9.49 -0.73 9.14
C CYS A 86 9.02 0.69 9.45
N ALA A 87 9.63 1.31 10.46
CA ALA A 87 9.28 2.66 10.86
C ALA A 87 9.55 3.64 9.73
N VAL A 88 10.67 3.46 9.04
CA VAL A 88 11.05 4.34 7.94
C VAL A 88 10.09 4.16 6.76
N ALA A 89 9.78 2.92 6.43
CA ALA A 89 8.86 2.63 5.33
C ALA A 89 7.50 3.27 5.56
N ILE A 90 6.98 3.14 6.78
CA ILE A 90 5.69 3.71 7.12
C ILE A 90 5.72 5.23 7.07
N GLU A 91 6.74 5.81 7.70
CA GLU A 91 6.89 7.26 7.72
C GLU A 91 6.94 7.83 6.31
N GLU A 92 7.58 7.10 5.41
CA GLU A 92 7.70 7.53 4.02
C GLU A 92 6.36 7.43 3.30
N ALA A 93 5.67 6.32 3.50
CA ALA A 93 4.37 6.09 2.88
C ALA A 93 3.39 7.20 3.24
N ILE A 94 3.36 7.56 4.52
CA ILE A 94 2.47 8.61 4.99
C ILE A 94 2.95 9.98 4.55
N GLN A 95 4.27 10.16 4.51
CA GLN A 95 4.86 11.43 4.10
C GLN A 95 4.53 11.74 2.64
N LEU A 96 4.40 10.68 1.83
CA LEU A 96 4.09 10.84 0.41
C LEU A 96 2.58 10.98 0.20
N TYR A 97 1.81 10.15 0.90
CA TYR A 97 0.36 10.17 0.78
C TYR A 97 -0.20 11.53 1.16
N GLU A 98 0.33 12.09 2.25
CA GLU A 98 -0.11 13.40 2.73
C GLU A 98 0.46 14.52 1.86
N GLU A 99 1.50 14.20 1.10
CA GLU A 99 2.14 15.18 0.22
C GLU A 99 1.40 15.26 -1.11
N GLN A 100 0.79 14.15 -1.52
CA GLN A 100 0.06 14.11 -2.78
C GLN A 100 -1.43 14.31 -2.56
N LEU A 101 -1.91 13.89 -1.40
CA LEU A 101 -3.33 14.01 -1.05
C LEU A 101 -3.79 15.46 -1.20
N LYS A 102 -2.99 16.39 -0.68
CA LYS A 102 -3.32 17.81 -0.76
C LYS A 102 -3.31 18.30 -2.20
N ALA A 103 -2.29 17.87 -2.95
CA ALA A 103 -2.16 18.25 -4.36
C ALA A 103 -3.43 17.94 -5.13
N GLN A 104 -4.11 16.87 -4.73
CA GLN A 104 -5.35 16.46 -5.39
C GLN A 104 -6.56 16.74 -4.51
N ALA A 105 -6.39 17.64 -3.54
CA ALA A 105 -7.47 18.00 -2.63
C ALA A 105 -7.78 19.49 -2.71
N GLY A 106 -7.44 20.10 -3.84
CA GLY A 106 -7.69 21.52 -4.02
C GLY A 106 -6.61 22.38 -3.38
N GLY A 107 -5.45 21.78 -3.15
CA GLY A 107 -4.35 22.52 -2.54
C GLY A 107 -4.44 22.55 -1.03
N THR A 108 -4.58 21.38 -0.42
CA THR A 108 -4.68 21.27 1.03
C THR A 108 -5.96 21.92 1.55
N ASN A 109 -7.09 21.37 1.13
CA ASN A 109 -8.39 21.88 1.55
C ASN A 109 -8.49 23.38 1.28
N GLU A 110 -7.81 23.83 0.24
CA GLU A 110 -7.82 25.24 -0.13
C GLU A 110 -8.54 25.46 -1.46
N MET A 1 -12.26 6.41 -13.41
CA MET A 1 -10.93 5.83 -13.24
C MET A 1 -10.86 4.99 -11.96
N ILE A 2 -10.78 5.67 -10.82
CA ILE A 2 -10.70 4.99 -9.54
C ILE A 2 -9.60 3.93 -9.53
N PRO A 3 -8.34 4.39 -9.58
CA PRO A 3 -7.18 3.50 -9.58
C PRO A 3 -6.98 2.80 -8.23
N SER A 4 -7.62 1.64 -8.09
CA SER A 4 -7.51 0.87 -6.85
C SER A 4 -8.17 1.62 -5.69
N PHE A 5 -9.19 2.41 -6.00
CA PHE A 5 -9.91 3.18 -5.00
C PHE A 5 -8.93 3.95 -4.10
N ALA A 6 -8.70 5.20 -4.45
CA ALA A 6 -7.79 6.05 -3.69
C ALA A 6 -6.36 5.53 -3.77
N PRO A 7 -5.64 5.95 -4.82
CA PRO A 7 -4.25 5.55 -5.04
C PRO A 7 -3.30 6.15 -4.02
N GLY A 8 -2.64 5.29 -3.25
CA GLY A 8 -1.70 5.76 -2.24
C GLY A 8 -2.07 5.30 -0.84
N THR A 9 -2.93 4.29 -0.77
CA THR A 9 -3.37 3.76 0.52
C THR A 9 -2.42 2.67 1.01
N LEU A 10 -2.01 2.77 2.26
CA LEU A 10 -1.11 1.79 2.85
C LEU A 10 -1.88 0.70 3.59
N VAL A 11 -1.63 -0.55 3.22
CA VAL A 11 -2.30 -1.69 3.85
C VAL A 11 -1.30 -2.77 4.24
N TRP A 12 -1.81 -3.86 4.77
CA TRP A 12 -0.97 -4.97 5.20
C TRP A 12 -1.28 -6.24 4.40
N LEU A 13 -0.23 -6.90 3.92
CA LEU A 13 -0.38 -8.12 3.14
C LEU A 13 0.22 -9.32 3.88
N LYS A 14 -0.63 -10.27 4.24
CA LYS A 14 -0.19 -11.46 4.93
C LYS A 14 -0.20 -12.67 4.01
N GLN A 15 0.97 -13.29 3.83
CA GLN A 15 1.09 -14.47 2.97
C GLN A 15 0.50 -15.70 3.64
N ASP A 16 0.58 -16.83 2.96
CA ASP A 16 0.05 -18.09 3.48
C ASP A 16 0.81 -18.50 4.74
N ARG A 17 2.12 -18.69 4.61
CA ARG A 17 2.96 -19.10 5.74
C ARG A 17 3.84 -17.94 6.19
N PHE A 18 4.08 -16.99 5.29
CA PHE A 18 4.91 -15.83 5.60
C PHE A 18 4.13 -14.81 6.43
N PRO A 19 4.87 -13.96 7.16
CA PRO A 19 4.27 -12.92 8.00
C PRO A 19 3.63 -11.81 7.17
N TRP A 20 2.97 -10.87 7.85
CA TRP A 20 2.31 -9.75 7.18
C TRP A 20 3.24 -8.54 7.12
N TRP A 21 3.41 -7.99 5.93
CA TRP A 21 4.27 -6.83 5.73
C TRP A 21 3.49 -5.68 5.11
N PRO A 22 3.94 -4.44 5.37
CA PRO A 22 3.30 -3.23 4.84
C PRO A 22 3.49 -3.08 3.33
N GLY A 23 2.50 -2.50 2.67
CA GLY A 23 2.57 -2.31 1.23
C GLY A 23 1.64 -1.21 0.74
N PHE A 24 2.15 -0.36 -0.14
CA PHE A 24 1.35 0.73 -0.69
C PHE A 24 0.51 0.25 -1.87
N VAL A 25 -0.80 0.45 -1.76
CA VAL A 25 -1.72 0.04 -2.82
C VAL A 25 -1.72 1.04 -3.97
N MET A 26 -1.30 0.60 -5.14
CA MET A 26 -1.25 1.46 -6.32
C MET A 26 -1.79 0.73 -7.55
N ASP A 27 -2.53 1.45 -8.38
CA ASP A 27 -3.11 0.87 -9.60
C ASP A 27 -2.16 1.05 -10.78
N PRO A 28 -2.17 0.06 -11.69
CA PRO A 28 -1.32 0.09 -12.89
C PRO A 28 -1.75 1.16 -13.88
N ASP A 29 -3.06 1.34 -14.01
CA ASP A 29 -3.61 2.33 -14.93
C ASP A 29 -5.13 2.36 -14.87
N GLU A 30 -5.67 2.30 -13.65
CA GLU A 30 -7.12 2.31 -13.45
C GLU A 30 -7.76 1.07 -14.06
N VAL A 31 -7.82 -0.01 -13.28
CA VAL A 31 -8.41 -1.25 -13.75
C VAL A 31 -9.84 -1.41 -13.25
N ARG A 32 -10.41 -0.30 -12.78
CA ARG A 32 -11.78 -0.31 -12.26
C ARG A 32 -12.77 0.02 -13.37
N ASP A 33 -12.33 0.81 -14.34
CA ASP A 33 -13.19 1.20 -15.46
C ASP A 33 -12.82 0.42 -16.72
N ILE A 34 -11.53 0.13 -16.88
CA ILE A 34 -11.05 -0.60 -18.04
C ILE A 34 -10.47 -1.95 -17.64
N THR A 35 -11.17 -3.02 -17.99
CA THR A 35 -10.74 -4.37 -17.67
C THR A 35 -10.10 -5.06 -18.87
N LEU A 36 -8.78 -5.17 -18.86
CA LEU A 36 -8.05 -5.80 -19.96
C LEU A 36 -7.36 -7.07 -19.48
N PRO A 37 -7.13 -8.00 -20.42
CA PRO A 37 -6.46 -9.28 -20.12
C PRO A 37 -4.98 -9.10 -19.81
N GLU A 38 -4.53 -9.73 -18.73
CA GLU A 38 -3.13 -9.64 -18.32
C GLU A 38 -2.84 -10.58 -17.16
N GLY A 39 -3.35 -10.24 -15.99
CA GLY A 39 -3.14 -11.06 -14.81
C GLY A 39 -2.77 -10.25 -13.59
N SER A 40 -2.59 -8.95 -13.78
CA SER A 40 -2.22 -8.05 -12.68
C SER A 40 -3.04 -6.77 -12.72
N ASP A 41 -3.98 -6.65 -11.79
CA ASP A 41 -4.83 -5.46 -11.72
C ASP A 41 -4.42 -4.57 -10.56
N VAL A 42 -3.86 -5.17 -9.51
CA VAL A 42 -3.43 -4.43 -8.35
C VAL A 42 -1.91 -4.48 -8.20
N TRP A 43 -1.31 -3.33 -7.85
CA TRP A 43 0.14 -3.25 -7.68
C TRP A 43 0.49 -2.89 -6.24
N VAL A 44 0.95 -3.87 -5.48
CA VAL A 44 1.33 -3.66 -4.09
C VAL A 44 2.83 -3.44 -3.95
N CYS A 45 3.21 -2.24 -3.50
CA CYS A 45 4.62 -1.91 -3.33
C CYS A 45 5.05 -2.08 -1.88
N CYS A 46 5.66 -3.22 -1.58
CA CYS A 46 6.11 -3.51 -0.23
C CYS A 46 7.36 -2.70 0.12
N LEU A 47 7.78 -2.78 1.38
CA LEU A 47 8.95 -2.03 1.84
C LEU A 47 10.22 -2.58 1.18
N PRO A 48 11.26 -1.74 1.16
CA PRO A 48 12.57 -2.11 0.57
C PRO A 48 13.29 -3.16 1.39
N ARG A 49 13.36 -4.37 0.86
CA ARG A 49 14.04 -5.47 1.55
C ARG A 49 14.43 -6.57 0.56
N ASP A 50 13.61 -6.77 -0.47
CA ASP A 50 13.88 -7.78 -1.48
C ASP A 50 14.24 -7.13 -2.82
N SER A 51 14.52 -5.84 -2.78
CA SER A 51 14.87 -5.09 -3.99
C SER A 51 13.66 -4.93 -4.90
N LEU A 52 12.67 -4.18 -4.41
CA LEU A 52 11.44 -3.94 -5.17
C LEU A 52 10.67 -5.24 -5.38
N THR A 53 9.96 -5.66 -4.34
CA THR A 53 9.16 -6.89 -4.41
C THR A 53 7.72 -6.59 -4.78
N LEU A 54 7.53 -5.68 -5.73
CA LEU A 54 6.19 -5.30 -6.18
C LEU A 54 5.38 -6.53 -6.58
N SER A 55 4.23 -6.72 -5.93
CA SER A 55 3.37 -7.85 -6.21
C SER A 55 2.20 -7.44 -7.11
N ALA A 56 2.09 -8.07 -8.27
CA ALA A 56 1.02 -7.78 -9.20
C ALA A 56 0.08 -8.97 -9.37
N ALA A 57 -1.20 -8.74 -9.13
CA ALA A 57 -2.20 -9.81 -9.26
C ALA A 57 -3.55 -9.23 -9.64
N ASN A 58 -4.28 -9.97 -10.47
CA ASN A 58 -5.61 -9.54 -10.92
C ASN A 58 -6.69 -10.49 -10.42
N SER A 59 -7.44 -10.03 -9.41
CA SER A 59 -8.51 -10.84 -8.84
C SER A 59 -7.99 -12.21 -8.41
N GLU A 60 -6.73 -12.25 -7.99
CA GLU A 60 -6.10 -13.49 -7.55
C GLU A 60 -5.69 -13.40 -6.08
N ASP A 61 -5.40 -12.19 -5.62
CA ASP A 61 -4.99 -11.97 -4.24
C ASP A 61 -6.21 -11.72 -3.35
N GLU A 62 -6.53 -12.70 -2.52
CA GLU A 62 -7.67 -12.59 -1.61
C GLU A 62 -7.41 -13.34 -0.31
N GLY A 63 -6.13 -13.59 -0.02
CA GLY A 63 -5.77 -14.31 1.19
C GLY A 63 -6.08 -13.51 2.44
N GLN A 64 -5.06 -12.83 2.98
CA GLN A 64 -5.22 -12.03 4.18
C GLN A 64 -4.70 -10.62 3.97
N ILE A 65 -5.55 -9.63 4.23
CA ILE A 65 -5.18 -8.23 4.06
C ILE A 65 -5.82 -7.35 5.14
N ARG A 66 -5.09 -6.36 5.60
CA ARG A 66 -5.58 -5.45 6.63
C ARG A 66 -5.39 -3.99 6.21
N TYR A 67 -6.29 -3.12 6.65
CA TYR A 67 -6.21 -1.70 6.32
C TYR A 67 -5.34 -0.96 7.33
N PHE A 68 -4.30 -0.29 6.82
CA PHE A 68 -3.40 0.47 7.68
C PHE A 68 -3.57 1.96 7.46
N LEU A 69 -3.46 2.73 8.54
CA LEU A 69 -3.60 4.18 8.47
C LEU A 69 -3.43 4.81 9.85
N PRO A 70 -4.31 4.42 10.78
CA PRO A 70 -4.28 4.94 12.16
C PRO A 70 -3.08 4.43 12.94
N ASP A 71 -2.39 3.44 12.38
CA ASP A 71 -1.21 2.86 13.03
C ASP A 71 -1.54 2.46 14.46
N ARG A 72 -2.77 2.00 14.68
CA ARG A 72 -3.20 1.57 16.01
C ARG A 72 -3.99 0.27 15.94
N ASP A 73 -3.70 -0.53 14.92
CA ASP A 73 -4.38 -1.80 14.74
C ASP A 73 -3.58 -2.95 15.35
N GLU A 74 -2.89 -2.65 16.44
CA GLU A 74 -2.08 -3.66 17.12
C GLU A 74 -1.02 -4.23 16.19
N GLY A 75 -0.41 -3.36 15.39
CA GLY A 75 0.61 -3.80 14.46
C GLY A 75 1.75 -2.80 14.33
N MET A 76 1.42 -1.52 14.36
CA MET A 76 2.41 -0.45 14.25
C MET A 76 3.55 -0.68 15.24
N MET A 77 3.23 -1.29 16.38
CA MET A 77 4.23 -1.56 17.41
C MET A 77 5.33 -2.48 16.86
N GLU A 78 4.94 -3.48 16.09
CA GLU A 78 5.88 -4.42 15.52
C GLU A 78 6.36 -3.94 14.14
N GLU A 79 5.60 -3.05 13.54
CA GLU A 79 5.94 -2.51 12.22
C GLU A 79 6.57 -1.13 12.35
N GLY A 80 7.07 -0.82 13.54
CA GLY A 80 7.70 0.47 13.78
C GLY A 80 8.59 0.47 15.01
N LYS A 81 8.14 -0.22 16.05
CA LYS A 81 8.89 -0.30 17.30
C LYS A 81 9.66 -1.61 17.39
N LEU A 82 9.85 -2.26 16.25
CA LEU A 82 10.57 -3.53 16.20
C LEU A 82 11.68 -3.50 15.17
N ASP A 83 11.31 -3.19 13.92
CA ASP A 83 12.29 -3.12 12.84
C ASP A 83 12.35 -1.71 12.26
N ALA A 84 13.55 -1.14 12.24
CA ALA A 84 13.75 0.20 11.72
C ALA A 84 13.26 0.31 10.28
N SER A 85 13.28 -0.82 9.57
CA SER A 85 12.84 -0.84 8.17
C SER A 85 11.35 -0.59 8.07
N CYS A 86 10.58 -1.16 8.99
CA CYS A 86 9.13 -1.00 9.01
C CYS A 86 8.75 0.42 9.43
N ALA A 87 9.46 0.93 10.44
CA ALA A 87 9.19 2.28 10.93
C ALA A 87 9.50 3.32 9.88
N VAL A 88 10.61 3.15 9.17
CA VAL A 88 11.01 4.09 8.13
C VAL A 88 10.09 3.99 6.91
N ALA A 89 9.73 2.76 6.56
CA ALA A 89 8.86 2.53 5.42
C ALA A 89 7.49 3.17 5.64
N ILE A 90 6.94 2.98 6.83
CA ILE A 90 5.63 3.54 7.16
C ILE A 90 5.69 5.06 7.26
N GLU A 91 6.69 5.55 7.98
CA GLU A 91 6.87 6.99 8.17
C GLU A 91 7.00 7.69 6.82
N GLU A 92 7.67 7.04 5.88
CA GLU A 92 7.87 7.60 4.55
C GLU A 92 6.59 7.56 3.74
N ALA A 93 5.90 6.42 3.80
CA ALA A 93 4.65 6.25 3.07
C ALA A 93 3.64 7.33 3.45
N ILE A 94 3.49 7.58 4.75
CA ILE A 94 2.56 8.59 5.23
C ILE A 94 3.11 9.99 4.99
N GLN A 95 4.44 10.12 5.08
CA GLN A 95 5.09 11.42 4.88
C GLN A 95 4.88 11.92 3.45
N LEU A 96 4.77 10.98 2.51
CA LEU A 96 4.56 11.33 1.10
C LEU A 96 3.08 11.44 0.79
N TYR A 97 2.29 10.53 1.34
CA TYR A 97 0.85 10.54 1.10
C TYR A 97 0.22 11.85 1.57
N GLU A 98 0.65 12.31 2.74
CA GLU A 98 0.13 13.55 3.31
C GLU A 98 0.73 14.76 2.60
N GLU A 99 1.85 14.54 1.91
CA GLU A 99 2.53 15.62 1.19
C GLU A 99 1.89 15.83 -0.19
N GLN A 100 1.35 14.75 -0.74
CA GLN A 100 0.71 14.81 -2.06
C GLN A 100 -0.79 14.96 -1.93
N LEU A 101 -1.35 14.40 -0.86
CA LEU A 101 -2.79 14.46 -0.62
C LEU A 101 -3.29 15.91 -0.71
N LYS A 102 -2.59 16.81 -0.03
CA LYS A 102 -2.97 18.22 -0.03
C LYS A 102 -2.74 18.84 -1.42
N ALA A 103 -1.69 18.41 -2.09
CA ALA A 103 -1.37 18.91 -3.42
C ALA A 103 -2.56 18.75 -4.36
N GLN A 104 -3.30 17.66 -4.20
CA GLN A 104 -4.46 17.38 -5.04
C GLN A 104 -5.75 17.64 -4.27
N ALA A 105 -5.66 18.43 -3.21
CA ALA A 105 -6.83 18.75 -2.40
C ALA A 105 -7.04 20.26 -2.33
N GLY A 106 -6.53 20.97 -3.34
CA GLY A 106 -6.68 22.42 -3.36
C GLY A 106 -5.40 23.13 -3.75
N GLY A 107 -4.27 22.61 -3.28
CA GLY A 107 -2.99 23.21 -3.60
C GLY A 107 -2.33 23.84 -2.39
N THR A 108 -1.53 23.05 -1.67
CA THR A 108 -0.84 23.54 -0.48
C THR A 108 -1.83 23.87 0.63
N ASN A 109 -2.54 22.86 1.10
CA ASN A 109 -3.52 23.04 2.17
C ASN A 109 -4.49 24.16 1.82
N GLU A 110 -4.76 24.34 0.53
CA GLU A 110 -5.68 25.37 0.07
C GLU A 110 -6.12 25.11 -1.36
N MET A 1 -11.62 8.63 -12.32
CA MET A 1 -10.23 8.85 -11.93
C MET A 1 -9.96 8.29 -10.54
N ILE A 2 -10.54 7.13 -10.25
CA ILE A 2 -10.36 6.49 -8.95
C ILE A 2 -9.85 5.06 -9.10
N PRO A 3 -8.61 4.94 -9.61
CA PRO A 3 -7.98 3.63 -9.81
C PRO A 3 -7.63 2.93 -8.50
N SER A 4 -7.89 1.63 -8.43
CA SER A 4 -7.60 0.86 -7.23
C SER A 4 -8.28 1.49 -6.00
N PHE A 5 -9.42 2.12 -6.23
CA PHE A 5 -10.16 2.76 -5.15
C PHE A 5 -9.23 3.58 -4.26
N ALA A 6 -8.98 4.82 -4.68
CA ALA A 6 -8.10 5.71 -3.92
C ALA A 6 -6.67 5.20 -3.92
N PRO A 7 -5.91 5.53 -4.97
CA PRO A 7 -4.51 5.12 -5.11
C PRO A 7 -3.60 5.81 -4.11
N GLY A 8 -2.78 5.03 -3.42
CA GLY A 8 -1.86 5.58 -2.43
C GLY A 8 -2.21 5.16 -1.02
N THR A 9 -2.95 4.08 -0.89
CA THR A 9 -3.36 3.57 0.42
C THR A 9 -2.40 2.49 0.90
N LEU A 10 -1.95 2.61 2.15
CA LEU A 10 -1.04 1.64 2.73
C LEU A 10 -1.80 0.58 3.52
N VAL A 11 -1.71 -0.67 3.07
CA VAL A 11 -2.38 -1.77 3.74
C VAL A 11 -1.39 -2.85 4.19
N TRP A 12 -1.90 -3.89 4.82
CA TRP A 12 -1.04 -4.98 5.29
C TRP A 12 -1.40 -6.29 4.59
N LEU A 13 -0.39 -7.00 4.12
CA LEU A 13 -0.60 -8.28 3.44
C LEU A 13 -0.03 -9.43 4.25
N LYS A 14 -0.91 -10.34 4.65
CA LYS A 14 -0.50 -11.50 5.44
C LYS A 14 -0.53 -12.77 4.59
N GLN A 15 0.66 -13.33 4.34
CA GLN A 15 0.77 -14.55 3.54
C GLN A 15 0.35 -15.77 4.35
N ASP A 16 0.09 -16.87 3.66
CA ASP A 16 -0.32 -18.11 4.31
C ASP A 16 0.80 -18.64 5.21
N ARG A 17 1.98 -18.83 4.65
CA ARG A 17 3.12 -19.33 5.40
C ARG A 17 3.99 -18.18 5.88
N PHE A 18 3.94 -17.06 5.17
CA PHE A 18 4.73 -15.89 5.52
C PHE A 18 3.94 -14.95 6.43
N PRO A 19 4.66 -14.12 7.19
CA PRO A 19 4.05 -13.16 8.11
C PRO A 19 3.34 -12.02 7.38
N TRP A 20 2.94 -11.00 8.13
CA TRP A 20 2.24 -9.86 7.54
C TRP A 20 3.18 -8.67 7.39
N TRP A 21 3.32 -8.17 6.17
CA TRP A 21 4.19 -7.04 5.90
C TRP A 21 3.41 -5.90 5.24
N PRO A 22 3.90 -4.66 5.42
CA PRO A 22 3.26 -3.47 4.85
C PRO A 22 3.40 -3.41 3.33
N GLY A 23 2.44 -2.76 2.68
CA GLY A 23 2.48 -2.64 1.23
C GLY A 23 1.59 -1.52 0.72
N PHE A 24 2.14 -0.69 -0.17
CA PHE A 24 1.39 0.42 -0.73
C PHE A 24 0.54 -0.03 -1.91
N VAL A 25 -0.74 0.32 -1.89
CA VAL A 25 -1.66 -0.04 -2.95
C VAL A 25 -1.54 0.89 -4.14
N MET A 26 -1.15 0.35 -5.28
CA MET A 26 -0.99 1.14 -6.49
C MET A 26 -1.60 0.43 -7.69
N ASP A 27 -2.24 1.19 -8.57
CA ASP A 27 -2.85 0.62 -9.77
C ASP A 27 -1.84 0.49 -10.89
N PRO A 28 -1.97 -0.58 -11.69
CA PRO A 28 -1.07 -0.85 -12.82
C PRO A 28 -1.26 0.14 -13.96
N ASP A 29 -2.51 0.54 -14.19
CA ASP A 29 -2.82 1.48 -15.26
C ASP A 29 -4.32 1.78 -15.29
N GLU A 30 -4.91 1.95 -14.12
CA GLU A 30 -6.33 2.24 -14.01
C GLU A 30 -7.17 1.07 -14.52
N VAL A 31 -7.13 -0.04 -13.79
CA VAL A 31 -7.88 -1.23 -14.17
C VAL A 31 -9.27 -1.23 -13.54
N ARG A 32 -9.55 -0.19 -12.75
CA ARG A 32 -10.85 -0.08 -12.09
C ARG A 32 -11.95 0.26 -13.09
N ASP A 33 -11.58 0.98 -14.14
CA ASP A 33 -12.53 1.36 -15.17
C ASP A 33 -12.36 0.51 -16.43
N ILE A 34 -11.12 0.12 -16.70
CA ILE A 34 -10.83 -0.70 -17.87
C ILE A 34 -10.30 -2.07 -17.46
N THR A 35 -11.11 -3.10 -17.68
CA THR A 35 -10.72 -4.46 -17.34
C THR A 35 -10.19 -5.21 -18.56
N LEU A 36 -8.87 -5.37 -18.61
CA LEU A 36 -8.23 -6.06 -19.72
C LEU A 36 -7.54 -7.33 -19.24
N PRO A 37 -7.40 -8.31 -20.14
CA PRO A 37 -6.75 -9.59 -19.84
C PRO A 37 -5.25 -9.45 -19.62
N GLU A 38 -4.75 -10.03 -18.54
CA GLU A 38 -3.33 -9.96 -18.22
C GLU A 38 -2.99 -10.88 -17.05
N GLY A 39 -3.51 -10.54 -15.87
CA GLY A 39 -3.24 -11.35 -14.70
C GLY A 39 -2.84 -10.51 -13.49
N SER A 40 -2.72 -9.20 -13.70
CA SER A 40 -2.35 -8.29 -12.63
C SER A 40 -3.21 -7.03 -12.66
N ASP A 41 -4.12 -6.92 -11.69
CA ASP A 41 -5.00 -5.77 -11.60
C ASP A 41 -4.57 -4.84 -10.47
N VAL A 42 -3.93 -5.41 -9.45
CA VAL A 42 -3.46 -4.63 -8.31
C VAL A 42 -1.95 -4.80 -8.11
N TRP A 43 -1.28 -3.70 -7.81
CA TRP A 43 0.16 -3.72 -7.58
C TRP A 43 0.49 -3.32 -6.15
N VAL A 44 1.02 -4.27 -5.38
CA VAL A 44 1.39 -4.00 -3.99
C VAL A 44 2.90 -3.79 -3.85
N CYS A 45 3.28 -2.58 -3.45
CA CYS A 45 4.69 -2.26 -3.28
C CYS A 45 5.10 -2.36 -1.82
N CYS A 46 5.70 -3.50 -1.46
CA CYS A 46 6.14 -3.73 -0.10
C CYS A 46 7.36 -2.88 0.25
N LEU A 47 7.78 -2.93 1.50
CA LEU A 47 8.94 -2.16 1.95
C LEU A 47 10.22 -2.68 1.31
N PRO A 48 11.26 -1.82 1.29
CA PRO A 48 12.55 -2.18 0.71
C PRO A 48 13.30 -3.20 1.55
N ARG A 49 13.40 -4.43 1.04
CA ARG A 49 14.08 -5.50 1.73
C ARG A 49 14.51 -6.60 0.77
N ASP A 50 13.69 -6.83 -0.25
CA ASP A 50 13.98 -7.85 -1.25
C ASP A 50 14.32 -7.21 -2.60
N SER A 51 14.58 -5.91 -2.58
CA SER A 51 14.92 -5.18 -3.81
C SER A 51 13.70 -5.06 -4.71
N LEU A 52 12.69 -4.33 -4.24
CA LEU A 52 11.47 -4.14 -5.01
C LEU A 52 10.73 -5.45 -5.21
N THR A 53 10.01 -5.89 -4.17
CA THR A 53 9.26 -7.13 -4.23
C THR A 53 7.81 -6.87 -4.59
N LEU A 54 7.59 -5.92 -5.49
CA LEU A 54 6.23 -5.58 -5.93
C LEU A 54 5.48 -6.82 -6.40
N SER A 55 4.34 -7.08 -5.77
CA SER A 55 3.52 -8.23 -6.13
C SER A 55 2.28 -7.82 -6.90
N ALA A 56 2.14 -8.33 -8.11
CA ALA A 56 0.99 -8.00 -8.96
C ALA A 56 0.07 -9.21 -9.12
N ALA A 57 -1.23 -8.97 -8.99
CA ALA A 57 -2.22 -10.04 -9.12
C ALA A 57 -3.58 -9.47 -9.53
N ASN A 58 -4.29 -10.23 -10.36
CA ASN A 58 -5.61 -9.82 -10.83
C ASN A 58 -6.69 -10.75 -10.33
N SER A 59 -7.46 -10.28 -9.34
CA SER A 59 -8.54 -11.08 -8.77
C SER A 59 -8.01 -12.44 -8.29
N GLU A 60 -6.76 -12.46 -7.87
CA GLU A 60 -6.14 -13.69 -7.39
C GLU A 60 -5.75 -13.57 -5.92
N ASP A 61 -5.46 -12.35 -5.49
CA ASP A 61 -5.07 -12.10 -4.11
C ASP A 61 -6.29 -11.81 -3.24
N GLU A 62 -6.65 -12.76 -2.38
CA GLU A 62 -7.80 -12.61 -1.50
C GLU A 62 -7.57 -13.35 -0.18
N GLY A 63 -6.30 -13.58 0.16
CA GLY A 63 -5.98 -14.27 1.39
C GLY A 63 -6.33 -13.46 2.63
N GLN A 64 -5.33 -12.77 3.17
CA GLN A 64 -5.55 -11.95 4.37
C GLN A 64 -4.97 -10.56 4.18
N ILE A 65 -5.81 -9.55 4.38
CA ILE A 65 -5.38 -8.16 4.23
C ILE A 65 -6.01 -7.28 5.29
N ARG A 66 -5.26 -6.28 5.75
CA ARG A 66 -5.74 -5.36 6.78
C ARG A 66 -5.45 -3.91 6.38
N TYR A 67 -6.43 -3.04 6.56
CA TYR A 67 -6.29 -1.63 6.22
C TYR A 67 -5.37 -0.93 7.23
N PHE A 68 -4.34 -0.27 6.72
CA PHE A 68 -3.40 0.45 7.57
C PHE A 68 -3.49 1.96 7.34
N LEU A 69 -3.34 2.72 8.41
CA LEU A 69 -3.41 4.18 8.33
C LEU A 69 -3.19 4.81 9.70
N PRO A 70 -4.07 4.49 10.65
CA PRO A 70 -4.00 5.02 12.01
C PRO A 70 -2.82 4.45 12.79
N ASP A 71 -2.22 3.40 12.25
CA ASP A 71 -1.07 2.76 12.89
C ASP A 71 -1.39 2.42 14.34
N ARG A 72 -2.64 2.07 14.60
CA ARG A 72 -3.07 1.72 15.95
C ARG A 72 -3.89 0.44 15.94
N ASP A 73 -3.66 -0.41 14.94
CA ASP A 73 -4.37 -1.67 14.82
C ASP A 73 -3.58 -2.81 15.43
N GLU A 74 -2.85 -2.51 16.50
CA GLU A 74 -2.03 -3.50 17.19
C GLU A 74 -1.01 -4.11 16.24
N GLY A 75 -0.36 -3.25 15.45
CA GLY A 75 0.64 -3.73 14.51
C GLY A 75 1.78 -2.74 14.34
N MET A 76 1.46 -1.45 14.35
CA MET A 76 2.47 -0.41 14.20
C MET A 76 3.62 -0.61 15.19
N MET A 77 3.30 -1.21 16.33
CA MET A 77 4.30 -1.47 17.36
C MET A 77 5.42 -2.36 16.83
N GLU A 78 5.03 -3.37 16.04
CA GLU A 78 5.99 -4.30 15.48
C GLU A 78 6.48 -3.81 14.11
N GLU A 79 5.70 -2.94 13.48
CA GLU A 79 6.04 -2.40 12.18
C GLU A 79 6.61 -0.99 12.31
N GLY A 80 7.08 -0.66 13.51
CA GLY A 80 7.64 0.66 13.75
C GLY A 80 8.51 0.71 14.99
N LYS A 81 8.07 0.01 16.03
CA LYS A 81 8.81 -0.03 17.29
C LYS A 81 9.63 -1.30 17.40
N LEU A 82 9.88 -1.94 16.27
CA LEU A 82 10.66 -3.17 16.24
C LEU A 82 11.81 -3.07 15.24
N ASP A 83 11.46 -2.82 13.98
CA ASP A 83 12.46 -2.71 12.93
C ASP A 83 12.45 -1.30 12.32
N ALA A 84 13.61 -0.65 12.34
CA ALA A 84 13.73 0.70 11.79
C ALA A 84 13.27 0.74 10.34
N SER A 85 13.37 -0.39 9.65
CA SER A 85 12.97 -0.47 8.25
C SER A 85 11.47 -0.28 8.11
N CYS A 86 10.71 -0.88 9.02
CA CYS A 86 9.25 -0.78 8.99
C CYS A 86 8.80 0.63 9.34
N ALA A 87 9.43 1.22 10.37
CA ALA A 87 9.09 2.56 10.80
C ALA A 87 9.38 3.58 9.71
N VAL A 88 10.51 3.41 9.03
CA VAL A 88 10.90 4.32 7.96
C VAL A 88 9.99 4.15 6.74
N ALA A 89 9.66 2.91 6.42
CA ALA A 89 8.79 2.62 5.28
C ALA A 89 7.42 3.25 5.47
N ILE A 90 6.85 3.09 6.66
CA ILE A 90 5.54 3.64 6.96
C ILE A 90 5.58 5.17 6.99
N GLU A 91 6.56 5.71 7.70
CA GLU A 91 6.71 7.16 7.81
C GLU A 91 6.84 7.80 6.44
N GLU A 92 7.53 7.11 5.53
CA GLU A 92 7.72 7.62 4.18
C GLU A 92 6.42 7.54 3.37
N ALA A 93 5.74 6.40 3.47
CA ALA A 93 4.49 6.19 2.76
C ALA A 93 3.47 7.28 3.11
N ILE A 94 3.38 7.59 4.39
CA ILE A 94 2.44 8.61 4.86
C ILE A 94 2.95 10.01 4.53
N GLN A 95 4.26 10.19 4.58
CA GLN A 95 4.87 11.48 4.28
C GLN A 95 4.63 11.87 2.83
N LEU A 96 4.54 10.87 1.96
CA LEU A 96 4.31 11.12 0.53
C LEU A 96 2.82 11.21 0.24
N TYR A 97 2.04 10.33 0.84
CA TYR A 97 0.60 10.32 0.63
C TYR A 97 -0.02 11.65 1.06
N GLU A 98 0.44 12.18 2.19
CA GLU A 98 -0.07 13.45 2.69
C GLU A 98 0.67 14.62 2.07
N GLU A 99 1.55 14.32 1.12
CA GLU A 99 2.32 15.36 0.45
C GLU A 99 1.89 15.51 -1.01
N GLN A 100 1.26 14.46 -1.55
CA GLN A 100 0.79 14.46 -2.93
C GLN A 100 -0.72 14.57 -2.98
N LEU A 101 -1.39 14.02 -1.97
CA LEU A 101 -2.85 14.05 -1.90
C LEU A 101 -3.35 15.43 -1.47
N LYS A 102 -2.55 16.11 -0.65
CA LYS A 102 -2.90 17.44 -0.18
C LYS A 102 -2.73 18.49 -1.28
N ALA A 103 -1.68 18.31 -2.07
CA ALA A 103 -1.40 19.25 -3.16
C ALA A 103 -2.58 19.34 -4.12
N GLN A 104 -3.32 18.24 -4.26
CA GLN A 104 -4.47 18.21 -5.15
C GLN A 104 -5.76 18.42 -4.37
N ALA A 105 -5.65 19.00 -3.18
CA ALA A 105 -6.80 19.26 -2.33
C ALA A 105 -6.95 20.75 -2.06
N GLY A 106 -6.41 21.57 -2.95
CA GLY A 106 -6.50 23.01 -2.78
C GLY A 106 -5.15 23.65 -2.52
N GLY A 107 -4.26 22.90 -1.88
CA GLY A 107 -2.93 23.41 -1.58
C GLY A 107 -2.82 23.95 -0.17
N THR A 108 -3.37 23.20 0.79
CA THR A 108 -3.34 23.60 2.19
C THR A 108 -4.18 24.86 2.42
N ASN A 109 -5.48 24.74 2.18
CA ASN A 109 -6.39 25.87 2.36
C ASN A 109 -5.93 27.08 1.54
N GLU A 110 -5.30 26.80 0.40
CA GLU A 110 -4.81 27.87 -0.48
C GLU A 110 -4.28 27.29 -1.78
#